data_1OX3
# 
_entry.id   1OX3 
# 
_audit_conform.dict_name       mmcif_pdbx.dic 
_audit_conform.dict_version    5.376 
_audit_conform.dict_location   http://mmcif.pdb.org/dictionaries/ascii/mmcif_pdbx.dic 
# 
loop_
_database_2.database_id 
_database_2.database_code 
_database_2.pdbx_database_accession 
_database_2.pdbx_DOI 
PDB   1OX3         pdb_00001ox3 10.2210/pdb1ox3/pdb 
RCSB  RCSB018760   ?            ?                   
WWPDB D_1000018760 ?            ?                   
# 
_pdbx_database_status.status_code                     REL 
_pdbx_database_status.entry_id                        1OX3 
_pdbx_database_status.recvd_initial_deposition_date   2003-04-01 
_pdbx_database_status.deposit_site                    RCSB 
_pdbx_database_status.process_site                    RCSB 
_pdbx_database_status.status_code_sf                  REL 
_pdbx_database_status.SG_entry                        . 
_pdbx_database_status.pdb_format_compatible           Y 
_pdbx_database_status.status_code_mr                  ? 
_pdbx_database_status.status_code_cs                  ? 
_pdbx_database_status.methods_development_category    ? 
_pdbx_database_status.status_code_nmr_data            ? 
# 
loop_
_audit_author.name 
_audit_author.pdbx_ordinal 
'Boudko, S.P.'  1 
'Stetefeld, J.' 2 
# 
_citation.id                        primary 
_citation.title                     'Design and Crystal Structure of Bacteriophage T4 Mini-Fibritin NCCF.' 
_citation.journal_abbrev            J.Mol.Biol. 
_citation.journal_volume            339 
_citation.page_first                927 
_citation.page_last                 935 
_citation.year                      2004 
_citation.journal_id_ASTM           JMOBAK 
_citation.country                   UK 
_citation.journal_id_ISSN           0022-2836 
_citation.journal_id_CSD            0070 
_citation.book_publisher            ? 
_citation.pdbx_database_id_PubMed   15165860 
_citation.pdbx_database_id_DOI      10.1016/j.jmb.2004.04.001 
# 
loop_
_citation_author.citation_id 
_citation_author.name 
_citation_author.ordinal 
_citation_author.identifier_ORCID 
primary 'Boudko, S.P.'   1 ? 
primary 'Strelkov, S.V.' 2 ? 
primary 'Engel, J.'      3 ? 
primary 'Stetefeld, J.'  4 ? 
# 
_cell.entry_id           1OX3 
_cell.length_a           54.615 
_cell.length_b           54.615 
_cell.length_c           107.848 
_cell.angle_alpha        90.00 
_cell.angle_beta         90.00 
_cell.angle_gamma        120.00 
_cell.Z_PDB              6 
_cell.pdbx_unique_axis   ? 
# 
_symmetry.entry_id                         1OX3 
_symmetry.space_group_name_H-M             'P 63' 
_symmetry.pdbx_full_space_group_name_H-M   ? 
_symmetry.cell_setting                     ? 
_symmetry.Int_Tables_number                173 
# 
loop_
_entity.id 
_entity.type 
_entity.src_method 
_entity.pdbx_description 
_entity.formula_weight 
_entity.pdbx_number_of_molecules 
_entity.pdbx_ec 
_entity.pdbx_mutation 
_entity.pdbx_fragment 
_entity.details 
1 polymer man Fibritin 11914.265 1  ? ? 'UNP residues 2-81 and 456-484' ? 
2 water   nat water    18.015    74 ? ? ?                               ? 
# 
_entity_name_com.entity_id   1 
_entity_name_com.name        'Collar protein,Whisker antigen control protein,Collar protein,Whisker antigen control protein' 
# 
_entity_poly.entity_id                      1 
_entity_poly.type                           'polypeptide(L)' 
_entity_poly.nstd_linkage                   no 
_entity_poly.nstd_monomer                   no 
_entity_poly.pdbx_seq_one_letter_code       
;ADIVLNDLPFVDGPPAEGQSRISWIKNGEEILGADTQYGSEGSMNRPTVSVLRNVEVLDKNIGILKTSLETANSDIKTIQ
EAGYIPEAPRDGQAYVRKDGEWVLLSTFL
;
_entity_poly.pdbx_seq_one_letter_code_can   
;ADIVLNDLPFVDGPPAEGQSRISWIKNGEEILGADTQYGSEGSMNRPTVSVLRNVEVLDKNIGILKTSLETANSDIKTIQ
EAGYIPEAPRDGQAYVRKDGEWVLLSTFL
;
_entity_poly.pdbx_strand_id                 A 
_entity_poly.pdbx_target_identifier         ? 
# 
loop_
_entity_poly_seq.entity_id 
_entity_poly_seq.num 
_entity_poly_seq.mon_id 
_entity_poly_seq.hetero 
1 1   ALA n 
1 2   ASP n 
1 3   ILE n 
1 4   VAL n 
1 5   LEU n 
1 6   ASN n 
1 7   ASP n 
1 8   LEU n 
1 9   PRO n 
1 10  PHE n 
1 11  VAL n 
1 12  ASP n 
1 13  GLY n 
1 14  PRO n 
1 15  PRO n 
1 16  ALA n 
1 17  GLU n 
1 18  GLY n 
1 19  GLN n 
1 20  SER n 
1 21  ARG n 
1 22  ILE n 
1 23  SER n 
1 24  TRP n 
1 25  ILE n 
1 26  LYS n 
1 27  ASN n 
1 28  GLY n 
1 29  GLU n 
1 30  GLU n 
1 31  ILE n 
1 32  LEU n 
1 33  GLY n 
1 34  ALA n 
1 35  ASP n 
1 36  THR n 
1 37  GLN n 
1 38  TYR n 
1 39  GLY n 
1 40  SER n 
1 41  GLU n 
1 42  GLY n 
1 43  SER n 
1 44  MET n 
1 45  ASN n 
1 46  ARG n 
1 47  PRO n 
1 48  THR n 
1 49  VAL n 
1 50  SER n 
1 51  VAL n 
1 52  LEU n 
1 53  ARG n 
1 54  ASN n 
1 55  VAL n 
1 56  GLU n 
1 57  VAL n 
1 58  LEU n 
1 59  ASP n 
1 60  LYS n 
1 61  ASN n 
1 62  ILE n 
1 63  GLY n 
1 64  ILE n 
1 65  LEU n 
1 66  LYS n 
1 67  THR n 
1 68  SER n 
1 69  LEU n 
1 70  GLU n 
1 71  THR n 
1 72  ALA n 
1 73  ASN n 
1 74  SER n 
1 75  ASP n 
1 76  ILE n 
1 77  LYS n 
1 78  THR n 
1 79  ILE n 
1 80  GLN n 
1 81  GLU n 
1 82  ALA n 
1 83  GLY n 
1 84  TYR n 
1 85  ILE n 
1 86  PRO n 
1 87  GLU n 
1 88  ALA n 
1 89  PRO n 
1 90  ARG n 
1 91  ASP n 
1 92  GLY n 
1 93  GLN n 
1 94  ALA n 
1 95  TYR n 
1 96  VAL n 
1 97  ARG n 
1 98  LYS n 
1 99  ASP n 
1 100 GLY n 
1 101 GLU n 
1 102 TRP n 
1 103 VAL n 
1 104 LEU n 
1 105 LEU n 
1 106 SER n 
1 107 THR n 
1 108 PHE n 
1 109 LEU n 
# 
loop_
_entity_src_gen.entity_id 
_entity_src_gen.pdbx_src_id 
_entity_src_gen.pdbx_alt_source_flag 
_entity_src_gen.pdbx_seq_type 
_entity_src_gen.pdbx_beg_seq_num 
_entity_src_gen.pdbx_end_seq_num 
_entity_src_gen.gene_src_common_name 
_entity_src_gen.gene_src_genus 
_entity_src_gen.pdbx_gene_src_gene 
_entity_src_gen.gene_src_species 
_entity_src_gen.gene_src_strain 
_entity_src_gen.gene_src_tissue 
_entity_src_gen.gene_src_tissue_fraction 
_entity_src_gen.gene_src_details 
_entity_src_gen.pdbx_gene_src_fragment 
_entity_src_gen.pdbx_gene_src_scientific_name 
_entity_src_gen.pdbx_gene_src_ncbi_taxonomy_id 
_entity_src_gen.pdbx_gene_src_variant 
_entity_src_gen.pdbx_gene_src_cell_line 
_entity_src_gen.pdbx_gene_src_atcc 
_entity_src_gen.pdbx_gene_src_organ 
_entity_src_gen.pdbx_gene_src_organelle 
_entity_src_gen.pdbx_gene_src_cell 
_entity_src_gen.pdbx_gene_src_cellular_location 
_entity_src_gen.host_org_common_name 
_entity_src_gen.pdbx_host_org_scientific_name 
_entity_src_gen.pdbx_host_org_ncbi_taxonomy_id 
_entity_src_gen.host_org_genus 
_entity_src_gen.pdbx_host_org_gene 
_entity_src_gen.pdbx_host_org_organ 
_entity_src_gen.host_org_species 
_entity_src_gen.pdbx_host_org_tissue 
_entity_src_gen.pdbx_host_org_tissue_fraction 
_entity_src_gen.pdbx_host_org_strain 
_entity_src_gen.pdbx_host_org_variant 
_entity_src_gen.pdbx_host_org_cell_line 
_entity_src_gen.pdbx_host_org_atcc 
_entity_src_gen.pdbx_host_org_culture_collection 
_entity_src_gen.pdbx_host_org_cell 
_entity_src_gen.pdbx_host_org_organelle 
_entity_src_gen.pdbx_host_org_cellular_location 
_entity_src_gen.pdbx_host_org_vector_type 
_entity_src_gen.pdbx_host_org_vector 
_entity_src_gen.host_org_details 
_entity_src_gen.expression_system_id 
_entity_src_gen.plasmid_name 
_entity_src_gen.plasmid_details 
_entity_src_gen.pdbx_description 
1 1 sample 'Biological sequence' 1  80  ? 'T4-like viruses' wac 'Enterobacteria phage T4 sensu lato' ? ? ? ? ? 
'Enterobacteria phage T4' 10665 ? ? ? ? ? ? ? ? 'Escherichia coli BL21(DE3)' 469008 Escherichia ? ? 'Escherichia coli' ? ? 
'BL21(DE3)' ? ? ? ? ? ? ? 'pET23d(+)' ? ? ? pNCCF ? ? 
1 2 sample ?                     81 109 ? 'T4-like viruses' wac 'Enterobacteria phage T4 sensu lato' ? ? ? ? ? 
'Enterobacteria phage T4' 10665 ? ? ? ? ? ? ? ? 'Escherichia coli BL21(DE3)' 469008 Escherichia ? ? 'Escherichia coli' ? ? 
'BL21(DE3)' ? ? ? ? ? ? ? 'pET23d(+)' ? ? ? pNCCF ? ? 
# 
loop_
_struct_ref.id 
_struct_ref.db_name 
_struct_ref.db_code 
_struct_ref.pdbx_db_accession 
_struct_ref.pdbx_db_isoform 
_struct_ref.entity_id 
_struct_ref.pdbx_seq_one_letter_code 
_struct_ref.pdbx_align_begin 
1 UNP WAC_BPT4 P10104 ? 1 
;TDIVLNDLPFVDGPPAEGQSRISWIKNGEEILGADTQYGSEGSMNRPTVSVLRNVEVLDKNIGILKTSLETANSDIKTIQ

;
2   
2 UNP WAC_BPT4 P10104 ? 1 EAGYIPEAPRDGQAYVRKDGEWVFLSTFL                                                       456 
# 
loop_
_struct_ref_seq.align_id 
_struct_ref_seq.ref_id 
_struct_ref_seq.pdbx_PDB_id_code 
_struct_ref_seq.pdbx_strand_id 
_struct_ref_seq.seq_align_beg 
_struct_ref_seq.pdbx_seq_align_beg_ins_code 
_struct_ref_seq.seq_align_end 
_struct_ref_seq.pdbx_seq_align_end_ins_code 
_struct_ref_seq.pdbx_db_accession 
_struct_ref_seq.db_align_beg 
_struct_ref_seq.pdbx_db_align_beg_ins_code 
_struct_ref_seq.db_align_end 
_struct_ref_seq.pdbx_db_align_end_ins_code 
_struct_ref_seq.pdbx_auth_seq_align_beg 
_struct_ref_seq.pdbx_auth_seq_align_end 
1 1 1OX3 A 1  ? 80  ? P10104 2   ? 81  ? 1  80  
2 2 1OX3 A 81 ? 109 ? P10104 456 ? 484 ? 81 109 
# 
loop_
_struct_ref_seq_dif.align_id 
_struct_ref_seq_dif.pdbx_pdb_id_code 
_struct_ref_seq_dif.mon_id 
_struct_ref_seq_dif.pdbx_pdb_strand_id 
_struct_ref_seq_dif.seq_num 
_struct_ref_seq_dif.pdbx_pdb_ins_code 
_struct_ref_seq_dif.pdbx_seq_db_name 
_struct_ref_seq_dif.pdbx_seq_db_accession_code 
_struct_ref_seq_dif.db_mon_id 
_struct_ref_seq_dif.pdbx_seq_db_seq_num 
_struct_ref_seq_dif.details 
_struct_ref_seq_dif.pdbx_auth_seq_num 
_struct_ref_seq_dif.pdbx_ordinal 
1 1OX3 ALA A 1   ? UNP P10104 THR 2   conflict              1   1 
2 1OX3 LEU A 104 ? UNP P10104 PHE 479 'engineered mutation' 104 2 
# 
loop_
_chem_comp.id 
_chem_comp.type 
_chem_comp.mon_nstd_flag 
_chem_comp.name 
_chem_comp.pdbx_synonyms 
_chem_comp.formula 
_chem_comp.formula_weight 
ALA 'L-peptide linking' y ALANINE         ? 'C3 H7 N O2'     89.093  
ARG 'L-peptide linking' y ARGININE        ? 'C6 H15 N4 O2 1' 175.209 
ASN 'L-peptide linking' y ASPARAGINE      ? 'C4 H8 N2 O3'    132.118 
ASP 'L-peptide linking' y 'ASPARTIC ACID' ? 'C4 H7 N O4'     133.103 
GLN 'L-peptide linking' y GLUTAMINE       ? 'C5 H10 N2 O3'   146.144 
GLU 'L-peptide linking' y 'GLUTAMIC ACID' ? 'C5 H9 N O4'     147.129 
GLY 'peptide linking'   y GLYCINE         ? 'C2 H5 N O2'     75.067  
HOH non-polymer         . WATER           ? 'H2 O'           18.015  
ILE 'L-peptide linking' y ISOLEUCINE      ? 'C6 H13 N O2'    131.173 
LEU 'L-peptide linking' y LEUCINE         ? 'C6 H13 N O2'    131.173 
LYS 'L-peptide linking' y LYSINE          ? 'C6 H15 N2 O2 1' 147.195 
MET 'L-peptide linking' y METHIONINE      ? 'C5 H11 N O2 S'  149.211 
PHE 'L-peptide linking' y PHENYLALANINE   ? 'C9 H11 N O2'    165.189 
PRO 'L-peptide linking' y PROLINE         ? 'C5 H9 N O2'     115.130 
SER 'L-peptide linking' y SERINE          ? 'C3 H7 N O3'     105.093 
THR 'L-peptide linking' y THREONINE       ? 'C4 H9 N O3'     119.119 
TRP 'L-peptide linking' y TRYPTOPHAN      ? 'C11 H12 N2 O2'  204.225 
TYR 'L-peptide linking' y TYROSINE        ? 'C9 H11 N O3'    181.189 
VAL 'L-peptide linking' y VALINE          ? 'C5 H11 N O2'    117.146 
# 
_exptl.entry_id          1OX3 
_exptl.method            'X-RAY DIFFRACTION' 
_exptl.crystals_number   1 
# 
_exptl_crystal.id                    1 
_exptl_crystal.density_meas          ? 
_exptl_crystal.density_Matthews      3.66 
_exptl_crystal.density_percent_sol   66.10 
_exptl_crystal.description           ? 
# 
_exptl_crystal_grow.crystal_id      1 
_exptl_crystal_grow.method          'VAPOR DIFFUSION, HANGING DROP' 
_exptl_crystal_grow.temp            303 
_exptl_crystal_grow.temp_details    ? 
_exptl_crystal_grow.pH              7 
_exptl_crystal_grow.pdbx_details    'PEG 6000, pH 7, VAPOR DIFFUSION, HANGING DROP, temperature 303K' 
_exptl_crystal_grow.pdbx_pH_range   . 
# 
_diffrn.id                     1 
_diffrn.ambient_temp           277.189 
_diffrn.ambient_temp_details   ? 
_diffrn.crystal_id             1 
# 
_diffrn_detector.diffrn_id              1 
_diffrn_detector.detector               'IMAGE PLATE' 
_diffrn_detector.type                   MACSCIENCE 
_diffrn_detector.pdbx_collection_date   ? 
_diffrn_detector.details                ? 
# 
_diffrn_radiation.diffrn_id                        1 
_diffrn_radiation.wavelength_id                    1 
_diffrn_radiation.pdbx_monochromatic_or_laue_m_l   M 
_diffrn_radiation.monochromator                    graphite 
_diffrn_radiation.pdbx_diffrn_protocol             'SINGLE WAVELENGTH' 
_diffrn_radiation.pdbx_scattering_type             x-ray 
# 
_diffrn_radiation_wavelength.id           1 
_diffrn_radiation_wavelength.wavelength   1.5418 
_diffrn_radiation_wavelength.wt           1.0 
# 
_diffrn_source.diffrn_id                   1 
_diffrn_source.source                      'ROTATING ANODE' 
_diffrn_source.type                        'ELLIOTT GX-20' 
_diffrn_source.pdbx_synchrotron_site       ? 
_diffrn_source.pdbx_synchrotron_beamline   ? 
_diffrn_source.pdbx_wavelength             ? 
_diffrn_source.pdbx_wavelength_list        1.5418 
# 
_reflns.entry_id                     1OX3 
_reflns.observed_criterion_sigma_I   2.0 
_reflns.observed_criterion_sigma_F   2.0 
_reflns.d_resolution_low             24.4 
_reflns.d_resolution_high            2.0 
_reflns.number_obs                   12329 
_reflns.number_all                   12329 
_reflns.percent_possible_obs         99.7 
_reflns.pdbx_Rmerge_I_obs            ? 
_reflns.pdbx_Rsym_value              0.084 
_reflns.pdbx_netI_over_sigmaI        5.8 
_reflns.B_iso_Wilson_estimate        19.6 
_reflns.pdbx_redundancy              6.4 
_reflns.R_free_details               ? 
_reflns.limit_h_max                  ? 
_reflns.limit_h_min                  ? 
_reflns.limit_k_max                  ? 
_reflns.limit_k_min                  ? 
_reflns.limit_l_max                  ? 
_reflns.limit_l_min                  ? 
_reflns.observed_criterion_F_max     ? 
_reflns.observed_criterion_F_min     ? 
_reflns.pdbx_ordinal                 1 
_reflns.pdbx_diffrn_id               1 
# 
_refine.entry_id                                 1OX3 
_refine.ls_number_reflns_obs                     12329 
_refine.ls_number_reflns_all                     12329 
_refine.pdbx_ls_sigma_I                          ? 
_refine.pdbx_ls_sigma_F                          0.0 
_refine.pdbx_data_cutoff_high_absF               ? 
_refine.pdbx_data_cutoff_low_absF                ? 
_refine.pdbx_data_cutoff_high_rms_absF           1797080.95 
_refine.ls_d_res_low                             24.36 
_refine.ls_d_res_high                            2.00 
_refine.ls_percent_reflns_obs                    99.7 
_refine.ls_R_factor_obs                          0.209 
_refine.ls_R_factor_all                          0.216 
_refine.ls_R_factor_R_work                       0.209 
_refine.ls_R_factor_R_free                       0.221 
_refine.ls_R_factor_R_free_error                 0.006 
_refine.ls_R_factor_R_free_error_details         ? 
_refine.ls_percent_reflns_R_free                 10.3 
_refine.ls_number_reflns_R_free                  1268 
_refine.ls_number_parameters                     ? 
_refine.ls_number_restraints                     ? 
_refine.occupancy_min                            ? 
_refine.occupancy_max                            ? 
_refine.correlation_coeff_Fo_to_Fc               ? 
_refine.correlation_coeff_Fo_to_Fc_free          ? 
_refine.B_iso_mean                               24.6 
_refine.aniso_B[1][1]                            1.86 
_refine.aniso_B[2][2]                            1.86 
_refine.aniso_B[3][3]                            -3.72 
_refine.aniso_B[1][2]                            1.83 
_refine.aniso_B[1][3]                            0.00 
_refine.aniso_B[2][3]                            0.00 
_refine.solvent_model_details                    'FLAT MODEL' 
_refine.solvent_model_param_ksol                 0.315274 
_refine.solvent_model_param_bsol                 49.6807 
_refine.pdbx_solvent_vdw_probe_radii             ? 
_refine.pdbx_solvent_ion_probe_radii             ? 
_refine.pdbx_solvent_shrinkage_radii             ? 
_refine.pdbx_ls_cross_valid_method               THROUGHOUT 
_refine.details                                  ? 
_refine.pdbx_starting_model                      1aa0.pdb 
_refine.pdbx_method_to_determine_struct          'MOLECULAR REPLACEMENT' 
_refine.pdbx_isotropic_thermal_model             RESTRAINED 
_refine.pdbx_stereochemistry_target_values       'Engh & Huber' 
_refine.pdbx_stereochem_target_val_spec_case     ? 
_refine.pdbx_R_Free_selection_details            RANDOM 
_refine.pdbx_overall_ESU_R                       ? 
_refine.pdbx_overall_ESU_R_Free                  ? 
_refine.overall_SU_ML                            ? 
_refine.overall_SU_B                             ? 
_refine.ls_redundancy_reflns_obs                 ? 
_refine.B_iso_min                                ? 
_refine.B_iso_max                                ? 
_refine.overall_SU_R_Cruickshank_DPI             ? 
_refine.overall_SU_R_free                        ? 
_refine.pdbx_refine_id                           'X-RAY DIFFRACTION' 
_refine.pdbx_diffrn_id                           1 
_refine.pdbx_TLS_residual_ADP_flag               ? 
_refine.pdbx_overall_phase_error                 ? 
_refine.pdbx_overall_SU_R_free_Cruickshank_DPI   ? 
_refine.pdbx_overall_SU_R_Blow_DPI               ? 
_refine.pdbx_overall_SU_R_free_Blow_DPI          ? 
# 
_refine_analyze.entry_id                        1OX3 
_refine_analyze.Luzzati_coordinate_error_obs    0.22 
_refine_analyze.Luzzati_sigma_a_obs             0.06 
_refine_analyze.Luzzati_d_res_low_obs           5.00 
_refine_analyze.Luzzati_coordinate_error_free   0.23 
_refine_analyze.Luzzati_sigma_a_free            0.10 
_refine_analyze.Luzzati_d_res_low_free          ? 
_refine_analyze.number_disordered_residues      ? 
_refine_analyze.occupancy_sum_hydrogen          ? 
_refine_analyze.occupancy_sum_non_hydrogen      ? 
_refine_analyze.pdbx_Luzzati_d_res_high_obs     ? 
_refine_analyze.pdbx_refine_id                  'X-RAY DIFFRACTION' 
# 
_refine_hist.pdbx_refine_id                   'X-RAY DIFFRACTION' 
_refine_hist.cycle_id                         LAST 
_refine_hist.pdbx_number_atoms_protein        833 
_refine_hist.pdbx_number_atoms_nucleic_acid   0 
_refine_hist.pdbx_number_atoms_ligand         0 
_refine_hist.number_atoms_solvent             74 
_refine_hist.number_atoms_total               907 
_refine_hist.d_res_high                       2.00 
_refine_hist.d_res_low                        24.36 
# 
loop_
_refine_ls_restr.type 
_refine_ls_restr.dev_ideal 
_refine_ls_restr.dev_ideal_target 
_refine_ls_restr.weight 
_refine_ls_restr.number 
_refine_ls_restr.pdbx_refine_id 
_refine_ls_restr.pdbx_restraint_function 
c_bond_d           0.009 ?    ? ? 'X-RAY DIFFRACTION' ? 
c_angle_deg        1.3   ?    ? ? 'X-RAY DIFFRACTION' ? 
c_dihedral_angle_d 22.9  ?    ? ? 'X-RAY DIFFRACTION' ? 
c_improper_angle_d 0.92  ?    ? ? 'X-RAY DIFFRACTION' ? 
c_mcbond_it        1.43  1.50 ? ? 'X-RAY DIFFRACTION' ? 
c_mcangle_it       2.11  2.00 ? ? 'X-RAY DIFFRACTION' ? 
c_scbond_it        2.37  2.00 ? ? 'X-RAY DIFFRACTION' ? 
c_scangle_it       3.42  2.50 ? ? 'X-RAY DIFFRACTION' ? 
# 
_refine_ls_shell.pdbx_total_number_of_bins_used   7 
_refine_ls_shell.d_res_high                       2.00 
_refine_ls_shell.d_res_low                        2.11 
_refine_ls_shell.number_reflns_R_work             1581 
_refine_ls_shell.R_factor_R_work                  0.223 
_refine_ls_shell.percent_reflns_obs               99.8 
_refine_ls_shell.R_factor_R_free                  0.242 
_refine_ls_shell.R_factor_R_free_error            0.018 
_refine_ls_shell.percent_reflns_R_free            10.3 
_refine_ls_shell.number_reflns_R_free             182 
_refine_ls_shell.number_reflns_obs                ? 
_refine_ls_shell.redundancy_reflns_obs            ? 
_refine_ls_shell.number_reflns_all                ? 
_refine_ls_shell.pdbx_refine_id                   'X-RAY DIFFRACTION' 
_refine_ls_shell.R_factor_all                     ? 
# 
loop_
_pdbx_xplor_file.serial_no 
_pdbx_xplor_file.param_file 
_pdbx_xplor_file.topol_file 
_pdbx_xplor_file.pdbx_refine_id 
1 PROTEIN_REP.PARAM PROTEIN.TOP 'X-RAY DIFFRACTION' 
2 WATER_REP.PARAM   ?           'X-RAY DIFFRACTION' 
# 
_struct.entry_id                  1OX3 
_struct.title                     'crystal structure of mini-fibritin' 
_struct.pdbx_model_details        ? 
_struct.pdbx_CASP_flag            ? 
_struct.pdbx_model_type_details   ? 
# 
_struct_keywords.entry_id        1OX3 
_struct_keywords.pdbx_keywords   CHAPERONE 
_struct_keywords.text            'foldon, capping motif, CHAPERONE' 
# 
loop_
_struct_asym.id 
_struct_asym.pdbx_blank_PDB_chainid_flag 
_struct_asym.pdbx_modified 
_struct_asym.entity_id 
_struct_asym.details 
A N N 1 ? 
B N N 2 ? 
# 
loop_
_struct_conf.conf_type_id 
_struct_conf.id 
_struct_conf.pdbx_PDB_helix_id 
_struct_conf.beg_label_comp_id 
_struct_conf.beg_label_asym_id 
_struct_conf.beg_label_seq_id 
_struct_conf.pdbx_beg_PDB_ins_code 
_struct_conf.end_label_comp_id 
_struct_conf.end_label_asym_id 
_struct_conf.end_label_seq_id 
_struct_conf.pdbx_end_PDB_ins_code 
_struct_conf.beg_auth_comp_id 
_struct_conf.beg_auth_asym_id 
_struct_conf.beg_auth_seq_id 
_struct_conf.end_auth_comp_id 
_struct_conf.end_auth_asym_id 
_struct_conf.end_auth_seq_id 
_struct_conf.pdbx_PDB_helix_class 
_struct_conf.details 
_struct_conf.pdbx_PDB_helix_length 
HELX_P HELX_P1 1 ASN A 45  ? ALA A 82  ? ASN A 45  ALA A 82  1 ? 38 
HELX_P HELX_P2 2 SER A 106 ? LEU A 109 ? SER A 106 LEU A 109 5 ? 4  
# 
_struct_conf_type.id          HELX_P 
_struct_conf_type.criteria    ? 
_struct_conf_type.reference   ? 
# 
loop_
_struct_sheet.id 
_struct_sheet.type 
_struct_sheet.number_strands 
_struct_sheet.details 
A ? 2 ? 
B ? 2 ? 
# 
loop_
_struct_sheet_order.sheet_id 
_struct_sheet_order.range_id_1 
_struct_sheet_order.range_id_2 
_struct_sheet_order.offset 
_struct_sheet_order.sense 
A 1 2 ? parallel      
B 1 2 ? anti-parallel 
# 
loop_
_struct_sheet_range.sheet_id 
_struct_sheet_range.id 
_struct_sheet_range.beg_label_comp_id 
_struct_sheet_range.beg_label_asym_id 
_struct_sheet_range.beg_label_seq_id 
_struct_sheet_range.pdbx_beg_PDB_ins_code 
_struct_sheet_range.end_label_comp_id 
_struct_sheet_range.end_label_asym_id 
_struct_sheet_range.end_label_seq_id 
_struct_sheet_range.pdbx_end_PDB_ins_code 
_struct_sheet_range.beg_auth_comp_id 
_struct_sheet_range.beg_auth_asym_id 
_struct_sheet_range.beg_auth_seq_id 
_struct_sheet_range.end_auth_comp_id 
_struct_sheet_range.end_auth_asym_id 
_struct_sheet_range.end_auth_seq_id 
A 1 PHE A 10  ? VAL A 11  ? PHE A 10  VAL A 11  
A 2 SER A 20  ? ARG A 21  ? SER A 20  ARG A 21  
B 1 TYR A 95  ? LYS A 98  ? TYR A 95  LYS A 98  
B 2 GLU A 101 ? LEU A 104 ? GLU A 101 LEU A 104 
# 
loop_
_pdbx_struct_sheet_hbond.sheet_id 
_pdbx_struct_sheet_hbond.range_id_1 
_pdbx_struct_sheet_hbond.range_id_2 
_pdbx_struct_sheet_hbond.range_1_label_atom_id 
_pdbx_struct_sheet_hbond.range_1_label_comp_id 
_pdbx_struct_sheet_hbond.range_1_label_asym_id 
_pdbx_struct_sheet_hbond.range_1_label_seq_id 
_pdbx_struct_sheet_hbond.range_1_PDB_ins_code 
_pdbx_struct_sheet_hbond.range_1_auth_atom_id 
_pdbx_struct_sheet_hbond.range_1_auth_comp_id 
_pdbx_struct_sheet_hbond.range_1_auth_asym_id 
_pdbx_struct_sheet_hbond.range_1_auth_seq_id 
_pdbx_struct_sheet_hbond.range_2_label_atom_id 
_pdbx_struct_sheet_hbond.range_2_label_comp_id 
_pdbx_struct_sheet_hbond.range_2_label_asym_id 
_pdbx_struct_sheet_hbond.range_2_label_seq_id 
_pdbx_struct_sheet_hbond.range_2_PDB_ins_code 
_pdbx_struct_sheet_hbond.range_2_auth_atom_id 
_pdbx_struct_sheet_hbond.range_2_auth_comp_id 
_pdbx_struct_sheet_hbond.range_2_auth_asym_id 
_pdbx_struct_sheet_hbond.range_2_auth_seq_id 
A 1 2 N VAL A 11 ? N VAL A 11 O SER A 20  ? O SER A 20  
B 1 2 N VAL A 96 ? N VAL A 96 O VAL A 103 ? O VAL A 103 
# 
_atom_sites.entry_id                    1OX3 
_atom_sites.fract_transf_matrix[1][1]   0.00280406 
_atom_sites.fract_transf_matrix[1][2]   0.00850976 
_atom_sites.fract_transf_matrix[1][3]   0.01915002 
_atom_sites.fract_transf_matrix[2][1]   -0.00032858 
_atom_sites.fract_transf_matrix[2][2]   -0.01230700 
_atom_sites.fract_transf_matrix[2][3]   0.01718761 
_atom_sites.fract_transf_matrix[3][1]   0.00914821 
_atom_sites.fract_transf_matrix[3][2]   -0.00130507 
_atom_sites.fract_transf_matrix[3][3]   -0.00075960 
_atom_sites.fract_transf_vector[1]      0.305403 
_atom_sites.fract_transf_vector[2]      0.715258 
_atom_sites.fract_transf_vector[3]      0.198410 
# 
loop_
_atom_type.symbol 
C 
N 
O 
S 
# 
loop_
_atom_site.group_PDB 
_atom_site.id 
_atom_site.type_symbol 
_atom_site.label_atom_id 
_atom_site.label_alt_id 
_atom_site.label_comp_id 
_atom_site.label_asym_id 
_atom_site.label_entity_id 
_atom_site.label_seq_id 
_atom_site.pdbx_PDB_ins_code 
_atom_site.Cartn_x 
_atom_site.Cartn_y 
_atom_site.Cartn_z 
_atom_site.occupancy 
_atom_site.B_iso_or_equiv 
_atom_site.pdbx_formal_charge 
_atom_site.auth_seq_id 
_atom_site.auth_comp_id 
_atom_site.auth_asym_id 
_atom_site.auth_atom_id 
_atom_site.pdbx_PDB_model_num 
ATOM   1   N N   . ASP A 1 2   ? -7.318  -6.868  6.077   1.00 47.36 ? 2   ASP A N   1 
ATOM   2   C CA  . ASP A 1 2   ? -5.957  -6.484  6.545   1.00 46.92 ? 2   ASP A CA  1 
ATOM   3   C C   . ASP A 1 2   ? -4.956  -6.599  5.383   1.00 44.01 ? 2   ASP A C   1 
ATOM   4   O O   . ASP A 1 2   ? -4.986  -7.563  4.613   1.00 44.78 ? 2   ASP A O   1 
ATOM   5   C CB  . ASP A 1 2   ? -5.547  -7.399  7.698   1.00 50.45 ? 2   ASP A CB  1 
ATOM   6   C CG  . ASP A 1 2   ? -4.427  -6.823  8.530   1.00 53.06 ? 2   ASP A CG  1 
ATOM   7   O OD1 . ASP A 1 2   ? -4.638  -5.739  9.115   1.00 55.19 ? 2   ASP A OD1 1 
ATOM   8   O OD2 . ASP A 1 2   ? -3.344  -7.451  8.602   1.00 54.11 ? 2   ASP A OD2 1 
ATOM   9   N N   . ILE A 1 3   ? -4.072  -5.617  5.251   1.00 39.72 ? 3   ILE A N   1 
ATOM   10  C CA  . ILE A 1 3   ? -3.097  -5.641  4.165   1.00 34.11 ? 3   ILE A CA  1 
ATOM   11  C C   . ILE A 1 3   ? -1.792  -6.301  4.609   1.00 32.08 ? 3   ILE A C   1 
ATOM   12  O O   . ILE A 1 3   ? -1.170  -5.878  5.581   1.00 30.08 ? 3   ILE A O   1 
ATOM   13  C CB  . ILE A 1 3   ? -2.837  -4.200  3.646   1.00 34.16 ? 3   ILE A CB  1 
ATOM   14  C CG1 . ILE A 1 3   ? -4.126  -3.644  3.024   1.00 32.30 ? 3   ILE A CG1 1 
ATOM   15  C CG2 . ILE A 1 3   ? -1.717  -4.200  2.609   1.00 32.13 ? 3   ILE A CG2 1 
ATOM   16  C CD1 . ILE A 1 3   ? -4.151  -2.137  2.905   1.00 32.11 ? 3   ILE A CD1 1 
ATOM   17  N N   . VAL A 1 4   ? -1.381  -7.344  3.888   1.00 29.14 ? 4   VAL A N   1 
ATOM   18  C CA  . VAL A 1 4   ? -0.158  -8.061  4.223   1.00 28.51 ? 4   VAL A CA  1 
ATOM   19  C C   . VAL A 1 4   ? 1.002   -7.695  3.301   1.00 26.03 ? 4   VAL A C   1 
ATOM   20  O O   . VAL A 1 4   ? 0.959   -7.932  2.100   1.00 26.09 ? 4   VAL A O   1 
ATOM   21  C CB  . VAL A 1 4   ? -0.388  -9.599  4.186   1.00 29.60 ? 4   VAL A CB  1 
ATOM   22  C CG1 . VAL A 1 4   ? 0.901   -10.341 4.556   1.00 31.04 ? 4   VAL A CG1 1 
ATOM   23  C CG2 . VAL A 1 4   ? -1.507  -9.976  5.169   1.00 30.31 ? 4   VAL A CG2 1 
ATOM   24  N N   . LEU A 1 5   ? 2.038   -7.109  3.880   1.00 24.56 ? 5   LEU A N   1 
ATOM   25  C CA  . LEU A 1 5   ? 3.220   -6.698  3.118   1.00 24.61 ? 5   LEU A CA  1 
ATOM   26  C C   . LEU A 1 5   ? 4.398   -7.640  3.395   1.00 23.63 ? 5   LEU A C   1 
ATOM   27  O O   . LEU A 1 5   ? 4.381   -8.378  4.370   1.00 24.70 ? 5   LEU A O   1 
ATOM   28  C CB  . LEU A 1 5   ? 3.606   -5.268  3.506   1.00 22.93 ? 5   LEU A CB  1 
ATOM   29  C CG  . LEU A 1 5   ? 2.562   -4.182  3.230   1.00 23.43 ? 5   LEU A CG  1 
ATOM   30  C CD1 . LEU A 1 5   ? 3.160   -2.817  3.542   1.00 25.13 ? 5   LEU A CD1 1 
ATOM   31  C CD2 . LEU A 1 5   ? 2.113   -4.247  1.782   1.00 20.45 ? 5   LEU A CD2 1 
ATOM   32  N N   . ASN A 1 6   ? 5.410   -7.612  2.538   1.00 22.57 ? 6   ASN A N   1 
ATOM   33  C CA  . ASN A 1 6   ? 6.585   -8.460  2.720   1.00 23.35 ? 6   ASN A CA  1 
ATOM   34  C C   . ASN A 1 6   ? 7.569   -7.768  3.650   1.00 22.23 ? 6   ASN A C   1 
ATOM   35  O O   . ASN A 1 6   ? 7.697   -6.543  3.611   1.00 19.92 ? 6   ASN A O   1 
ATOM   36  C CB  . ASN A 1 6   ? 7.266   -8.719  1.372   1.00 24.54 ? 6   ASN A CB  1 
ATOM   37  C CG  . ASN A 1 6   ? 6.347   -9.421  0.375   1.00 30.34 ? 6   ASN A CG  1 
ATOM   38  O OD1 . ASN A 1 6   ? 6.045   -10.597 0.528   1.00 30.19 ? 6   ASN A OD1 1 
ATOM   39  N ND2 . ASN A 1 6   ? 5.880   -8.687  -0.640  1.00 31.23 ? 6   ASN A ND2 1 
ATOM   40  N N   . ASP A 1 7   ? 8.242   -8.540  4.499   1.00 20.30 ? 7   ASP A N   1 
ATOM   41  C CA  . ASP A 1 7   ? 9.263   -7.980  5.391   1.00 22.18 ? 7   ASP A CA  1 
ATOM   42  C C   . ASP A 1 7   ? 10.516  -7.819  4.523   1.00 19.03 ? 7   ASP A C   1 
ATOM   43  O O   . ASP A 1 7   ? 10.658  -8.534  3.524   1.00 18.43 ? 7   ASP A O   1 
ATOM   44  C CB  . ASP A 1 7   ? 9.625   -8.955  6.534   1.00 24.88 ? 7   ASP A CB  1 
ATOM   45  C CG  . ASP A 1 7   ? 8.468   -9.220  7.478   1.00 29.81 ? 7   ASP A CG  1 
ATOM   46  O OD1 . ASP A 1 7   ? 7.682   -8.290  7.743   1.00 30.94 ? 7   ASP A OD1 1 
ATOM   47  O OD2 . ASP A 1 7   ? 8.369   -10.362 7.976   1.00 32.91 ? 7   ASP A OD2 1 
ATOM   48  N N   . LEU A 1 8   ? 11.410  -6.900  4.887   1.00 18.15 ? 8   LEU A N   1 
ATOM   49  C CA  . LEU A 1 8   ? 12.661  -6.727  4.137   1.00 18.58 ? 8   LEU A CA  1 
ATOM   50  C C   . LEU A 1 8   ? 13.516  -7.966  4.405   1.00 18.15 ? 8   LEU A C   1 
ATOM   51  O O   . LEU A 1 8   ? 13.610  -8.421  5.550   1.00 17.79 ? 8   LEU A O   1 
ATOM   52  C CB  . LEU A 1 8   ? 13.420  -5.480  4.600   1.00 19.50 ? 8   LEU A CB  1 
ATOM   53  C CG  . LEU A 1 8   ? 12.764  -4.143  4.211   1.00 23.34 ? 8   LEU A CG  1 
ATOM   54  C CD1 . LEU A 1 8   ? 13.600  -2.999  4.709   1.00 23.19 ? 8   LEU A CD1 1 
ATOM   55  C CD2 . LEU A 1 8   ? 12.619  -4.069  2.696   1.00 23.69 ? 8   LEU A CD2 1 
ATOM   56  N N   . PRO A 1 9   ? 14.151  -8.526  3.355   1.00 17.86 ? 9   PRO A N   1 
ATOM   57  C CA  . PRO A 1 9   ? 14.987  -9.725  3.533   1.00 16.95 ? 9   PRO A CA  1 
ATOM   58  C C   . PRO A 1 9   ? 16.333  -9.529  4.224   1.00 18.17 ? 9   PRO A C   1 
ATOM   59  O O   . PRO A 1 9   ? 16.874  -10.479 4.807   1.00 16.73 ? 9   PRO A O   1 
ATOM   60  C CB  . PRO A 1 9   ? 15.149  -10.260 2.104   1.00 19.34 ? 9   PRO A CB  1 
ATOM   61  C CG  . PRO A 1 9   ? 15.099  -8.964  1.243   1.00 17.31 ? 9   PRO A CG  1 
ATOM   62  C CD  . PRO A 1 9   ? 13.936  -8.220  1.920   1.00 16.23 ? 9   PRO A CD  1 
ATOM   63  N N   . PHE A 1 10  ? 16.889  -8.320  4.156   1.00 16.21 ? 10  PHE A N   1 
ATOM   64  C CA  . PHE A 1 10  ? 18.192  -8.061  4.772   1.00 15.82 ? 10  PHE A CA  1 
ATOM   65  C C   . PHE A 1 10  ? 18.126  -6.904  5.767   1.00 17.67 ? 10  PHE A C   1 
ATOM   66  O O   . PHE A 1 10  ? 17.541  -5.859  5.474   1.00 17.16 ? 10  PHE A O   1 
ATOM   67  C CB  . PHE A 1 10  ? 19.247  -7.759  3.693   1.00 16.19 ? 10  PHE A CB  1 
ATOM   68  C CG  . PHE A 1 10  ? 19.602  -8.953  2.846   1.00 17.84 ? 10  PHE A CG  1 
ATOM   69  C CD1 . PHE A 1 10  ? 18.873  -9.254  1.703   1.00 19.39 ? 10  PHE A CD1 1 
ATOM   70  C CD2 . PHE A 1 10  ? 20.618  -9.826  3.248   1.00 18.94 ? 10  PHE A CD2 1 
ATOM   71  C CE1 . PHE A 1 10  ? 19.137  -10.422 0.958   1.00 21.13 ? 10  PHE A CE1 1 
ATOM   72  C CE2 . PHE A 1 10  ? 20.895  -10.996 2.523   1.00 22.03 ? 10  PHE A CE2 1 
ATOM   73  C CZ  . PHE A 1 10  ? 20.149  -11.296 1.375   1.00 21.73 ? 10  PHE A CZ  1 
ATOM   74  N N   . VAL A 1 11  ? 18.735  -7.083  6.937   1.00 17.14 ? 11  VAL A N   1 
ATOM   75  C CA  . VAL A 1 11  ? 18.726  -6.043  7.968   1.00 14.91 ? 11  VAL A CA  1 
ATOM   76  C C   . VAL A 1 11  ? 20.133  -5.838  8.505   1.00 16.12 ? 11  VAL A C   1 
ATOM   77  O O   . VAL A 1 11  ? 20.977  -6.735  8.445   1.00 15.56 ? 11  VAL A O   1 
ATOM   78  C CB  . VAL A 1 11  ? 17.774  -6.414  9.154   1.00 19.74 ? 11  VAL A CB  1 
ATOM   79  C CG1 . VAL A 1 11  ? 16.344  -6.447  8.684   1.00 22.03 ? 11  VAL A CG1 1 
ATOM   80  C CG2 . VAL A 1 11  ? 18.139  -7.784  9.738   1.00 18.57 ? 11  VAL A CG2 1 
ATOM   81  N N   . ASP A 1 12  ? 20.391  -4.635  9.012   1.00 15.94 ? 12  ASP A N   1 
ATOM   82  C CA  . ASP A 1 12  ? 21.681  -4.281  9.571   1.00 17.94 ? 12  ASP A CA  1 
ATOM   83  C C   . ASP A 1 12  ? 21.525  -4.388  11.092  1.00 20.77 ? 12  ASP A C   1 
ATOM   84  O O   . ASP A 1 12  ? 21.572  -3.385  11.813  1.00 20.67 ? 12  ASP A O   1 
ATOM   85  C CB  . ASP A 1 12  ? 22.039  -2.840  9.162   1.00 17.65 ? 12  ASP A CB  1 
ATOM   86  C CG  . ASP A 1 12  ? 23.372  -2.384  9.704   1.00 19.96 ? 12  ASP A CG  1 
ATOM   87  O OD1 . ASP A 1 12  ? 24.287  -3.218  9.892   1.00 18.48 ? 12  ASP A OD1 1 
ATOM   88  O OD2 . ASP A 1 12  ? 23.516  -1.167  9.923   1.00 21.38 ? 12  ASP A OD2 1 
ATOM   89  N N   . GLY A 1 13  ? 21.322  -5.614  11.563  1.00 20.76 ? 13  GLY A N   1 
ATOM   90  C CA  . GLY A 1 13  ? 21.153  -5.866  12.987  1.00 19.17 ? 13  GLY A CA  1 
ATOM   91  C C   . GLY A 1 13  ? 20.668  -7.296  13.154  1.00 19.21 ? 13  GLY A C   1 
ATOM   92  O O   . GLY A 1 13  ? 20.640  -8.043  12.163  1.00 17.01 ? 13  GLY A O   1 
ATOM   93  N N   . PRO A 1 14  ? 20.299  -7.716  14.388  1.00 20.04 ? 14  PRO A N   1 
ATOM   94  C CA  . PRO A 1 14  ? 19.809  -9.079  14.655  1.00 19.29 ? 14  PRO A CA  1 
ATOM   95  C C   . PRO A 1 14  ? 18.586  -9.380  13.780  1.00 17.86 ? 14  PRO A C   1 
ATOM   96  O O   . PRO A 1 14  ? 17.606  -8.644  13.800  1.00 17.50 ? 14  PRO A O   1 
ATOM   97  C CB  . PRO A 1 14  ? 19.430  -9.034  16.135  1.00 19.43 ? 14  PRO A CB  1 
ATOM   98  C CG  . PRO A 1 14  ? 20.380  -8.000  16.726  1.00 19.33 ? 14  PRO A CG  1 
ATOM   99  C CD  . PRO A 1 14  ? 20.367  -6.918  15.637  1.00 18.57 ? 14  PRO A CD  1 
ATOM   100 N N   . PRO A 1 15  ? 18.630  -10.459 12.996  1.00 18.84 ? 15  PRO A N   1 
ATOM   101 C CA  . PRO A 1 15  ? 17.444  -10.719 12.171  1.00 19.60 ? 15  PRO A CA  1 
ATOM   102 C C   . PRO A 1 15  ? 16.258  -11.379 12.857  1.00 21.61 ? 15  PRO A C   1 
ATOM   103 O O   . PRO A 1 15  ? 16.403  -12.098 13.861  1.00 20.33 ? 15  PRO A O   1 
ATOM   104 C CB  . PRO A 1 15  ? 17.988  -11.603 11.046  1.00 20.24 ? 15  PRO A CB  1 
ATOM   105 C CG  . PRO A 1 15  ? 19.108  -12.368 11.708  1.00 19.69 ? 15  PRO A CG  1 
ATOM   106 C CD  . PRO A 1 15  ? 19.779  -11.288 12.568  1.00 18.54 ? 15  PRO A CD  1 
ATOM   107 N N   . ALA A 1 16  ? 15.080  -11.136 12.298  1.00 20.41 ? 16  ALA A N   1 
ATOM   108 C CA  . ALA A 1 16  ? 13.876  -11.774 12.785  1.00 21.64 ? 16  ALA A CA  1 
ATOM   109 C C   . ALA A 1 16  ? 13.556  -12.851 11.754  1.00 22.38 ? 16  ALA A C   1 
ATOM   110 O O   . ALA A 1 16  ? 14.299  -13.051 10.796  1.00 21.96 ? 16  ALA A O   1 
ATOM   111 C CB  . ALA A 1 16  ? 12.735  -10.789 12.882  1.00 23.71 ? 16  ALA A CB  1 
ATOM   112 N N   . GLU A 1 17  ? 12.465  -13.564 11.988  1.00 23.76 ? 17  GLU A N   1 
ATOM   113 C CA  . GLU A 1 17  ? 11.990  -14.630 11.110  1.00 23.66 ? 17  GLU A CA  1 
ATOM   114 C C   . GLU A 1 17  ? 12.044  -14.250 9.619   1.00 23.24 ? 17  GLU A C   1 
ATOM   115 O O   . GLU A 1 17  ? 11.523  -13.208 9.234   1.00 22.79 ? 17  GLU A O   1 
ATOM   116 C CB  . GLU A 1 17  ? 10.540  -14.952 11.520  1.00 26.73 ? 17  GLU A CB  1 
ATOM   117 C CG  . GLU A 1 17  ? 9.697   -15.734 10.530  1.00 33.20 ? 17  GLU A CG  1 
ATOM   118 C CD  . GLU A 1 17  ? 8.334   -16.087 11.111  1.00 33.93 ? 17  GLU A CD  1 
ATOM   119 O OE1 . GLU A 1 17  ? 7.557   -15.165 11.437  1.00 35.61 ? 17  GLU A OE1 1 
ATOM   120 O OE2 . GLU A 1 17  ? 8.055   -17.295 11.266  1.00 40.07 ? 17  GLU A OE2 1 
ATOM   121 N N   . GLY A 1 18  ? 12.676  -15.090 8.799   1.00 21.08 ? 18  GLY A N   1 
ATOM   122 C CA  . GLY A 1 18  ? 12.726  -14.837 7.367   1.00 23.60 ? 18  GLY A CA  1 
ATOM   123 C C   . GLY A 1 18  ? 13.722  -13.793 6.878   1.00 23.25 ? 18  GLY A C   1 
ATOM   124 O O   . GLY A 1 18  ? 13.770  -13.497 5.673   1.00 23.39 ? 18  GLY A O   1 
ATOM   125 N N   . GLN A 1 19  ? 14.529  -13.250 7.788   1.00 20.25 ? 19  GLN A N   1 
ATOM   126 C CA  . GLN A 1 19  ? 15.506  -12.228 7.428   1.00 20.26 ? 19  GLN A CA  1 
ATOM   127 C C   . GLN A 1 19  ? 16.919  -12.708 7.654   1.00 21.17 ? 19  GLN A C   1 
ATOM   128 O O   . GLN A 1 19  ? 17.154  -13.650 8.419   1.00 20.83 ? 19  GLN A O   1 
ATOM   129 C CB  . GLN A 1 19  ? 15.300  -10.964 8.262   1.00 20.63 ? 19  GLN A CB  1 
ATOM   130 C CG  . GLN A 1 19  ? 13.951  -10.308 8.110   1.00 20.14 ? 19  GLN A CG  1 
ATOM   131 C CD  . GLN A 1 19  ? 13.822  -9.077  8.973   1.00 20.49 ? 19  GLN A CD  1 
ATOM   132 O OE1 . GLN A 1 19  ? 14.152  -9.118  10.151  1.00 21.48 ? 19  GLN A OE1 1 
ATOM   133 N NE2 . GLN A 1 19  ? 13.335  -7.977  8.400   1.00 16.98 ? 19  GLN A NE2 1 
ATOM   134 N N   . SER A 1 20  ? 17.857  -12.054 6.978   1.00 19.22 ? 20  SER A N   1 
ATOM   135 C CA  . SER A 1 20  ? 19.272  -12.351 7.107   1.00 21.74 ? 20  SER A CA  1 
ATOM   136 C C   . SER A 1 20  ? 19.966  -11.043 7.448   1.00 21.15 ? 20  SER A C   1 
ATOM   137 O O   . SER A 1 20  ? 19.482  -9.966  7.091   1.00 18.82 ? 20  SER A O   1 
ATOM   138 C CB  . SER A 1 20  ? 19.852  -12.894 5.790   1.00 25.38 ? 20  SER A CB  1 
ATOM   139 O OG  . SER A 1 20  ? 19.236  -14.115 5.427   1.00 31.01 ? 20  SER A OG  1 
ATOM   140 N N   . ARG A 1 21  ? 21.092  -11.143 8.146   1.00 19.98 ? 21  ARG A N   1 
ATOM   141 C CA  . ARG A 1 21  ? 21.856  -9.967  8.518   1.00 20.74 ? 21  ARG A CA  1 
ATOM   142 C C   . ARG A 1 21  ? 22.774  -9.612  7.355   1.00 20.25 ? 21  ARG A C   1 
ATOM   143 O O   . ARG A 1 21  ? 23.384  -10.487 6.774   1.00 19.99 ? 21  ARG A O   1 
ATOM   144 C CB  . ARG A 1 21  ? 22.707  -10.253 9.764   1.00 21.99 ? 21  ARG A CB  1 
ATOM   145 C CG  . ARG A 1 21  ? 23.403  -9.018  10.326  1.00 22.80 ? 21  ARG A CG  1 
ATOM   146 C CD  . ARG A 1 21  ? 23.892  -9.259  11.756  1.00 25.40 ? 21  ARG A CD  1 
ATOM   147 N NE  . ARG A 1 21  ? 24.238  -8.002  12.414  1.00 27.40 ? 21  ARG A NE  1 
ATOM   148 C CZ  . ARG A 1 21  ? 24.244  -7.824  13.729  1.00 29.87 ? 21  ARG A CZ  1 
ATOM   149 N NH1 . ARG A 1 21  ? 23.927  -8.830  14.539  1.00 31.96 ? 21  ARG A NH1 1 
ATOM   150 N NH2 . ARG A 1 21  ? 24.539  -6.639  14.234  1.00 32.48 ? 21  ARG A NH2 1 
ATOM   151 N N   . ILE A 1 22  ? 22.859  -8.331  7.007   1.00 18.52 ? 22  ILE A N   1 
ATOM   152 C CA  . ILE A 1 22  ? 23.749  -7.908  5.936   1.00 19.44 ? 22  ILE A CA  1 
ATOM   153 C C   . ILE A 1 22  ? 25.192  -8.124  6.360   1.00 20.05 ? 22  ILE A C   1 
ATOM   154 O O   . ILE A 1 22  ? 25.550  -7.880  7.516   1.00 20.09 ? 22  ILE A O   1 
ATOM   155 C CB  . ILE A 1 22  ? 23.559  -6.411  5.604   1.00 20.43 ? 22  ILE A CB  1 
ATOM   156 C CG1 . ILE A 1 22  ? 22.231  -6.237  4.882   1.00 21.58 ? 22  ILE A CG1 1 
ATOM   157 C CG2 . ILE A 1 22  ? 24.689  -5.906  4.706   1.00 23.12 ? 22  ILE A CG2 1 
ATOM   158 C CD1 . ILE A 1 22  ? 21.709  -4.819  4.916   1.00 21.20 ? 22  ILE A CD1 1 
ATOM   159 N N   . SER A 1 23  ? 26.011  -8.582  5.420   1.00 20.02 ? 23  SER A N   1 
ATOM   160 C CA  . SER A 1 23  ? 27.423  -8.832  5.676   1.00 20.45 ? 23  SER A CA  1 
ATOM   161 C C   . SER A 1 23  ? 28.267  -7.729  5.016   1.00 19.64 ? 23  SER A C   1 
ATOM   162 O O   . SER A 1 23  ? 28.510  -7.763  3.813   1.00 19.89 ? 23  SER A O   1 
ATOM   163 C CB  . SER A 1 23  ? 27.814  -10.198 5.113   1.00 22.57 ? 23  SER A CB  1 
ATOM   164 O OG  . SER A 1 23  ? 29.194  -10.435 5.319   1.00 26.76 ? 23  SER A OG  1 
ATOM   165 N N   . TRP A 1 24  ? 28.678  -6.743  5.806   1.00 17.67 ? 24  TRP A N   1 
ATOM   166 C CA  . TRP A 1 24  ? 29.487  -5.647  5.288   1.00 18.66 ? 24  TRP A CA  1 
ATOM   167 C C   . TRP A 1 24  ? 30.887  -6.127  4.907   1.00 19.78 ? 24  TRP A C   1 
ATOM   168 O O   . TRP A 1 24  ? 31.314  -7.218  5.291   1.00 19.37 ? 24  TRP A O   1 
ATOM   169 C CB  . TRP A 1 24  ? 29.585  -4.525  6.324   1.00 15.53 ? 24  TRP A CB  1 
ATOM   170 C CG  . TRP A 1 24  ? 28.253  -3.982  6.736   1.00 17.78 ? 24  TRP A CG  1 
ATOM   171 C CD1 . TRP A 1 24  ? 27.580  -4.226  7.911   1.00 17.40 ? 24  TRP A CD1 1 
ATOM   172 C CD2 . TRP A 1 24  ? 27.395  -3.138  5.953   1.00 16.22 ? 24  TRP A CD2 1 
ATOM   173 N NE1 . TRP A 1 24  ? 26.355  -3.588  7.902   1.00 17.81 ? 24  TRP A NE1 1 
ATOM   174 C CE2 . TRP A 1 24  ? 26.217  -2.913  6.713   1.00 17.13 ? 24  TRP A CE2 1 
ATOM   175 C CE3 . TRP A 1 24  ? 27.504  -2.556  4.685   1.00 16.20 ? 24  TRP A CE3 1 
ATOM   176 C CZ2 . TRP A 1 24  ? 25.156  -2.130  6.237   1.00 15.39 ? 24  TRP A CZ2 1 
ATOM   177 C CZ3 . TRP A 1 24  ? 26.442  -1.772  4.207   1.00 14.53 ? 24  TRP A CZ3 1 
ATOM   178 C CH2 . TRP A 1 24  ? 25.287  -1.569  4.987   1.00 17.11 ? 24  TRP A CH2 1 
ATOM   179 N N   . ILE A 1 25  ? 31.597  -5.323  4.125   1.00 21.41 ? 25  ILE A N   1 
ATOM   180 C CA  . ILE A 1 25  ? 32.941  -5.691  3.704   1.00 22.73 ? 25  ILE A CA  1 
ATOM   181 C C   . ILE A 1 25  ? 33.865  -5.581  4.917   1.00 23.78 ? 25  ILE A C   1 
ATOM   182 O O   . ILE A 1 25  ? 33.867  -4.572  5.620   1.00 22.91 ? 25  ILE A O   1 
ATOM   183 C CB  . ILE A 1 25  ? 33.418  -4.759  2.560   1.00 23.77 ? 25  ILE A CB  1 
ATOM   184 C CG1 . ILE A 1 25  ? 32.473  -4.921  1.353   1.00 22.25 ? 25  ILE A CG1 1 
ATOM   185 C CG2 . ILE A 1 25  ? 34.860  -5.093  2.162   1.00 24.37 ? 25  ILE A CG2 1 
ATOM   186 C CD1 . ILE A 1 25  ? 32.659  -3.866  0.279   1.00 23.40 ? 25  ILE A CD1 1 
ATOM   187 N N   . LYS A 1 26  ? 34.647  -6.623  5.165   1.00 25.44 ? 26  LYS A N   1 
ATOM   188 C CA  . LYS A 1 26  ? 35.538  -6.626  6.318   1.00 28.17 ? 26  LYS A CA  1 
ATOM   189 C C   . LYS A 1 26  ? 37.002  -6.536  5.933   1.00 30.67 ? 26  LYS A C   1 
ATOM   190 O O   . LYS A 1 26  ? 37.418  -7.038  4.884   1.00 31.30 ? 26  LYS A O   1 
ATOM   191 C CB  . LYS A 1 26  ? 35.335  -7.903  7.146   1.00 27.24 ? 26  LYS A CB  1 
ATOM   192 C CG  . LYS A 1 26  ? 33.948  -8.069  7.753   1.00 28.29 ? 26  LYS A CG  1 
ATOM   193 C CD  . LYS A 1 26  ? 33.312  -9.343  7.240   1.00 30.64 ? 26  LYS A CD  1 
ATOM   194 C CE  . LYS A 1 26  ? 31.922  -9.572  7.806   1.00 30.06 ? 26  LYS A CE  1 
ATOM   195 N NZ  . LYS A 1 26  ? 31.036  -8.399  7.655   1.00 30.96 ? 26  LYS A NZ  1 
ATOM   196 N N   . ASN A 1 27  ? 37.790  -5.880  6.776   1.00 31.78 ? 27  ASN A N   1 
ATOM   197 C CA  . ASN A 1 27  ? 39.218  -5.804  6.512   1.00 34.03 ? 27  ASN A CA  1 
ATOM   198 C C   . ASN A 1 27  ? 39.752  -7.212  6.686   1.00 35.03 ? 27  ASN A C   1 
ATOM   199 O O   . ASN A 1 27  ? 39.266  -7.956  7.537   1.00 35.54 ? 27  ASN A O   1 
ATOM   200 C CB  . ASN A 1 27  ? 39.908  -4.881  7.507   1.00 34.12 ? 27  ASN A CB  1 
ATOM   201 C CG  . ASN A 1 27  ? 39.705  -3.445  7.176   1.00 34.22 ? 27  ASN A CG  1 
ATOM   202 O OD1 . ASN A 1 27  ? 39.644  -3.087  6.002   1.00 34.64 ? 27  ASN A OD1 1 
ATOM   203 N ND2 . ASN A 1 27  ? 39.617  -2.596  8.197   1.00 35.54 ? 27  ASN A ND2 1 
ATOM   204 N N   . GLY A 1 28  ? 40.740  -7.582  5.879   1.00 36.75 ? 28  GLY A N   1 
ATOM   205 C CA  . GLY A 1 28  ? 41.314  -8.911  5.988   1.00 39.29 ? 28  GLY A CA  1 
ATOM   206 C C   . GLY A 1 28  ? 40.613  -9.883  5.068   1.00 41.18 ? 28  GLY A C   1 
ATOM   207 O O   . GLY A 1 28  ? 41.004  -11.049 4.938   1.00 41.36 ? 28  GLY A O   1 
ATOM   208 N N   . GLU A 1 29  ? 39.562  -9.383  4.424   1.00 41.21 ? 29  GLU A N   1 
ATOM   209 C CA  . GLU A 1 29  ? 38.763  -10.162 3.502   1.00 40.23 ? 29  GLU A CA  1 
ATOM   210 C C   . GLU A 1 29  ? 39.296  -9.915  2.100   1.00 39.89 ? 29  GLU A C   1 
ATOM   211 O O   . GLU A 1 29  ? 39.829  -8.843  1.817   1.00 40.37 ? 29  GLU A O   1 
ATOM   212 C CB  . GLU A 1 29  ? 37.294  -9.714  3.590   1.00 41.50 ? 29  GLU A CB  1 
ATOM   213 C CG  . GLU A 1 29  ? 36.390  -10.472 2.666   1.00 40.53 ? 29  GLU A CG  1 
ATOM   214 C CD  . GLU A 1 29  ? 34.917  -10.127 2.803   1.00 38.03 ? 29  GLU A CD  1 
ATOM   215 O OE1 . GLU A 1 29  ? 34.119  -10.921 2.267   1.00 38.31 ? 29  GLU A OE1 1 
ATOM   216 O OE2 . GLU A 1 29  ? 34.548  -9.095  3.418   1.00 36.20 ? 29  GLU A OE2 1 
ATOM   217 N N   . GLU A 1 30  ? 39.162  -10.904 1.224   1.00 40.10 ? 30  GLU A N   1 
ATOM   218 C CA  . GLU A 1 30  ? 39.620  -10.758 -0.152  1.00 40.77 ? 30  GLU A CA  1 
ATOM   219 C C   . GLU A 1 30  ? 38.638  -9.815  -0.873  1.00 39.08 ? 30  GLU A C   1 
ATOM   220 O O   . GLU A 1 30  ? 37.432  -10.051 -0.865  1.00 38.80 ? 30  GLU A O   1 
ATOM   221 C CB  . GLU A 1 30  ? 39.664  -12.134 -0.829  1.00 43.45 ? 30  GLU A CB  1 
ATOM   222 C CG  . GLU A 1 30  ? 40.476  -12.183 -2.117  1.00 48.63 ? 30  GLU A CG  1 
ATOM   223 C CD  . GLU A 1 30  ? 40.731  -13.607 -2.607  1.00 51.41 ? 30  GLU A CD  1 
ATOM   224 O OE1 . GLU A 1 30  ? 41.386  -13.764 -3.662  1.00 52.84 ? 30  GLU A OE1 1 
ATOM   225 O OE2 . GLU A 1 30  ? 40.283  -14.568 -1.937  1.00 53.31 ? 30  GLU A OE2 1 
ATOM   226 N N   . ILE A 1 31  ? 39.172  -8.752  -1.473  1.00 37.52 ? 31  ILE A N   1 
ATOM   227 C CA  . ILE A 1 31  ? 38.388  -7.742  -2.187  1.00 37.71 ? 31  ILE A CA  1 
ATOM   228 C C   . ILE A 1 31  ? 38.215  -8.135  -3.659  1.00 37.07 ? 31  ILE A C   1 
ATOM   229 O O   . ILE A 1 31  ? 39.058  -7.810  -4.498  1.00 38.86 ? 31  ILE A O   1 
ATOM   230 C CB  . ILE A 1 31  ? 39.097  -6.369  -2.115  1.00 38.06 ? 31  ILE A CB  1 
ATOM   231 C CG1 . ILE A 1 31  ? 39.445  -6.030  -0.661  1.00 38.95 ? 31  ILE A CG1 1 
ATOM   232 C CG2 . ILE A 1 31  ? 38.204  -5.283  -2.677  1.00 38.76 ? 31  ILE A CG2 1 
ATOM   233 C CD1 . ILE A 1 31  ? 38.228  -5.892  0.254   1.00 41.40 ? 31  ILE A CD1 1 
ATOM   234 N N   . LEU A 1 32  ? 37.112  -8.809  -3.971  1.00 34.64 ? 32  LEU A N   1 
ATOM   235 C CA  . LEU A 1 32  ? 36.856  -9.274  -5.328  1.00 32.76 ? 32  LEU A CA  1 
ATOM   236 C C   . LEU A 1 32  ? 35.546  -8.783  -5.945  1.00 31.64 ? 32  LEU A C   1 
ATOM   237 O O   . LEU A 1 32  ? 34.607  -8.409  -5.231  1.00 27.56 ? 32  LEU A O   1 
ATOM   238 C CB  . LEU A 1 32  ? 36.850  -10.806 -5.347  1.00 35.05 ? 32  LEU A CB  1 
ATOM   239 C CG  . LEU A 1 32  ? 38.117  -11.531 -4.879  1.00 36.54 ? 32  LEU A CG  1 
ATOM   240 C CD1 . LEU A 1 32  ? 37.831  -13.008 -4.738  1.00 38.69 ? 32  LEU A CD1 1 
ATOM   241 C CD2 . LEU A 1 32  ? 39.240  -11.300 -5.868  1.00 36.97 ? 32  LEU A CD2 1 
ATOM   242 N N   . GLY A 1 33  ? 35.515  -8.819  -7.279  1.00 28.76 ? 33  GLY A N   1 
ATOM   243 C CA  . GLY A 1 33  ? 34.356  -8.430  -8.060  1.00 27.76 ? 33  GLY A CA  1 
ATOM   244 C C   . GLY A 1 33  ? 33.785  -9.653  -8.771  1.00 26.20 ? 33  GLY A C   1 
ATOM   245 O O   . GLY A 1 33  ? 34.071  -10.781 -8.373  1.00 26.36 ? 33  GLY A O   1 
ATOM   246 N N   . ALA A 1 34  ? 32.995  -9.447  -9.824  1.00 26.09 ? 34  ALA A N   1 
ATOM   247 C CA  . ALA A 1 34  ? 32.372  -10.567 -10.538 1.00 27.47 ? 34  ALA A CA  1 
ATOM   248 C C   . ALA A 1 34  ? 33.229  -11.072 -11.693 1.00 27.85 ? 34  ALA A C   1 
ATOM   249 O O   . ALA A 1 34  ? 34.053  -10.334 -12.226 1.00 27.00 ? 34  ALA A O   1 
ATOM   250 C CB  . ALA A 1 34  ? 30.996  -10.150 -11.064 1.00 26.71 ? 34  ALA A CB  1 
ATOM   251 N N   . ASP A 1 35  ? 33.015  -12.322 -12.091 1.00 31.28 ? 35  ASP A N   1 
ATOM   252 C CA  . ASP A 1 35  ? 33.788  -12.902 -13.194 1.00 33.69 ? 35  ASP A CA  1 
ATOM   253 C C   . ASP A 1 35  ? 33.029  -13.008 -14.525 1.00 34.29 ? 35  ASP A C   1 
ATOM   254 O O   . ASP A 1 35  ? 33.584  -13.482 -15.518 1.00 34.80 ? 35  ASP A O   1 
ATOM   255 C CB  . ASP A 1 35  ? 34.327  -14.281 -12.792 1.00 35.50 ? 35  ASP A CB  1 
ATOM   256 C CG  . ASP A 1 35  ? 35.407  -14.194 -11.721 1.00 37.51 ? 35  ASP A CG  1 
ATOM   257 O OD1 . ASP A 1 35  ? 36.408  -13.484 -11.948 1.00 39.54 ? 35  ASP A OD1 1 
ATOM   258 O OD2 . ASP A 1 35  ? 35.253  -14.824 -10.654 1.00 38.78 ? 35  ASP A OD2 1 
ATOM   259 N N   . THR A 1 36  ? 31.767  -12.584 -14.543 1.00 33.38 ? 36  THR A N   1 
ATOM   260 C CA  . THR A 1 36  ? 30.960  -12.614 -15.768 1.00 32.87 ? 36  THR A CA  1 
ATOM   261 C C   . THR A 1 36  ? 30.466  -11.192 -16.052 1.00 32.86 ? 36  THR A C   1 
ATOM   262 O O   . THR A 1 36  ? 30.523  -10.329 -15.171 1.00 30.00 ? 36  THR A O   1 
ATOM   263 C CB  . THR A 1 36  ? 29.730  -13.557 -15.649 1.00 33.44 ? 36  THR A CB  1 
ATOM   264 O OG1 . THR A 1 36  ? 28.928  -13.165 -14.531 1.00 33.43 ? 36  THR A OG1 1 
ATOM   265 C CG2 . THR A 1 36  ? 30.175  -15.017 -15.474 1.00 34.39 ? 36  THR A CG2 1 
ATOM   266 N N   . GLN A 1 37  ? 29.981  -10.943 -17.266 1.00 31.76 ? 37  GLN A N   1 
ATOM   267 C CA  . GLN A 1 37  ? 29.521  -9.600  -17.584 1.00 32.27 ? 37  GLN A CA  1 
ATOM   268 C C   . GLN A 1 37  ? 28.237  -9.247  -16.848 1.00 30.94 ? 37  GLN A C   1 
ATOM   269 O O   . GLN A 1 37  ? 27.918  -8.075  -16.695 1.00 31.50 ? 37  GLN A O   1 
ATOM   270 C CB  . GLN A 1 37  ? 29.330  -9.420  -19.102 1.00 35.58 ? 37  GLN A CB  1 
ATOM   271 C CG  . GLN A 1 37  ? 28.173  -10.182 -19.731 1.00 39.32 ? 37  GLN A CG  1 
ATOM   272 C CD  . GLN A 1 37  ? 28.102  -10.013 -21.264 1.00 43.00 ? 37  GLN A CD  1 
ATOM   273 O OE1 . GLN A 1 37  ? 27.667  -8.982  -21.783 1.00 43.38 ? 37  GLN A OE1 1 
ATOM   274 N NE2 . GLN A 1 37  ? 28.539  -11.036 -21.985 1.00 44.43 ? 37  GLN A NE2 1 
ATOM   275 N N   . TYR A 1 38  ? 27.510  -10.249 -16.365 1.00 29.72 ? 38  TYR A N   1 
ATOM   276 C CA  . TYR A 1 38  ? 26.262  -9.969  -15.662 1.00 30.85 ? 38  TYR A CA  1 
ATOM   277 C C   . TYR A 1 38  ? 26.142  -10.458 -14.209 1.00 28.49 ? 38  TYR A C   1 
ATOM   278 O O   . TYR A 1 38  ? 25.148  -10.174 -13.534 1.00 29.52 ? 38  TYR A O   1 
ATOM   279 C CB  . TYR A 1 38  ? 25.094  -10.478 -16.516 1.00 34.01 ? 38  TYR A CB  1 
ATOM   280 C CG  . TYR A 1 38  ? 24.934  -9.645  -17.779 1.00 37.93 ? 38  TYR A CG  1 
ATOM   281 C CD1 . TYR A 1 38  ? 24.625  -10.234 -19.006 1.00 40.62 ? 38  TYR A CD1 1 
ATOM   282 C CD2 . TYR A 1 38  ? 25.131  -8.261  -17.746 1.00 40.39 ? 38  TYR A CD2 1 
ATOM   283 C CE1 . TYR A 1 38  ? 24.525  -9.465  -20.172 1.00 41.76 ? 38  TYR A CE1 1 
ATOM   284 C CE2 . TYR A 1 38  ? 25.035  -7.485  -18.899 1.00 42.94 ? 38  TYR A CE2 1 
ATOM   285 C CZ  . TYR A 1 38  ? 24.735  -8.092  -20.107 1.00 43.90 ? 38  TYR A CZ  1 
ATOM   286 O OH  . TYR A 1 38  ? 24.672  -7.319  -21.248 1.00 47.18 ? 38  TYR A OH  1 
ATOM   287 N N   . GLY A 1 39  ? 27.154  -11.161 -13.723 1.00 25.16 ? 39  GLY A N   1 
ATOM   288 C CA  . GLY A 1 39  ? 27.117  -11.662 -12.354 1.00 25.38 ? 39  GLY A CA  1 
ATOM   289 C C   . GLY A 1 39  ? 27.284  -10.586 -11.287 1.00 24.01 ? 39  GLY A C   1 
ATOM   290 O O   . GLY A 1 39  ? 27.797  -9.501  -11.558 1.00 23.95 ? 39  GLY A O   1 
ATOM   291 N N   . SER A 1 40  ? 26.860  -10.893 -10.063 1.00 23.93 ? 40  SER A N   1 
ATOM   292 C CA  . SER A 1 40  ? 26.970  -9.940  -8.956  1.00 24.14 ? 40  SER A CA  1 
ATOM   293 C C   . SER A 1 40  ? 27.803  -10.497 -7.804  1.00 24.15 ? 40  SER A C   1 
ATOM   294 O O   . SER A 1 40  ? 27.752  -9.983  -6.682  1.00 23.11 ? 40  SER A O   1 
ATOM   295 C CB  . SER A 1 40  ? 25.580  -9.554  -8.441  1.00 22.27 ? 40  SER A CB  1 
ATOM   296 O OG  . SER A 1 40  ? 24.866  -10.685 -7.974  1.00 22.95 ? 40  SER A OG  1 
ATOM   297 N N   . GLU A 1 41  ? 28.580  -11.544 -8.079  1.00 24.18 ? 41  GLU A N   1 
ATOM   298 C CA  . GLU A 1 41  ? 29.429  -12.135 -7.043  1.00 25.45 ? 41  GLU A CA  1 
ATOM   299 C C   . GLU A 1 41  ? 30.599  -11.221 -6.677  1.00 25.40 ? 41  GLU A C   1 
ATOM   300 O O   . GLU A 1 41  ? 30.913  -10.268 -7.395  1.00 25.35 ? 41  GLU A O   1 
ATOM   301 C CB  . GLU A 1 41  ? 29.975  -13.501 -7.504  1.00 28.74 ? 41  GLU A CB  1 
ATOM   302 C CG  . GLU A 1 41  ? 30.948  -13.426 -8.664  1.00 31.78 ? 41  GLU A CG  1 
ATOM   303 C CD  . GLU A 1 41  ? 30.289  -13.659 -10.017 1.00 35.13 ? 41  GLU A CD  1 
ATOM   304 O OE1 . GLU A 1 41  ? 29.040  -13.530 -10.111 1.00 33.60 ? 41  GLU A OE1 1 
ATOM   305 O OE2 . GLU A 1 41  ? 31.036  -13.962 -10.986 1.00 36.04 ? 41  GLU A OE2 1 
ATOM   306 N N   . GLY A 1 42  ? 31.246  -11.511 -5.553  1.00 25.89 ? 42  GLY A N   1 
ATOM   307 C CA  . GLY A 1 42  ? 32.380  -10.711 -5.126  1.00 25.08 ? 42  GLY A CA  1 
ATOM   308 C C   . GLY A 1 42  ? 32.037  -9.857  -3.921  1.00 25.39 ? 42  GLY A C   1 
ATOM   309 O O   . GLY A 1 42  ? 30.949  -9.280  -3.841  1.00 25.92 ? 42  GLY A O   1 
ATOM   310 N N   . SER A 1 43  ? 32.965  -9.788  -2.974  1.00 24.48 ? 43  SER A N   1 
ATOM   311 C CA  . SER A 1 43  ? 32.772  -9.011  -1.753  1.00 23.23 ? 43  SER A CA  1 
ATOM   312 C C   . SER A 1 43  ? 32.465  -7.543  -2.026  1.00 23.47 ? 43  SER A C   1 
ATOM   313 O O   . SER A 1 43  ? 31.675  -6.921  -1.305  1.00 23.12 ? 43  SER A O   1 
ATOM   314 C CB  . SER A 1 43  ? 34.019  -9.118  -0.871  1.00 22.61 ? 43  SER A CB  1 
ATOM   315 O OG  . SER A 1 43  ? 35.182  -8.763  -1.602  1.00 24.44 ? 43  SER A OG  1 
ATOM   316 N N   . MET A 1 44  ? 33.093  -6.977  -3.055  1.00 21.88 ? 44  MET A N   1 
ATOM   317 C CA  . MET A 1 44  ? 32.871  -5.572  -3.381  1.00 23.26 ? 44  MET A CA  1 
ATOM   318 C C   . MET A 1 44  ? 31.440  -5.244  -3.767  1.00 22.23 ? 44  MET A C   1 
ATOM   319 O O   . MET A 1 44  ? 31.028  -4.082  -3.685  1.00 20.96 ? 44  MET A O   1 
ATOM   320 C CB  . MET A 1 44  ? 33.794  -5.116  -4.517  1.00 26.55 ? 44  MET A CB  1 
ATOM   321 C CG  . MET A 1 44  ? 35.251  -4.959  -4.102  1.00 32.89 ? 44  MET A CG  1 
ATOM   322 S SD  . MET A 1 44  ? 36.293  -4.376  -5.476  1.00 40.60 ? 44  MET A SD  1 
ATOM   323 C CE  . MET A 1 44  ? 36.114  -2.649  -5.290  1.00 36.01 ? 44  MET A CE  1 
ATOM   324 N N   . ASN A 1 45  ? 30.692  -6.261  -4.187  1.00 21.58 ? 45  ASN A N   1 
ATOM   325 C CA  . ASN A 1 45  ? 29.303  -6.080  -4.613  1.00 21.52 ? 45  ASN A CA  1 
ATOM   326 C C   . ASN A 1 45  ? 28.312  -6.532  -3.567  1.00 20.20 ? 45  ASN A C   1 
ATOM   327 O O   . ASN A 1 45  ? 27.177  -6.075  -3.574  1.00 18.79 ? 45  ASN A O   1 
ATOM   328 C CB  . ASN A 1 45  ? 28.993  -6.906  -5.877  1.00 19.89 ? 45  ASN A CB  1 
ATOM   329 C CG  . ASN A 1 45  ? 29.724  -6.413  -7.102  1.00 20.36 ? 45  ASN A CG  1 
ATOM   330 O OD1 . ASN A 1 45  ? 29.616  -5.241  -7.471  1.00 19.66 ? 45  ASN A OD1 1 
ATOM   331 N ND2 . ASN A 1 45  ? 30.476  -7.313  -7.750  1.00 19.59 ? 45  ASN A ND2 1 
ATOM   332 N N   . ARG A 1 46  ? 28.753  -7.419  -2.674  1.00 19.64 ? 46  ARG A N   1 
ATOM   333 C CA  . ARG A 1 46  ? 27.875  -8.055  -1.681  1.00 19.86 ? 46  ARG A CA  1 
ATOM   334 C C   . ARG A 1 46  ? 26.909  -7.180  -0.880  1.00 19.17 ? 46  ARG A C   1 
ATOM   335 O O   . ARG A 1 46  ? 25.703  -7.395  -0.911  1.00 18.35 ? 46  ARG A O   1 
ATOM   336 C CB  . ARG A 1 46  ? 28.722  -8.932  -0.731  1.00 19.12 ? 46  ARG A CB  1 
ATOM   337 C CG  . ARG A 1 46  ? 27.912  -9.743  0.276   1.00 19.71 ? 46  ARG A CG  1 
ATOM   338 C CD  . ARG A 1 46  ? 28.820  -10.628 1.148   1.00 21.69 ? 46  ARG A CD  1 
ATOM   339 N NE  . ARG A 1 46  ? 29.573  -9.840  2.134   1.00 23.47 ? 46  ARG A NE  1 
ATOM   340 C CZ  . ARG A 1 46  ? 30.895  -9.861  2.268   1.00 24.41 ? 46  ARG A CZ  1 
ATOM   341 N NH1 . ARG A 1 46  ? 31.641  -10.627 1.479   1.00 24.55 ? 46  ARG A NH1 1 
ATOM   342 N NH2 . ARG A 1 46  ? 31.479  -9.110  3.195   1.00 22.87 ? 46  ARG A NH2 1 
ATOM   343 N N   . PRO A 1 47  ? 27.416  -6.183  -0.149  1.00 19.11 ? 47  PRO A N   1 
ATOM   344 C CA  . PRO A 1 47  ? 26.408  -5.404  0.585   1.00 18.04 ? 47  PRO A CA  1 
ATOM   345 C C   . PRO A 1 47  ? 25.415  -4.636  -0.309  1.00 16.10 ? 47  PRO A C   1 
ATOM   346 O O   . PRO A 1 47  ? 24.253  -4.493  0.047   1.00 15.76 ? 47  PRO A O   1 
ATOM   347 C CB  . PRO A 1 47  ? 27.255  -4.510  1.507   1.00 18.84 ? 47  PRO A CB  1 
ATOM   348 C CG  . PRO A 1 47  ? 28.583  -4.415  0.806   1.00 22.36 ? 47  PRO A CG  1 
ATOM   349 C CD  . PRO A 1 47  ? 28.789  -5.771  0.181   1.00 19.85 ? 47  PRO A CD  1 
ATOM   350 N N   . THR A 1 48  ? 25.859  -4.161  -1.465  1.00 14.88 ? 48  THR A N   1 
ATOM   351 C CA  . THR A 1 48  ? 24.975  -3.445  -2.381  1.00 15.26 ? 48  THR A CA  1 
ATOM   352 C C   . THR A 1 48  ? 23.904  -4.392  -2.969  1.00 15.09 ? 48  THR A C   1 
ATOM   353 O O   . THR A 1 48  ? 22.758  -4.000  -3.166  1.00 14.09 ? 48  THR A O   1 
ATOM   354 C CB  . THR A 1 48  ? 25.791  -2.774  -3.528  1.00 16.30 ? 48  THR A CB  1 
ATOM   355 O OG1 . THR A 1 48  ? 26.733  -1.867  -2.951  1.00 21.85 ? 48  THR A OG1 1 
ATOM   356 C CG2 . THR A 1 48  ? 24.880  -1.987  -4.460  1.00 17.91 ? 48  THR A CG2 1 
ATOM   357 N N   . VAL A 1 49  ? 24.282  -5.634  -3.253  1.00 14.76 ? 49  VAL A N   1 
ATOM   358 C CA  . VAL A 1 49  ? 23.322  -6.628  -3.762  1.00 15.15 ? 49  VAL A CA  1 
ATOM   359 C C   . VAL A 1 49  ? 22.219  -6.823  -2.719  1.00 14.95 ? 49  VAL A C   1 
ATOM   360 O O   . VAL A 1 49  ? 21.046  -6.894  -3.057  1.00 14.96 ? 49  VAL A O   1 
ATOM   361 C CB  . VAL A 1 49  ? 24.007  -8.005  -3.991  1.00 15.30 ? 49  VAL A CB  1 
ATOM   362 C CG1 . VAL A 1 49  ? 22.954  -9.073  -4.303  1.00 15.98 ? 49  VAL A CG1 1 
ATOM   363 C CG2 . VAL A 1 49  ? 25.011  -7.893  -5.111  1.00 17.85 ? 49  VAL A CG2 1 
ATOM   364 N N   . SER A 1 50  ? 22.611  -6.903  -1.444  1.00 15.62 ? 50  SER A N   1 
ATOM   365 C CA  . SER A 1 50  ? 21.660  -7.087  -0.333  1.00 16.25 ? 50  SER A CA  1 
ATOM   366 C C   . SER A 1 50  ? 20.705  -5.899  -0.234  1.00 15.69 ? 50  SER A C   1 
ATOM   367 O O   . SER A 1 50  ? 19.502  -6.071  -0.026  1.00 14.24 ? 50  SER A O   1 
ATOM   368 C CB  . SER A 1 50  ? 22.424  -7.247  0.995   1.00 17.42 ? 50  SER A CB  1 
ATOM   369 O OG  . SER A 1 50  ? 23.239  -8.408  0.967   1.00 20.04 ? 50  SER A OG  1 
ATOM   370 N N   . VAL A 1 51  ? 21.232  -4.688  -0.393  1.00 12.57 ? 51  VAL A N   1 
ATOM   371 C CA  . VAL A 1 51  ? 20.358  -3.523  -0.311  1.00 12.03 ? 51  VAL A CA  1 
ATOM   372 C C   . VAL A 1 51  ? 19.400  -3.521  -1.521  1.00 12.13 ? 51  VAL A C   1 
ATOM   373 O O   . VAL A 1 51  ? 18.234  -3.171  -1.393  1.00 13.30 ? 51  VAL A O   1 
ATOM   374 C CB  . VAL A 1 51  ? 21.183  -2.198  -0.246  1.00 12.80 ? 51  VAL A CB  1 
ATOM   375 C CG1 . VAL A 1 51  ? 20.252  -0.993  -0.246  1.00 15.33 ? 51  VAL A CG1 1 
ATOM   376 C CG2 . VAL A 1 51  ? 22.016  -2.160  1.023   1.00 15.03 ? 51  VAL A CG2 1 
ATOM   377 N N   . LEU A 1 52  ? 19.881  -3.922  -2.693  1.00 10.80 ? 52  LEU A N   1 
ATOM   378 C CA  . LEU A 1 52  ? 19.010  -3.967  -3.881  1.00 12.21 ? 52  LEU A CA  1 
ATOM   379 C C   . LEU A 1 52  ? 17.874  -4.977  -3.678  1.00 12.08 ? 52  LEU A C   1 
ATOM   380 O O   . LEU A 1 52  ? 16.754  -4.761  -4.139  1.00 12.28 ? 52  LEU A O   1 
ATOM   381 C CB  . LEU A 1 52  ? 19.820  -4.354  -5.146  1.00 12.59 ? 52  LEU A CB  1 
ATOM   382 C CG  . LEU A 1 52  ? 18.962  -4.552  -6.406  1.00 15.65 ? 52  LEU A CG  1 
ATOM   383 C CD1 . LEU A 1 52  ? 18.201  -3.236  -6.717  1.00 14.77 ? 52  LEU A CD1 1 
ATOM   384 C CD2 . LEU A 1 52  ? 19.847  -4.953  -7.583  1.00 16.48 ? 52  LEU A CD2 1 
ATOM   385 N N   . ARG A 1 53  ? 18.158  -6.097  -3.002  1.00 13.27 ? 53  ARG A N   1 
ATOM   386 C CA  . ARG A 1 53  ? 17.114  -7.083  -2.728  1.00 12.71 ? 53  ARG A CA  1 
ATOM   387 C C   . ARG A 1 53  ? 16.011  -6.427  -1.893  1.00 12.50 ? 53  ARG A C   1 
ATOM   388 O O   . ARG A 1 53  ? 14.823  -6.685  -2.100  1.00 11.57 ? 53  ARG A O   1 
ATOM   389 C CB  . ARG A 1 53  ? 17.684  -8.295  -1.974  1.00 16.51 ? 53  ARG A CB  1 
ATOM   390 C CG  . ARG A 1 53  ? 18.625  -9.203  -2.818  1.00 18.83 ? 53  ARG A CG  1 
ATOM   391 C CD  . ARG A 1 53  ? 17.860  -9.982  -3.914  1.00 21.42 ? 53  ARG A CD  1 
ATOM   392 N NE  . ARG A 1 53  ? 17.910  -9.325  -5.224  1.00 22.67 ? 53  ARG A NE  1 
ATOM   393 C CZ  . ARG A 1 53  ? 18.932  -9.407  -6.075  1.00 23.11 ? 53  ARG A CZ  1 
ATOM   394 N NH1 . ARG A 1 53  ? 19.996  -10.130 -5.764  1.00 19.82 ? 53  ARG A NH1 1 
ATOM   395 N NH2 . ARG A 1 53  ? 18.896  -8.758  -7.244  1.00 20.65 ? 53  ARG A NH2 1 
ATOM   396 N N   . ASN A 1 54  ? 16.391  -5.569  -0.951  1.00 11.68 ? 54  ASN A N   1 
ATOM   397 C CA  . ASN A 1 54  ? 15.392  -4.879  -0.127  1.00 12.32 ? 54  ASN A CA  1 
ATOM   398 C C   . ASN A 1 54  ? 14.590  -3.906  -0.999  1.00 9.47  ? 54  ASN A C   1 
ATOM   399 O O   . ASN A 1 54  ? 13.394  -3.764  -0.845  1.00 13.22 ? 54  ASN A O   1 
ATOM   400 C CB  . ASN A 1 54  ? 16.061  -4.075  0.999   1.00 12.49 ? 54  ASN A CB  1 
ATOM   401 C CG  . ASN A 1 54  ? 16.524  -4.947  2.159   1.00 14.96 ? 54  ASN A CG  1 
ATOM   402 O OD1 . ASN A 1 54  ? 16.285  -6.147  2.187   1.00 16.02 ? 54  ASN A OD1 1 
ATOM   403 N ND2 . ASN A 1 54  ? 17.186  -4.329  3.129   1.00 16.26 ? 54  ASN A ND2 1 
ATOM   404 N N   . VAL A 1 55  ? 15.277  -3.241  -1.908  1.00 12.00 ? 55  VAL A N   1 
ATOM   405 C CA  . VAL A 1 55  ? 14.643  -2.283  -2.820  1.00 12.32 ? 55  VAL A CA  1 
ATOM   406 C C   . VAL A 1 55  ? 13.607  -2.990  -3.697  1.00 11.87 ? 55  VAL A C   1 
ATOM   407 O O   . VAL A 1 55  ? 12.532  -2.440  -3.948  1.00 11.96 ? 55  VAL A O   1 
ATOM   408 C CB  . VAL A 1 55  ? 15.722  -1.602  -3.719  1.00 14.25 ? 55  VAL A CB  1 
ATOM   409 C CG1 . VAL A 1 55  ? 15.076  -0.938  -4.929  1.00 12.51 ? 55  VAL A CG1 1 
ATOM   410 C CG2 . VAL A 1 55  ? 16.486  -0.568  -2.879  1.00 14.64 ? 55  VAL A CG2 1 
ATOM   411 N N   . GLU A 1 56  ? 13.931  -4.199  -4.176  1.00 13.49 ? 56  GLU A N   1 
ATOM   412 C CA  . GLU A 1 56  ? 12.973  -4.973  -4.982  1.00 13.65 ? 56  GLU A CA  1 
ATOM   413 C C   . GLU A 1 56  ? 11.713  -5.322  -4.179  1.00 12.24 ? 56  GLU A C   1 
ATOM   414 O O   . GLU A 1 56  ? 10.600  -5.331  -4.725  1.00 15.56 ? 56  GLU A O   1 
ATOM   415 C CB  . GLU A 1 56  ? 13.624  -6.269  -5.504  1.00 13.42 ? 56  GLU A CB  1 
ATOM   416 C CG  . GLU A 1 56  ? 14.764  -5.990  -6.503  1.00 15.59 ? 56  GLU A CG  1 
ATOM   417 C CD  . GLU A 1 56  ? 15.649  -7.202  -6.780  1.00 17.89 ? 56  GLU A CD  1 
ATOM   418 O OE1 . GLU A 1 56  ? 15.470  -8.238  -6.126  1.00 17.52 ? 56  GLU A OE1 1 
ATOM   419 O OE2 . GLU A 1 56  ? 16.542  -7.108  -7.644  1.00 20.09 ? 56  GLU A OE2 1 
ATOM   420 N N   . VAL A 1 57  ? 11.886  -5.627  -2.898  0.60 7.95  ? 57  VAL A N   1 
ATOM   421 C CA  . VAL A 1 57  ? 10.767  -5.967  -2.022  0.60 7.63  ? 57  VAL A CA  1 
ATOM   422 C C   . VAL A 1 57  ? 9.917   -4.735  -1.759  0.60 6.52  ? 57  VAL A C   1 
ATOM   423 O O   . VAL A 1 57  ? 8.693   -4.806  -1.750  0.60 3.18  ? 57  VAL A O   1 
ATOM   424 C CB  . VAL A 1 57  ? 11.282  -6.573  -0.684  0.60 8.98  ? 57  VAL A CB  1 
ATOM   425 C CG1 . VAL A 1 57  ? 10.155  -6.663  0.356   1.00 15.01 ? 57  VAL A CG1 1 
ATOM   426 C CG2 . VAL A 1 57  ? 11.844  -7.949  -0.942  1.00 15.72 ? 57  VAL A CG2 1 
ATOM   427 N N   . LEU A 1 58  ? 10.569  -3.589  -1.577  1.00 10.58 ? 58  LEU A N   1 
ATOM   428 C CA  . LEU A 1 58  ? 9.836   -2.342  -1.328  1.00 12.48 ? 58  LEU A CA  1 
ATOM   429 C C   . LEU A 1 58  ? 8.977   -2.009  -2.529  1.00 12.63 ? 58  LEU A C   1 
ATOM   430 O O   . LEU A 1 58  ? 7.857   -1.549  -2.369  1.00 12.54 ? 58  LEU A O   1 
ATOM   431 C CB  . LEU A 1 58  ? 10.802  -1.173  -1.061  1.00 12.92 ? 58  LEU A CB  1 
ATOM   432 C CG  . LEU A 1 58  ? 11.563  -1.190  0.280   1.00 18.19 ? 58  LEU A CG  1 
ATOM   433 C CD1 . LEU A 1 58  ? 12.459  0.033   0.373   1.00 20.19 ? 58  LEU A CD1 1 
ATOM   434 C CD2 . LEU A 1 58  ? 10.569  -1.171  1.446   1.00 17.71 ? 58  LEU A CD2 1 
ATOM   435 N N   . ASP A 1 59  ? 9.525   -2.212  -3.728  1.00 13.15 ? 59  ASP A N   1 
ATOM   436 C CA  . ASP A 1 59  ? 8.793   -1.957  -4.976  1.00 15.15 ? 59  ASP A CA  1 
ATOM   437 C C   . ASP A 1 59  ? 7.516   -2.828  -5.015  1.00 15.59 ? 59  ASP A C   1 
ATOM   438 O O   . ASP A 1 59  ? 6.432   -2.354  -5.367  1.00 15.39 ? 59  ASP A O   1 
ATOM   439 C CB  . ASP A 1 59  ? 9.704   -2.282  -6.172  1.00 15.47 ? 59  ASP A CB  1 
ATOM   440 C CG  . ASP A 1 59  ? 9.080   -1.919  -7.518  1.00 19.61 ? 59  ASP A CG  1 
ATOM   441 O OD1 . ASP A 1 59  ? 9.132   -2.761  -8.426  1.00 21.27 ? 59  ASP A OD1 1 
ATOM   442 O OD2 . ASP A 1 59  ? 8.574   -0.796  -7.686  1.00 20.35 ? 59  ASP A OD2 1 
ATOM   443 N N   . LYS A 1 60  ? 7.635   -4.099  -4.649  1.00 16.37 ? 60  LYS A N   1 
ATOM   444 C CA  . LYS A 1 60  ? 6.457   -4.972  -4.627  1.00 17.96 ? 60  LYS A CA  1 
ATOM   445 C C   . LYS A 1 60  ? 5.462   -4.550  -3.556  1.00 14.99 ? 60  LYS A C   1 
ATOM   446 O O   . LYS A 1 60  ? 4.259   -4.621  -3.766  1.00 16.07 ? 60  LYS A O   1 
ATOM   447 C CB  . LYS A 1 60  ? 6.861   -6.433  -4.419  1.00 20.94 ? 60  LYS A CB  1 
ATOM   448 C CG  . LYS A 1 60  ? 7.460   -7.052  -5.677  1.00 29.81 ? 60  LYS A CG  1 
ATOM   449 C CD  . LYS A 1 60  ? 7.228   -8.572  -5.738  1.00 34.38 ? 60  LYS A CD  1 
ATOM   450 C CE  . LYS A 1 60  ? 7.969   -9.316  -4.636  1.00 36.69 ? 60  LYS A CE  1 
ATOM   451 N NZ  . LYS A 1 60  ? 7.680   -10.796 -4.682  1.00 40.55 ? 60  LYS A NZ  1 
ATOM   452 N N   . ASN A 1 61  ? 5.948   -4.092  -2.411  1.00 14.67 ? 61  ASN A N   1 
ATOM   453 C CA  . ASN A 1 61  ? 5.038   -3.650  -1.351  1.00 14.05 ? 61  ASN A CA  1 
ATOM   454 C C   . ASN A 1 61  ? 4.233   -2.419  -1.793  1.00 14.93 ? 61  ASN A C   1 
ATOM   455 O O   . ASN A 1 61  ? 3.061   -2.260  -1.424  1.00 15.73 ? 61  ASN A O   1 
ATOM   456 C CB  . ASN A 1 61  ? 5.808   -3.341  -0.049  1.00 13.55 ? 61  ASN A CB  1 
ATOM   457 C CG  . ASN A 1 61  ? 6.230   -4.604  0.693   1.00 17.33 ? 61  ASN A CG  1 
ATOM   458 O OD1 . ASN A 1 61  ? 5.735   -5.695  0.402   1.00 16.24 ? 61  ASN A OD1 1 
ATOM   459 N ND2 . ASN A 1 61  ? 7.132   -4.463  1.664   1.00 14.00 ? 61  ASN A ND2 1 
ATOM   460 N N   . ILE A 1 62  ? 4.861   -1.540  -2.566  1.00 15.35 ? 62  ILE A N   1 
ATOM   461 C CA  . ILE A 1 62  ? 4.172   -0.347  -3.069  1.00 15.66 ? 62  ILE A CA  1 
ATOM   462 C C   . ILE A 1 62  ? 3.102   -0.784  -4.072  1.00 16.42 ? 62  ILE A C   1 
ATOM   463 O O   . ILE A 1 62  ? 2.030   -0.191  -4.147  1.00 17.43 ? 62  ILE A O   1 
ATOM   464 C CB  . ILE A 1 62  ? 5.195   0.625   -3.719  1.00 16.30 ? 62  ILE A CB  1 
ATOM   465 C CG1 . ILE A 1 62  ? 5.985   1.314   -2.607  1.00 17.48 ? 62  ILE A CG1 1 
ATOM   466 C CG2 . ILE A 1 62  ? 4.506   1.672   -4.578  1.00 18.42 ? 62  ILE A CG2 1 
ATOM   467 C CD1 . ILE A 1 62  ? 7.248   2.012   -3.087  1.00 20.95 ? 62  ILE A CD1 1 
ATOM   468 N N   . GLY A 1 63  ? 3.392   -1.837  -4.834  1.00 16.29 ? 63  GLY A N   1 
ATOM   469 C CA  . GLY A 1 63  ? 2.418   -2.348  -5.788  1.00 17.96 ? 63  GLY A CA  1 
ATOM   470 C C   . GLY A 1 63  ? 1.214   -2.927  -5.056  1.00 19.70 ? 63  GLY A C   1 
ATOM   471 O O   . GLY A 1 63  ? 0.083   -2.813  -5.516  1.00 20.64 ? 63  GLY A O   1 
ATOM   472 N N   . ILE A 1 64  ? 1.447   -3.574  -3.919  1.00 19.79 ? 64  ILE A N   1 
ATOM   473 C CA  . ILE A 1 64  ? 0.335   -4.120  -3.134  1.00 19.80 ? 64  ILE A CA  1 
ATOM   474 C C   . ILE A 1 64  ? -0.561  -2.954  -2.629  1.00 20.71 ? 64  ILE A C   1 
ATOM   475 O O   . ILE A 1 64  ? -1.802  -3.016  -2.727  1.00 19.67 ? 64  ILE A O   1 
ATOM   476 C CB  . ILE A 1 64  ? 0.863   -4.924  -1.936  1.00 20.36 ? 64  ILE A CB  1 
ATOM   477 C CG1 . ILE A 1 64  ? 1.550   -6.190  -2.441  1.00 21.12 ? 64  ILE A CG1 1 
ATOM   478 C CG2 . ILE A 1 64  ? -0.277  -5.265  -0.968  1.00 20.91 ? 64  ILE A CG2 1 
ATOM   479 C CD1 . ILE A 1 64  ? 2.353   -6.894  -1.372  1.00 24.43 ? 64  ILE A CD1 1 
ATOM   480 N N   . LEU A 1 65  ? 0.065   -1.895  -2.107  1.00 18.11 ? 65  LEU A N   1 
ATOM   481 C CA  . LEU A 1 65  ? -0.694  -0.735  -1.622  1.00 18.59 ? 65  LEU A CA  1 
ATOM   482 C C   . LEU A 1 65  ? -1.441  -0.053  -2.754  1.00 18.34 ? 65  LEU A C   1 
ATOM   483 O O   . LEU A 1 65  ? -2.573  0.397   -2.570  1.00 18.12 ? 65  LEU A O   1 
ATOM   484 C CB  . LEU A 1 65  ? 0.232   0.286   -0.943  1.00 19.07 ? 65  LEU A CB  1 
ATOM   485 C CG  . LEU A 1 65  ? 0.902   -0.147  0.360   1.00 20.53 ? 65  LEU A CG  1 
ATOM   486 C CD1 . LEU A 1 65  ? 1.617   1.075   0.964   1.00 22.98 ? 65  LEU A CD1 1 
ATOM   487 C CD2 . LEU A 1 65  ? -0.132  -0.683  1.342   1.00 20.69 ? 65  LEU A CD2 1 
ATOM   488 N N   . LYS A 1 66  ? -0.820  0.029   -3.932  1.00 18.84 ? 66  LYS A N   1 
ATOM   489 C CA  . LYS A 1 66  ? -1.476  0.657   -5.083  1.00 20.06 ? 66  LYS A CA  1 
ATOM   490 C C   . LYS A 1 66  ? -2.770  -0.074  -5.467  1.00 20.81 ? 66  LYS A C   1 
ATOM   491 O O   . LYS A 1 66  ? -3.798  0.550   -5.737  1.00 20.64 ? 66  LYS A O   1 
ATOM   492 C CB  . LYS A 1 66  ? -0.546  0.677   -6.291  1.00 21.51 ? 66  LYS A CB  1 
ATOM   493 C CG  . LYS A 1 66  ? -1.115  1.423   -7.499  1.00 28.05 ? 66  LYS A CG  1 
ATOM   494 C CD  . LYS A 1 66  ? -0.114  1.491   -8.652  1.00 32.22 ? 66  LYS A CD  1 
ATOM   495 C CE  . LYS A 1 66  ? -0.267  0.324   -9.616  1.00 36.29 ? 66  LYS A CE  1 
ATOM   496 N NZ  . LYS A 1 66  ? -1.444  0.472   -10.531 1.00 36.20 ? 66  LYS A NZ  1 
ATOM   497 N N   . THR A 1 67  ? -2.720  -1.397  -5.487  1.00 20.93 ? 67  THR A N   1 
ATOM   498 C CA  . THR A 1 67  ? -3.894  -2.197  -5.844  1.00 22.33 ? 67  THR A CA  1 
ATOM   499 C C   . THR A 1 67  ? -5.030  -1.985  -4.865  1.00 22.00 ? 67  THR A C   1 
ATOM   500 O O   . THR A 1 67  ? -6.196  -1.828  -5.260  1.00 22.17 ? 67  THR A O   1 
ATOM   501 C CB  . THR A 1 67  ? -3.539  -3.695  -5.890  1.00 22.29 ? 67  THR A CB  1 
ATOM   502 O OG1 . THR A 1 67  ? -2.613  -3.905  -6.960  1.00 24.07 ? 67  THR A OG1 1 
ATOM   503 C CG2 . THR A 1 67  ? -4.786  -4.543  -6.129  1.00 25.45 ? 67  THR A CG2 1 
ATOM   504 N N   . SER A 1 68  ? -4.692  -1.988  -3.582  1.00 20.61 ? 68  SER A N   1 
ATOM   505 C CA  . SER A 1 68  ? -5.678  -1.772  -2.541  1.00 20.95 ? 68  SER A CA  1 
ATOM   506 C C   . SER A 1 68  ? -6.260  -0.364  -2.601  1.00 20.45 ? 68  SER A C   1 
ATOM   507 O O   . SER A 1 68  ? -7.449  -0.175  -2.375  1.00 20.89 ? 68  SER A O   1 
ATOM   508 C CB  . SER A 1 68  ? -5.068  -2.006  -1.156  1.00 23.37 ? 68  SER A CB  1 
ATOM   509 O OG  . SER A 1 68  ? -6.039  -1.748  -0.148  1.00 26.62 ? 68  SER A OG  1 
ATOM   510 N N   . LEU A 1 69  ? -5.429  0.630   -2.880  1.00 19.79 ? 69  LEU A N   1 
ATOM   511 C CA  . LEU A 1 69  ? -5.922  2.002   -2.966  1.00 19.55 ? 69  LEU A CA  1 
ATOM   512 C C   . LEU A 1 69  ? -6.839  2.176   -4.185  1.00 19.05 ? 69  LEU A C   1 
ATOM   513 O O   . LEU A 1 69  ? -7.829  2.917   -4.133  1.00 18.40 ? 69  LEU A O   1 
ATOM   514 C CB  . LEU A 1 69  ? -4.751  2.994   -3.038  1.00 21.08 ? 69  LEU A CB  1 
ATOM   515 C CG  . LEU A 1 69  ? -5.059  4.493   -3.208  1.00 22.48 ? 69  LEU A CG  1 
ATOM   516 C CD1 . LEU A 1 69  ? -6.049  4.964   -2.153  1.00 23.28 ? 69  LEU A CD1 1 
ATOM   517 C CD2 . LEU A 1 69  ? -3.759  5.282   -3.080  1.00 23.74 ? 69  LEU A CD2 1 
ATOM   518 N N   . GLU A 1 70  ? -6.512  1.501   -5.282  1.00 17.75 ? 70  GLU A N   1 
ATOM   519 C CA  . GLU A 1 70  ? -7.332  1.588   -6.488  1.00 20.63 ? 70  GLU A CA  1 
ATOM   520 C C   . GLU A 1 70  ? -8.718  1.024   -6.217  1.00 19.03 ? 70  GLU A C   1 
ATOM   521 O O   . GLU A 1 70  ? -9.718  1.545   -6.696  1.00 19.00 ? 70  GLU A O   1 
ATOM   522 C CB  . GLU A 1 70  ? -6.655  0.840   -7.645  1.00 21.76 ? 70  GLU A CB  1 
ATOM   523 C CG  . GLU A 1 70  ? -5.448  1.601   -8.166  1.00 24.92 ? 70  GLU A CG  1 
ATOM   524 C CD  . GLU A 1 70  ? -4.753  0.915   -9.322  1.00 30.06 ? 70  GLU A CD  1 
ATOM   525 O OE1 . GLU A 1 70  ? -4.005  1.614   -10.042 1.00 31.40 ? 70  GLU A OE1 1 
ATOM   526 O OE2 . GLU A 1 70  ? -4.942  -0.309  -9.505  1.00 29.70 ? 70  GLU A OE2 1 
ATOM   527 N N   . THR A 1 71  ? -8.764  -0.032  -5.423  1.00 20.48 ? 71  THR A N   1 
ATOM   528 C CA  . THR A 1 71  ? -10.015 -0.664  -5.052  1.00 22.04 ? 71  THR A CA  1 
ATOM   529 C C   . THR A 1 71  ? -10.817 0.292   -4.169  1.00 22.20 ? 71  THR A C   1 
ATOM   530 O O   . THR A 1 71  ? -12.031 0.427   -4.347  1.00 20.22 ? 71  THR A O   1 
ATOM   531 C CB  . THR A 1 71  ? -9.733  -2.016  -4.340  1.00 25.35 ? 71  THR A CB  1 
ATOM   532 O OG1 . THR A 1 71  ? -9.240  -2.939  -5.320  1.00 24.62 ? 71  THR A OG1 1 
ATOM   533 C CG2 . THR A 1 71  ? -10.998 -2.596  -3.686  1.00 24.24 ? 71  THR A CG2 1 
ATOM   534 N N   . ALA A 1 72  ? -10.146 0.976   -3.238  1.00 19.71 ? 72  ALA A N   1 
ATOM   535 C CA  . ALA A 1 72  ? -10.839 1.927   -2.368  1.00 19.43 ? 72  ALA A CA  1 
ATOM   536 C C   . ALA A 1 72  ? -11.419 3.073   -3.193  1.00 19.40 ? 72  ALA A C   1 
ATOM   537 O O   . ALA A 1 72  ? -12.559 3.473   -2.990  1.00 18.82 ? 72  ALA A O   1 
ATOM   538 C CB  . ALA A 1 72  ? -9.874  2.489   -1.317  1.00 21.04 ? 72  ALA A CB  1 
ATOM   539 N N   . ASN A 1 73  ? -10.625 3.600   -4.125  1.00 19.63 ? 73  ASN A N   1 
ATOM   540 C CA  . ASN A 1 73  ? -11.062 4.699   -4.967  1.00 20.13 ? 73  ASN A CA  1 
ATOM   541 C C   . ASN A 1 73  ? -12.313 4.338   -5.745  1.00 20.74 ? 73  ASN A C   1 
ATOM   542 O O   . ASN A 1 73  ? -13.211 5.163   -5.899  1.00 20.80 ? 73  ASN A O   1 
ATOM   543 C CB  . ASN A 1 73  ? -9.956  5.113   -5.944  1.00 19.77 ? 73  ASN A CB  1 
ATOM   544 C CG  . ASN A 1 73  ? -8.878  5.957   -5.278  1.00 23.86 ? 73  ASN A CG  1 
ATOM   545 O OD1 . ASN A 1 73  ? -9.125  6.587   -4.253  1.00 23.08 ? 73  ASN A OD1 1 
ATOM   546 N ND2 . ASN A 1 73  ? -7.678  5.980   -5.869  1.00 25.71 ? 73  ASN A ND2 1 
ATOM   547 N N   . SER A 1 74  ? -12.342 3.104   -6.242  1.00 19.78 ? 74  SER A N   1 
ATOM   548 C CA  . SER A 1 74  ? -13.459 2.565   -7.008  1.00 20.92 ? 74  SER A CA  1 
ATOM   549 C C   . SER A 1 74  ? -14.696 2.397   -6.098  1.00 20.35 ? 74  SER A C   1 
ATOM   550 O O   . SER A 1 74  ? -15.834 2.688   -6.504  1.00 19.02 ? 74  SER A O   1 
ATOM   551 C CB  . SER A 1 74  ? -13.027 1.222   -7.615  1.00 22.37 ? 74  SER A CB  1 
ATOM   552 O OG  . SER A 1 74  ? -14.071 0.615   -8.325  1.00 30.41 ? 74  SER A OG  1 
ATOM   553 N N   . ASP A 1 75  ? -14.485 1.939   -4.868  1.00 19.56 ? 75  ASP A N   1 
ATOM   554 C CA  . ASP A 1 75  ? -15.611 1.781   -3.941  1.00 20.16 ? 75  ASP A CA  1 
ATOM   555 C C   . ASP A 1 75  ? -16.206 3.145   -3.576  1.00 20.72 ? 75  ASP A C   1 
ATOM   556 O O   . ASP A 1 75  ? -17.425 3.275   -3.416  1.00 21.11 ? 75  ASP A O   1 
ATOM   557 C CB  . ASP A 1 75  ? -15.188 1.068   -2.658  1.00 20.93 ? 75  ASP A CB  1 
ATOM   558 C CG  . ASP A 1 75  ? -14.922 -0.403  -2.864  1.00 24.36 ? 75  ASP A CG  1 
ATOM   559 O OD1 . ASP A 1 75  ? -15.391 -0.953  -3.882  1.00 24.99 ? 75  ASP A OD1 1 
ATOM   560 O OD2 . ASP A 1 75  ? -14.251 -1.012  -1.998  1.00 24.10 ? 75  ASP A OD2 1 
ATOM   561 N N   . ILE A 1 76  ? -15.343 4.156   -3.457  1.00 18.67 ? 76  ILE A N   1 
ATOM   562 C CA  . ILE A 1 76  ? -15.774 5.505   -3.113  1.00 18.71 ? 76  ILE A CA  1 
ATOM   563 C C   . ILE A 1 76  ? -16.611 6.087   -4.245  1.00 20.51 ? 76  ILE A C   1 
ATOM   564 O O   . ILE A 1 76  ? -17.638 6.708   -4.008  1.00 18.47 ? 76  ILE A O   1 
ATOM   565 C CB  . ILE A 1 76  ? -14.544 6.426   -2.847  1.00 19.73 ? 76  ILE A CB  1 
ATOM   566 C CG1 . ILE A 1 76  ? -13.934 6.083   -1.475  1.00 17.67 ? 76  ILE A CG1 1 
ATOM   567 C CG2 . ILE A 1 76  ? -14.955 7.905   -2.943  1.00 16.00 ? 76  ILE A CG2 1 
ATOM   568 C CD1 . ILE A 1 76  ? -12.533 6.663   -1.226  1.00 16.90 ? 76  ILE A CD1 1 
ATOM   569 N N   . LYS A 1 77  ? -16.147 5.886   -5.476  1.00 20.16 ? 77  LYS A N   1 
ATOM   570 C CA  . LYS A 1 77  ? -16.850 6.373   -6.650  1.00 22.05 ? 77  LYS A CA  1 
ATOM   571 C C   . LYS A 1 77  ? -18.242 5.731   -6.695  1.00 21.11 ? 77  LYS A C   1 
ATOM   572 O O   . LYS A 1 77  ? -19.212 6.393   -7.008  1.00 21.28 ? 77  LYS A O   1 
ATOM   573 C CB  . LYS A 1 77  ? -16.035 6.039   -7.910  1.00 22.43 ? 77  LYS A CB  1 
ATOM   574 C CG  . LYS A 1 77  ? -16.610 6.605   -9.222  1.00 27.92 ? 77  LYS A CG  1 
ATOM   575 C CD  . LYS A 1 77  ? -15.682 6.287   -10.413 1.00 29.71 ? 77  LYS A CD  1 
ATOM   576 C CE  . LYS A 1 77  ? -16.125 7.017   -11.696 1.00 32.11 ? 77  LYS A CE  1 
ATOM   577 N NZ  . LYS A 1 77  ? -17.352 6.430   -12.324 1.00 28.29 ? 77  LYS A NZ  1 
ATOM   578 N N   . THR A 1 78  ? -18.341 4.445   -6.366  1.00 22.14 ? 78  THR A N   1 
ATOM   579 C CA  . THR A 1 78  ? -19.636 3.761   -6.362  1.00 22.36 ? 78  THR A CA  1 
ATOM   580 C C   . THR A 1 78  ? -20.584 4.383   -5.322  1.00 22.06 ? 78  THR A C   1 
ATOM   581 O O   . THR A 1 78  ? -21.776 4.555   -5.585  1.00 20.19 ? 78  THR A O   1 
ATOM   582 C CB  . THR A 1 78  ? -19.463 2.266   -6.082  1.00 24.47 ? 78  THR A CB  1 
ATOM   583 O OG1 . THR A 1 78  ? -18.737 1.679   -7.166  1.00 25.11 ? 78  THR A OG1 1 
ATOM   584 C CG2 . THR A 1 78  ? -20.827 1.568   -5.958  1.00 26.79 ? 78  THR A CG2 1 
ATOM   585 N N   . ILE A 1 79  ? -20.062 4.720   -4.146  1.00 17.81 ? 79  ILE A N   1 
ATOM   586 C CA  . ILE A 1 79  ? -20.892 5.353   -3.123  1.00 17.58 ? 79  ILE A CA  1 
ATOM   587 C C   . ILE A 1 79  ? -21.352 6.743   -3.586  1.00 17.28 ? 79  ILE A C   1 
ATOM   588 O O   . ILE A 1 79  ? -22.507 7.117   -3.392  1.00 18.00 ? 79  ILE A O   1 
ATOM   589 C CB  . ILE A 1 79  ? -20.119 5.472   -1.784  1.00 14.47 ? 79  ILE A CB  1 
ATOM   590 C CG1 . ILE A 1 79  ? -19.908 4.079   -1.196  1.00 16.49 ? 79  ILE A CG1 1 
ATOM   591 C CG2 . ILE A 1 79  ? -20.904 6.331   -0.788  1.00 15.24 ? 79  ILE A CG2 1 
ATOM   592 C CD1 . ILE A 1 79  ? -18.695 3.987   -0.260  1.00 17.23 ? 79  ILE A CD1 1 
ATOM   593 N N   . GLN A 1 80  ? -20.453 7.508   -4.202  1.00 18.78 ? 80  GLN A N   1 
ATOM   594 C CA  . GLN A 1 80  ? -20.807 8.852   -4.684  1.00 21.05 ? 80  GLN A CA  1 
ATOM   595 C C   . GLN A 1 80  ? -21.885 8.829   -5.784  1.00 20.75 ? 80  GLN A C   1 
ATOM   596 O O   . GLN A 1 80  ? -22.641 9.786   -5.941  1.00 20.44 ? 80  GLN A O   1 
ATOM   597 C CB  . GLN A 1 80  ? -19.566 9.572   -5.225  1.00 22.35 ? 80  GLN A CB  1 
ATOM   598 C CG  . GLN A 1 80  ? -18.462 9.748   -4.200  1.00 23.06 ? 80  GLN A CG  1 
ATOM   599 C CD  . GLN A 1 80  ? -17.177 10.298  -4.806  1.00 26.77 ? 80  GLN A CD  1 
ATOM   600 O OE1 . GLN A 1 80  ? -16.806 9.962   -5.941  1.00 24.86 ? 80  GLN A OE1 1 
ATOM   601 N NE2 . GLN A 1 80  ? -16.477 11.120  -4.038  1.00 25.70 ? 80  GLN A NE2 1 
ATOM   602 N N   . GLU A 1 81  ? -21.942 7.742   -6.539  1.00 19.60 ? 81  GLU A N   1 
ATOM   603 C CA  . GLU A 1 81  ? -22.911 7.613   -7.624  1.00 22.47 ? 81  GLU A CA  1 
ATOM   604 C C   . GLU A 1 81  ? -24.186 6.834   -7.240  1.00 23.48 ? 81  GLU A C   1 
ATOM   605 O O   . GLU A 1 81  ? -25.096 6.661   -8.064  1.00 23.17 ? 81  GLU A O   1 
ATOM   606 C CB  . GLU A 1 81  ? -22.243 6.925   -8.824  1.00 22.85 ? 81  GLU A CB  1 
ATOM   607 C CG  . GLU A 1 81  ? -21.079 7.704   -9.430  1.00 26.12 ? 81  GLU A CG  1 
ATOM   608 C CD  . GLU A 1 81  ? -20.309 6.885   -10.475 1.00 27.51 ? 81  GLU A CD  1 
ATOM   609 O OE1 . GLU A 1 81  ? -19.356 7.432   -11.068 1.00 28.59 ? 81  GLU A OE1 1 
ATOM   610 O OE2 . GLU A 1 81  ? -20.656 5.703   -10.689 1.00 25.83 ? 81  GLU A OE2 1 
ATOM   611 N N   . ALA A 1 82  ? -24.257 6.362   -6.004  1.00 20.91 ? 82  ALA A N   1 
ATOM   612 C CA  . ALA A 1 82  ? -25.422 5.597   -5.576  1.00 20.39 ? 82  ALA A CA  1 
ATOM   613 C C   . ALA A 1 82  ? -26.713 6.426   -5.486  1.00 18.92 ? 82  ALA A C   1 
ATOM   614 O O   . ALA A 1 82  ? -27.818 5.875   -5.542  1.00 18.51 ? 82  ALA A O   1 
ATOM   615 C CB  . ALA A 1 82  ? -25.128 4.936   -4.233  1.00 20.30 ? 82  ALA A CB  1 
ATOM   616 N N   . GLY A 1 83  ? -26.575 7.737   -5.335  1.00 17.74 ? 83  GLY A N   1 
ATOM   617 C CA  . GLY A 1 83  ? -27.743 8.600   -5.214  1.00 17.66 ? 83  GLY A CA  1 
ATOM   618 C C   . GLY A 1 83  ? -28.435 8.535   -3.851  1.00 18.18 ? 83  GLY A C   1 
ATOM   619 O O   . GLY A 1 83  ? -29.664 8.610   -3.774  1.00 18.05 ? 83  GLY A O   1 
ATOM   620 N N   . TYR A 1 84  ? -27.666 8.386   -2.771  1.00 17.39 ? 84  TYR A N   1 
ATOM   621 C CA  . TYR A 1 84  ? -28.260 8.340   -1.441  1.00 16.97 ? 84  TYR A CA  1 
ATOM   622 C C   . TYR A 1 84  ? -28.887 9.689   -1.138  1.00 17.80 ? 84  TYR A C   1 
ATOM   623 O O   . TYR A 1 84  ? -28.414 10.719  -1.603  1.00 18.79 ? 84  TYR A O   1 
ATOM   624 C CB  . TYR A 1 84  ? -27.206 8.007   -0.377  1.00 18.01 ? 84  TYR A CB  1 
ATOM   625 C CG  . TYR A 1 84  ? -26.636 6.612   -0.529  1.00 18.23 ? 84  TYR A CG  1 
ATOM   626 C CD1 . TYR A 1 84  ? -27.483 5.526   -0.764  1.00 17.06 ? 84  TYR A CD1 1 
ATOM   627 C CD2 . TYR A 1 84  ? -25.271 6.373   -0.403  1.00 19.25 ? 84  TYR A CD2 1 
ATOM   628 C CE1 . TYR A 1 84  ? -26.988 4.229   -0.868  1.00 20.50 ? 84  TYR A CE1 1 
ATOM   629 C CE2 . TYR A 1 84  ? -24.756 5.069   -0.506  1.00 21.57 ? 84  TYR A CE2 1 
ATOM   630 C CZ  . TYR A 1 84  ? -25.635 4.009   -0.738  1.00 20.81 ? 84  TYR A CZ  1 
ATOM   631 O OH  . TYR A 1 84  ? -25.173 2.726   -0.847  1.00 24.68 ? 84  TYR A OH  1 
ATOM   632 N N   . ILE A 1 85  ? -29.945 9.691   -0.342  1.00 17.87 ? 85  ILE A N   1 
ATOM   633 C CA  . ILE A 1 85  ? -30.611 10.939  -0.047  1.00 19.15 ? 85  ILE A CA  1 
ATOM   634 C C   . ILE A 1 85  ? -30.262 11.545  1.310   1.00 18.66 ? 85  ILE A C   1 
ATOM   635 O O   . ILE A 1 85  ? -30.083 10.848  2.312   1.00 19.67 ? 85  ILE A O   1 
ATOM   636 C CB  . ILE A 1 85  ? -32.133 10.787  -0.189  1.00 21.59 ? 85  ILE A CB  1 
ATOM   637 C CG1 . ILE A 1 85  ? -32.687 9.855   0.879   1.00 24.77 ? 85  ILE A CG1 1 
ATOM   638 C CG2 . ILE A 1 85  ? -32.461 10.221  -1.566  1.00 23.55 ? 85  ILE A CG2 1 
ATOM   639 C CD1 . ILE A 1 85  ? -34.221 9.750   0.830   1.00 29.26 ? 85  ILE A CD1 1 
ATOM   640 N N   . PRO A 1 86  ? -30.138 12.873  1.342   1.00 20.59 ? 86  PRO A N   1 
ATOM   641 C CA  . PRO A 1 86  ? -29.810 13.607  2.563   1.00 18.81 ? 86  PRO A CA  1 
ATOM   642 C C   . PRO A 1 86  ? -31.017 13.807  3.481   1.00 19.25 ? 86  PRO A C   1 
ATOM   643 O O   . PRO A 1 86  ? -32.169 13.558  3.105   1.00 17.46 ? 86  PRO A O   1 
ATOM   644 C CB  . PRO A 1 86  ? -29.235 14.917  2.026   1.00 20.54 ? 86  PRO A CB  1 
ATOM   645 C CG  . PRO A 1 86  ? -30.020 15.137  0.770   1.00 23.40 ? 86  PRO A CG  1 
ATOM   646 C CD  . PRO A 1 86  ? -30.104 13.752  0.153   1.00 20.92 ? 86  PRO A CD  1 
ATOM   647 N N   . GLU A 1 87  ? -30.731 14.243  4.699   1.00 17.29 ? 87  GLU A N   1 
ATOM   648 C CA  . GLU A 1 87  ? -31.745 14.485  5.715   1.00 17.19 ? 87  GLU A CA  1 
ATOM   649 C C   . GLU A 1 87  ? -32.771 15.539  5.262   1.00 16.21 ? 87  GLU A C   1 
ATOM   650 O O   . GLU A 1 87  ? -32.481 16.387  4.400   1.00 16.82 ? 87  GLU A O   1 
ATOM   651 C CB  . GLU A 1 87  ? -31.048 14.951  7.014   1.00 16.33 ? 87  GLU A CB  1 
ATOM   652 C CG  . GLU A 1 87  ? -31.986 15.115  8.193   1.00 16.91 ? 87  GLU A CG  1 
ATOM   653 C CD  . GLU A 1 87  ? -32.653 13.808  8.546   1.00 18.21 ? 87  GLU A CD  1 
ATOM   654 O OE1 . GLU A 1 87  ? -32.003 12.958  9.195   1.00 19.67 ? 87  GLU A OE1 1 
ATOM   655 O OE2 . GLU A 1 87  ? -33.825 13.620  8.162   1.00 16.84 ? 87  GLU A OE2 1 
ATOM   656 N N   . ALA A 1 88  ? -33.970 15.457  5.829   1.00 16.93 ? 88  ALA A N   1 
ATOM   657 C CA  . ALA A 1 88  ? -35.065 16.400  5.542   1.00 17.37 ? 88  ALA A CA  1 
ATOM   658 C C   . ALA A 1 88  ? -35.039 17.480  6.621   1.00 18.44 ? 88  ALA A C   1 
ATOM   659 O O   . ALA A 1 88  ? -34.393 17.306  7.651   1.00 17.66 ? 88  ALA A O   1 
ATOM   660 C CB  . ALA A 1 88  ? -36.427 15.669  5.575   1.00 16.05 ? 88  ALA A CB  1 
ATOM   661 N N   . PRO A 1 89  ? -35.723 18.619  6.395   1.00 17.87 ? 89  PRO A N   1 
ATOM   662 C CA  . PRO A 1 89  ? -35.709 19.656  7.429   1.00 20.25 ? 89  PRO A CA  1 
ATOM   663 C C   . PRO A 1 89  ? -36.117 19.078  8.793   1.00 21.36 ? 89  PRO A C   1 
ATOM   664 O O   . PRO A 1 89  ? -36.900 18.129  8.858   1.00 21.06 ? 89  PRO A O   1 
ATOM   665 C CB  . PRO A 1 89  ? -36.739 20.669  6.921   1.00 19.34 ? 89  PRO A CB  1 
ATOM   666 C CG  . PRO A 1 89  ? -36.630 20.563  5.439   1.00 17.93 ? 89  PRO A CG  1 
ATOM   667 C CD  . PRO A 1 89  ? -36.499 19.050  5.219   1.00 18.48 ? 89  PRO A CD  1 
ATOM   668 N N   . ARG A 1 90  ? -35.572 19.646  9.863   1.00 22.67 ? 90  ARG A N   1 
ATOM   669 C CA  . ARG A 1 90  ? -35.892 19.234  11.239  1.00 26.10 ? 90  ARG A CA  1 
ATOM   670 C C   . ARG A 1 90  ? -36.662 20.420  11.812  1.00 27.19 ? 90  ARG A C   1 
ATOM   671 O O   . ARG A 1 90  ? -36.111 21.226  12.549  1.00 27.19 ? 90  ARG A O   1 
ATOM   672 C CB  . ARG A 1 90  ? -34.618 19.026  12.063  1.00 27.09 ? 90  ARG A CB  1 
ATOM   673 C CG  . ARG A 1 90  ? -33.788 17.795  11.685  1.00 32.78 ? 90  ARG A CG  1 
ATOM   674 C CD  . ARG A 1 90  ? -32.365 17.930  12.225  1.00 37.04 ? 90  ARG A CD  1 
ATOM   675 N NE  . ARG A 1 90  ? -31.789 16.652  12.634  1.00 43.71 ? 90  ARG A NE  1 
ATOM   676 C CZ  . ARG A 1 90  ? -32.186 15.959  13.702  1.00 45.86 ? 90  ARG A CZ  1 
ATOM   677 N NH1 . ARG A 1 90  ? -33.162 16.423  14.473  1.00 47.79 ? 90  ARG A NH1 1 
ATOM   678 N NH2 . ARG A 1 90  ? -31.610 14.796  14.004  1.00 47.43 ? 90  ARG A NH2 1 
ATOM   679 N N   . ASP A 1 91  ? -37.941 20.510  11.477  1.00 28.44 ? 91  ASP A N   1 
ATOM   680 C CA  . ASP A 1 91  ? -38.756 21.639  11.904  1.00 29.24 ? 91  ASP A CA  1 
ATOM   681 C C   . ASP A 1 91  ? -40.085 21.229  12.518  1.00 27.93 ? 91  ASP A C   1 
ATOM   682 O O   . ASP A 1 91  ? -41.008 22.025  12.578  1.00 29.61 ? 91  ASP A O   1 
ATOM   683 C CB  . ASP A 1 91  ? -39.023 22.508  10.687  1.00 30.15 ? 91  ASP A CB  1 
ATOM   684 C CG  . ASP A 1 91  ? -39.680 21.722  9.565   1.00 30.10 ? 91  ASP A CG  1 
ATOM   685 O OD1 . ASP A 1 91  ? -40.079 20.568  9.820   1.00 29.67 ? 91  ASP A OD1 1 
ATOM   686 O OD2 . ASP A 1 91  ? -39.810 22.249  8.446   1.00 31.41 ? 91  ASP A OD2 1 
ATOM   687 N N   . GLY A 1 92  ? -40.202 19.979  12.933  1.00 27.13 ? 92  GLY A N   1 
ATOM   688 C CA  . GLY A 1 92  ? -41.441 19.529  13.528  1.00 27.22 ? 92  GLY A CA  1 
ATOM   689 C C   . GLY A 1 92  ? -42.505 19.140  12.524  1.00 26.94 ? 92  GLY A C   1 
ATOM   690 O O   . GLY A 1 92  ? -43.644 18.883  12.898  1.00 25.79 ? 92  GLY A O   1 
ATOM   691 N N   . GLN A 1 93  ? -42.154 19.122  11.245  1.00 25.24 ? 93  GLN A N   1 
ATOM   692 C CA  . GLN A 1 93  ? -43.123 18.749  10.227  1.00 25.66 ? 93  GLN A CA  1 
ATOM   693 C C   . GLN A 1 93  ? -42.684 17.458  9.555   1.00 22.12 ? 93  GLN A C   1 
ATOM   694 O O   . GLN A 1 93  ? -41.484 17.180  9.493   1.00 20.75 ? 93  GLN A O   1 
ATOM   695 C CB  . GLN A 1 93  ? -43.261 19.869  9.186   1.00 27.22 ? 93  GLN A CB  1 
ATOM   696 C CG  . GLN A 1 93  ? -43.558 21.240  9.814   1.00 34.15 ? 93  GLN A CG  1 
ATOM   697 C CD  . GLN A 1 93  ? -43.802 22.324  8.781   1.00 35.61 ? 93  GLN A CD  1 
ATOM   698 O OE1 . GLN A 1 93  ? -44.930 22.510  8.314   1.00 36.97 ? 93  GLN A OE1 1 
ATOM   699 N NE2 . GLN A 1 93  ? -42.743 23.038  8.412   1.00 36.74 ? 93  GLN A NE2 1 
ATOM   700 N N   . ALA A 1 94  ? -43.663 16.684  9.077   1.00 20.97 ? 94  ALA A N   1 
ATOM   701 C CA  . ALA A 1 94  ? -43.423 15.406  8.385   1.00 20.53 ? 94  ALA A CA  1 
ATOM   702 C C   . ALA A 1 94  ? -43.205 15.643  6.881   1.00 19.85 ? 94  ALA A C   1 
ATOM   703 O O   . ALA A 1 94  ? -43.929 16.431  6.252   1.00 18.99 ? 94  ALA A O   1 
ATOM   704 C CB  . ALA A 1 94  ? -44.618 14.470  8.594   1.00 18.56 ? 94  ALA A CB  1 
ATOM   705 N N   . TYR A 1 95  ? -42.220 14.952  6.306   1.00 17.55 ? 95  TYR A N   1 
ATOM   706 C CA  . TYR A 1 95  ? -41.904 15.115  4.893   1.00 16.48 ? 95  TYR A CA  1 
ATOM   707 C C   . TYR A 1 95  ? -41.961 13.812  4.111   1.00 16.37 ? 95  TYR A C   1 
ATOM   708 O O   . TYR A 1 95  ? -41.677 12.748  4.668   1.00 14.33 ? 95  TYR A O   1 
ATOM   709 C CB  . TYR A 1 95  ? -40.491 15.700  4.720   1.00 16.01 ? 95  TYR A CB  1 
ATOM   710 C CG  . TYR A 1 95  ? -40.356 17.154  5.125   1.00 18.38 ? 95  TYR A CG  1 
ATOM   711 C CD1 . TYR A 1 95  ? -40.120 17.512  6.449   1.00 18.41 ? 95  TYR A CD1 1 
ATOM   712 C CD2 . TYR A 1 95  ? -40.525 18.173  4.181   1.00 16.04 ? 95  TYR A CD2 1 
ATOM   713 C CE1 . TYR A 1 95  ? -40.065 18.863  6.830   1.00 20.65 ? 95  TYR A CE1 1 
ATOM   714 C CE2 . TYR A 1 95  ? -40.470 19.500  4.541   1.00 20.68 ? 95  TYR A CE2 1 
ATOM   715 C CZ  . TYR A 1 95  ? -40.244 19.843  5.869   1.00 21.40 ? 95  TYR A CZ  1 
ATOM   716 O OH  . TYR A 1 95  ? -40.214 21.166  6.224   1.00 21.77 ? 95  TYR A OH  1 
ATOM   717 N N   . VAL A 1 96  ? -42.311 13.918  2.822   1.00 14.86 ? 96  VAL A N   1 
ATOM   718 C CA  . VAL A 1 96  ? -42.338 12.786  1.894   1.00 16.64 ? 96  VAL A CA  1 
ATOM   719 C C   . VAL A 1 96  ? -41.427 13.132  0.704   1.00 16.06 ? 96  VAL A C   1 
ATOM   720 O O   . VAL A 1 96  ? -41.039 14.278  0.516   1.00 16.65 ? 96  VAL A O   1 
ATOM   721 C CB  . VAL A 1 96  ? -43.769 12.449  1.403   1.00 18.59 ? 96  VAL A CB  1 
ATOM   722 C CG1 . VAL A 1 96  ? -44.623 11.968  2.595   1.00 17.68 ? 96  VAL A CG1 1 
ATOM   723 C CG2 . VAL A 1 96  ? -44.398 13.663  0.720   1.00 16.80 ? 96  VAL A CG2 1 
ATOM   724 N N   . ARG A 1 97  ? -41.069 12.136  -0.082  1.00 16.06 ? 97  ARG A N   1 
ATOM   725 C CA  . ARG A 1 97  ? -40.137 12.329  -1.183  1.00 16.24 ? 97  ARG A CA  1 
ATOM   726 C C   . ARG A 1 97  ? -40.840 12.474  -2.530  1.00 17.58 ? 97  ARG A C   1 
ATOM   727 O O   . ARG A 1 97  ? -41.639 11.625  -2.907  1.00 18.74 ? 97  ARG A O   1 
ATOM   728 C CB  . ARG A 1 97  ? -39.183 11.141  -1.211  1.00 17.17 ? 97  ARG A CB  1 
ATOM   729 C CG  . ARG A 1 97  ? -37.904 11.347  -1.991  1.00 18.56 ? 97  ARG A CG  1 
ATOM   730 C CD  . ARG A 1 97  ? -36.953 12.306  -1.256  1.00 17.96 ? 97  ARG A CD  1 
ATOM   731 N NE  . ARG A 1 97  ? -35.721 12.482  -2.031  1.00 16.79 ? 97  ARG A NE  1 
ATOM   732 C CZ  . ARG A 1 97  ? -34.831 13.441  -1.813  1.00 17.03 ? 97  ARG A CZ  1 
ATOM   733 N NH1 . ARG A 1 97  ? -35.028 14.323  -0.839  1.00 15.93 ? 97  ARG A NH1 1 
ATOM   734 N NH2 . ARG A 1 97  ? -33.751 13.521  -2.581  1.00 15.67 ? 97  ARG A NH2 1 
ATOM   735 N N   . LYS A 1 98  ? -40.520 13.546  -3.254  1.00 18.67 ? 98  LYS A N   1 
ATOM   736 C CA  . LYS A 1 98  ? -41.128 13.821  -4.560  1.00 19.49 ? 98  LYS A CA  1 
ATOM   737 C C   . LYS A 1 98  ? -40.131 14.568  -5.427  1.00 19.64 ? 98  LYS A C   1 
ATOM   738 O O   . LYS A 1 98  ? -39.533 15.554  -4.995  1.00 19.35 ? 98  LYS A O   1 
ATOM   739 C CB  . LYS A 1 98  ? -42.405 14.666  -4.369  1.00 20.57 ? 98  LYS A CB  1 
ATOM   740 C CG  . LYS A 1 98  ? -43.021 15.228  -5.662  1.00 24.35 ? 98  LYS A CG  1 
ATOM   741 C CD  . LYS A 1 98  ? -44.256 16.080  -5.352  1.00 28.08 ? 98  LYS A CD  1 
ATOM   742 C CE  . LYS A 1 98  ? -44.876 16.694  -6.618  1.00 29.41 ? 98  LYS A CE  1 
ATOM   743 N NZ  . LYS A 1 98  ? -43.948 17.619  -7.320  1.00 32.29 ? 98  LYS A NZ  1 
ATOM   744 N N   . ASP A 1 99  ? -39.930 14.086  -6.649  1.00 20.34 ? 99  ASP A N   1 
ATOM   745 C CA  . ASP A 1 99  ? -39.011 14.727  -7.583  1.00 20.74 ? 99  ASP A CA  1 
ATOM   746 C C   . ASP A 1 99  ? -37.639 15.135  -7.021  1.00 21.91 ? 99  ASP A C   1 
ATOM   747 O O   . ASP A 1 99  ? -37.143 16.245  -7.287  1.00 20.71 ? 99  ASP A O   1 
ATOM   748 C CB  . ASP A 1 99  ? -39.708 15.945  -8.225  1.00 21.96 ? 99  ASP A CB  1 
ATOM   749 C CG  . ASP A 1 99  ? -40.863 15.536  -9.130  1.00 25.53 ? 99  ASP A CG  1 
ATOM   750 O OD1 . ASP A 1 99  ? -40.718 14.525  -9.848  1.00 24.59 ? 99  ASP A OD1 1 
ATOM   751 O OD2 . ASP A 1 99  ? -41.909 16.210  -9.123  1.00 28.67 ? 99  ASP A OD2 1 
ATOM   752 N N   . GLY A 1 100 ? -37.019 14.236  -6.256  1.00 20.87 ? 100 GLY A N   1 
ATOM   753 C CA  . GLY A 1 100 ? -35.697 14.504  -5.719  1.00 18.70 ? 100 GLY A CA  1 
ATOM   754 C C   . GLY A 1 100 ? -35.594 15.555  -4.630  1.00 20.64 ? 100 GLY A C   1 
ATOM   755 O O   . GLY A 1 100 ? -34.506 16.076  -4.400  1.00 19.79 ? 100 GLY A O   1 
ATOM   756 N N   . GLU A 1 101 ? -36.708 15.871  -3.973  1.00 19.51 ? 101 GLU A N   1 
ATOM   757 C CA  . GLU A 1 101 ? -36.725 16.848  -2.888  1.00 19.57 ? 101 GLU A CA  1 
ATOM   758 C C   . GLU A 1 101 ? -37.649 16.374  -1.768  1.00 19.45 ? 101 GLU A C   1 
ATOM   759 O O   . GLU A 1 101 ? -38.459 15.454  -1.962  1.00 18.44 ? 101 GLU A O   1 
ATOM   760 C CB  . GLU A 1 101 ? -37.237 18.200  -3.400  1.00 24.10 ? 101 GLU A CB  1 
ATOM   761 C CG  . GLU A 1 101 ? -36.384 18.801  -4.527  1.00 28.57 ? 101 GLU A CG  1 
ATOM   762 C CD  . GLU A 1 101 ? -36.874 20.170  -4.948  1.00 32.69 ? 101 GLU A CD  1 
ATOM   763 O OE1 . GLU A 1 101 ? -38.015 20.262  -5.447  1.00 31.95 ? 101 GLU A OE1 1 
ATOM   764 O OE2 . GLU A 1 101 ? -36.121 21.156  -4.769  1.00 36.64 ? 101 GLU A OE2 1 
ATOM   765 N N   . TRP A 1 102 ? -37.532 17.005  -0.600  1.00 16.98 ? 102 TRP A N   1 
ATOM   766 C CA  . TRP A 1 102 ? -38.404 16.684  0.515   1.00 17.99 ? 102 TRP A CA  1 
ATOM   767 C C   . TRP A 1 102 ? -39.548 17.684  0.458   1.00 19.23 ? 102 TRP A C   1 
ATOM   768 O O   . TRP A 1 102 ? -39.312 18.883  0.415   1.00 20.21 ? 102 TRP A O   1 
ATOM   769 C CB  . TRP A 1 102 ? -37.666 16.819  1.845   1.00 17.07 ? 102 TRP A CB  1 
ATOM   770 C CG  . TRP A 1 102 ? -36.698 15.730  2.074   1.00 15.76 ? 102 TRP A CG  1 
ATOM   771 C CD1 . TRP A 1 102 ? -35.338 15.838  2.124   1.00 16.29 ? 102 TRP A CD1 1 
ATOM   772 C CD2 . TRP A 1 102 ? -37.009 14.364  2.355   1.00 16.53 ? 102 TRP A CD2 1 
ATOM   773 N NE1 . TRP A 1 102 ? -34.780 14.619  2.434   1.00 17.73 ? 102 TRP A NE1 1 
ATOM   774 C CE2 . TRP A 1 102 ? -35.781 13.695  2.580   1.00 16.16 ? 102 TRP A CE2 1 
ATOM   775 C CE3 . TRP A 1 102 ? -38.210 13.635  2.442   1.00 16.45 ? 102 TRP A CE3 1 
ATOM   776 C CZ2 . TRP A 1 102 ? -35.713 12.336  2.886   1.00 16.05 ? 102 TRP A CZ2 1 
ATOM   777 C CZ3 . TRP A 1 102 ? -38.144 12.267  2.750   1.00 17.88 ? 102 TRP A CZ3 1 
ATOM   778 C CH2 . TRP A 1 102 ? -36.899 11.634  2.968   1.00 16.69 ? 102 TRP A CH2 1 
ATOM   779 N N   . VAL A 1 103 ? -40.778 17.177  0.455   1.00 19.91 ? 103 VAL A N   1 
ATOM   780 C CA  . VAL A 1 103 ? -41.981 18.000  0.364   1.00 21.15 ? 103 VAL A CA  1 
ATOM   781 C C   . VAL A 1 103 ? -42.877 17.751  1.561   1.00 21.24 ? 103 VAL A C   1 
ATOM   782 O O   . VAL A 1 103 ? -42.956 16.626  2.058   1.00 19.51 ? 103 VAL A O   1 
ATOM   783 C CB  . VAL A 1 103 ? -42.754 17.651  -0.930  1.00 21.31 ? 103 VAL A CB  1 
ATOM   784 C CG1 . VAL A 1 103 ? -44.051 18.436  -1.011  1.00 24.48 ? 103 VAL A CG1 1 
ATOM   785 C CG2 . VAL A 1 103 ? -41.872 17.938  -2.130  1.00 23.00 ? 103 VAL A CG2 1 
ATOM   786 N N   . LEU A 1 104 ? -43.568 18.792  2.014   1.00 21.33 ? 104 LEU A N   1 
ATOM   787 C CA  . LEU A 1 104 ? -44.461 18.673  3.163   1.00 21.19 ? 104 LEU A CA  1 
ATOM   788 C C   . LEU A 1 104 ? -45.610 17.697  2.939   1.00 23.17 ? 104 LEU A C   1 
ATOM   789 O O   . LEU A 1 104 ? -46.327 17.783  1.936   1.00 22.17 ? 104 LEU A O   1 
ATOM   790 C CB  . LEU A 1 104 ? -45.066 20.043  3.513   1.00 23.80 ? 104 LEU A CB  1 
ATOM   791 C CG  . LEU A 1 104 ? -44.103 21.071  4.110   1.00 24.60 ? 104 LEU A CG  1 
ATOM   792 C CD1 . LEU A 1 104 ? -44.735 22.475  4.093   1.00 28.02 ? 104 LEU A CD1 1 
ATOM   793 C CD2 . LEU A 1 104 ? -43.744 20.636  5.517   1.00 25.89 ? 104 LEU A CD2 1 
ATOM   794 N N   . LEU A 1 105 ? -45.790 16.780  3.888   1.00 22.21 ? 105 LEU A N   1 
ATOM   795 C CA  . LEU A 1 105 ? -46.886 15.825  3.835   1.00 24.67 ? 105 LEU A CA  1 
ATOM   796 C C   . LEU A 1 105 ? -48.215 16.596  3.875   1.00 26.95 ? 105 LEU A C   1 
ATOM   797 O O   . LEU A 1 105 ? -49.175 16.253  3.175   1.00 27.03 ? 105 LEU A O   1 
ATOM   798 C CB  . LEU A 1 105 ? -46.832 14.898  5.054   1.00 23.55 ? 105 LEU A CB  1 
ATOM   799 C CG  . LEU A 1 105 ? -48.067 14.013  5.261   1.00 25.00 ? 105 LEU A CG  1 
ATOM   800 C CD1 . LEU A 1 105 ? -48.204 13.064  4.053   1.00 24.48 ? 105 LEU A CD1 1 
ATOM   801 C CD2 . LEU A 1 105 ? -47.939 13.217  6.566   1.00 23.56 ? 105 LEU A CD2 1 
ATOM   802 N N   . SER A 1 106 ? -48.266 17.633  4.702   1.00 28.25 ? 106 SER A N   1 
ATOM   803 C CA  . SER A 1 106 ? -49.491 18.426  4.842   1.00 33.26 ? 106 SER A CA  1 
ATOM   804 C C   . SER A 1 106 ? -50.034 18.916  3.505   1.00 34.74 ? 106 SER A C   1 
ATOM   805 O O   . SER A 1 106 ? -51.241 19.079  3.346   1.00 38.07 ? 106 SER A O   1 
ATOM   806 C CB  . SER A 1 106 ? -49.259 19.621  5.774   1.00 31.53 ? 106 SER A CB  1 
ATOM   807 O OG  . SER A 1 106 ? -48.293 20.506  5.234   1.00 32.11 ? 106 SER A OG  1 
ATOM   808 N N   . THR A 1 107 ? -49.157 19.140  2.536   1.00 36.80 ? 107 THR A N   1 
ATOM   809 C CA  . THR A 1 107 ? -49.614 19.611  1.239   1.00 38.12 ? 107 THR A CA  1 
ATOM   810 C C   . THR A 1 107 ? -50.547 18.615  0.539   1.00 39.37 ? 107 THR A C   1 
ATOM   811 O O   . THR A 1 107 ? -51.323 19.008  -0.336  1.00 38.75 ? 107 THR A O   1 
ATOM   812 C CB  . THR A 1 107 ? -48.419 19.967  0.304   1.00 40.08 ? 107 THR A CB  1 
ATOM   813 O OG1 . THR A 1 107 ? -47.645 18.797  0.017   1.00 42.85 ? 107 THR A OG1 1 
ATOM   814 C CG2 . THR A 1 107 ? -47.524 21.001  0.967   1.00 39.96 ? 107 THR A CG2 1 
ATOM   815 N N   . PHE A 1 108 ? -50.500 17.338  0.933   1.00 38.00 ? 108 PHE A N   1 
ATOM   816 C CA  . PHE A 1 108 ? -51.346 16.326  0.305   1.00 37.76 ? 108 PHE A CA  1 
ATOM   817 C C   . PHE A 1 108 ? -52.546 15.920  1.159   1.00 38.95 ? 108 PHE A C   1 
ATOM   818 O O   . PHE A 1 108 ? -53.412 15.194  0.695   1.00 38.54 ? 108 PHE A O   1 
ATOM   819 C CB  . PHE A 1 108 ? -50.535 15.059  -0.041  1.00 35.79 ? 108 PHE A CB  1 
ATOM   820 C CG  . PHE A 1 108 ? -49.362 15.310  -0.957  1.00 34.27 ? 108 PHE A CG  1 
ATOM   821 C CD1 . PHE A 1 108 ? -48.091 15.525  -0.436  1.00 32.89 ? 108 PHE A CD1 1 
ATOM   822 C CD2 . PHE A 1 108 ? -49.539 15.384  -2.338  1.00 32.58 ? 108 PHE A CD2 1 
ATOM   823 C CE1 . PHE A 1 108 ? -47.011 15.816  -1.278  1.00 33.26 ? 108 PHE A CE1 1 
ATOM   824 C CE2 . PHE A 1 108 ? -48.468 15.677  -3.186  1.00 32.98 ? 108 PHE A CE2 1 
ATOM   825 C CZ  . PHE A 1 108 ? -47.207 15.892  -2.653  1.00 32.93 ? 108 PHE A CZ  1 
ATOM   826 N N   . LEU A 1 109 ? -52.603 16.387  2.402   1.00 40.33 ? 109 LEU A N   1 
ATOM   827 C CA  . LEU A 1 109 ? -53.704 16.021  3.288   1.00 42.39 ? 109 LEU A CA  1 
ATOM   828 C C   . LEU A 1 109 ? -54.849 17.036  3.276   1.00 43.21 ? 109 LEU A C   1 
ATOM   829 O O   . LEU A 1 109 ? -54.786 18.056  2.585   1.00 46.53 ? 109 LEU A O   1 
ATOM   830 C CB  . LEU A 1 109 ? -53.188 15.843  4.720   1.00 41.04 ? 109 LEU A CB  1 
ATOM   831 C CG  . LEU A 1 109 ? -52.047 14.848  4.937   1.00 42.18 ? 109 LEU A CG  1 
ATOM   832 C CD1 . LEU A 1 109 ? -51.606 14.896  6.394   1.00 42.68 ? 109 LEU A CD1 1 
ATOM   833 C CD2 . LEU A 1 109 ? -52.490 13.447  4.568   1.00 42.35 ? 109 LEU A CD2 1 
HETATM 834 O O   . HOH B 2 .   ? -24.763 8.879   -3.103  1.00 18.71 ? 110 HOH A O   1 
HETATM 835 O O   . HOH B 2 .   ? 16.312  -5.774  -9.950  1.00 20.86 ? 111 HOH A O   1 
HETATM 836 O O   . HOH B 2 .   ? -37.667 11.577  -5.872  1.00 19.16 ? 112 HOH A O   1 
HETATM 837 O O   . HOH B 2 .   ? -35.282 18.809  -0.557  1.00 22.64 ? 113 HOH A O   1 
HETATM 838 O O   . HOH B 2 .   ? 25.023  -9.441  2.867   1.00 22.17 ? 114 HOH A O   1 
HETATM 839 O O   . HOH B 2 .   ? 29.147  -8.284  -13.712 1.00 22.31 ? 115 HOH A O   1 
HETATM 840 O O   . HOH B 2 .   ? -46.225 18.168  6.814   1.00 22.61 ? 116 HOH A O   1 
HETATM 841 O O   . HOH B 2 .   ? 18.515  -12.915 15.358  1.00 20.98 ? 117 HOH A O   1 
HETATM 842 O O   . HOH B 2 .   ? -12.727 7.877   -6.133  1.00 23.79 ? 118 HOH A O   1 
HETATM 843 O O   . HOH B 2 .   ? -39.028 17.702  10.475  1.00 22.25 ? 119 HOH A O   1 
HETATM 844 O O   . HOH B 2 .   ? 28.384  -10.278 -4.042  1.00 22.56 ? 120 HOH A O   1 
HETATM 845 O O   . HOH B 2 .   ? 14.300  -9.135  -3.523  1.00 27.27 ? 121 HOH A O   1 
HETATM 846 O O   . HOH B 2 .   ? 7.255   1.440   -6.926  1.00 22.63 ? 122 HOH A O   1 
HETATM 847 O O   . HOH B 2 .   ? -7.609  4.959   -8.604  1.00 34.34 ? 123 HOH A O   1 
HETATM 848 O O   . HOH B 2 .   ? -18.845 0.779   -2.625  1.00 24.45 ? 124 HOH A O   1 
HETATM 849 O O   . HOH B 2 .   ? -33.256 16.667  -0.574  1.00 25.00 ? 125 HOH A O   1 
HETATM 850 O O   . HOH B 2 .   ? -33.771 21.880  9.657   1.00 28.24 ? 126 HOH A O   1 
HETATM 851 O O   . HOH B 2 .   ? 16.338  -15.345 10.825  1.00 26.82 ? 127 HOH A O   1 
HETATM 852 O O   . HOH B 2 .   ? 10.144  -6.083  -7.540  1.00 33.17 ? 128 HOH A O   1 
HETATM 853 O O   . HOH B 2 .   ? 17.443  -5.868  13.737  1.00 27.06 ? 129 HOH A O   1 
HETATM 854 O O   . HOH B 2 .   ? 20.861  -11.846 -3.318  1.00 36.43 ? 130 HOH A O   1 
HETATM 855 O O   . HOH B 2 .   ? 25.297  -12.295 -5.664  1.00 31.85 ? 131 HOH A O   1 
HETATM 856 O O   . HOH B 2 .   ? -43.229 21.403  0.872   1.00 33.13 ? 132 HOH A O   1 
HETATM 857 O O   . HOH B 2 .   ? -12.603 -0.510  -0.071  1.00 30.90 ? 133 HOH A O   1 
HETATM 858 O O   . HOH B 2 .   ? 21.837  -13.755 9.272   1.00 27.74 ? 134 HOH A O   1 
HETATM 859 O O   . HOH B 2 .   ? -41.703 23.296  2.103   1.00 31.71 ? 135 HOH A O   1 
HETATM 860 O O   . HOH B 2 .   ? 27.088  -6.586  -14.116 1.00 27.55 ? 136 HOH A O   1 
HETATM 861 O O   . HOH B 2 .   ? -40.828 23.382  4.541   1.00 31.49 ? 137 HOH A O   1 
HETATM 862 O O   . HOH B 2 .   ? 7.273   0.355   -9.862  1.00 41.76 ? 138 HOH A O   1 
HETATM 863 O O   . HOH B 2 .   ? -40.247 18.352  -5.512  1.00 34.31 ? 139 HOH A O   1 
HETATM 864 O O   . HOH B 2 .   ? 3.302   -6.038  -5.921  1.00 30.20 ? 140 HOH A O   1 
HETATM 865 O O   . HOH B 2 .   ? 15.261  -3.251  -9.552  1.00 27.01 ? 141 HOH A O   1 
HETATM 866 O O   . HOH B 2 .   ? 25.349  -13.394 -9.749  1.00 42.44 ? 142 HOH A O   1 
HETATM 867 O O   . HOH B 2 .   ? 26.393  -2.291  11.536  1.00 34.49 ? 143 HOH A O   1 
HETATM 868 O O   . HOH B 2 .   ? -9.593  3.119   -9.111  1.00 33.71 ? 144 HOH A O   1 
HETATM 869 O O   . HOH B 2 .   ? 24.676  -10.479 -0.977  1.00 31.96 ? 145 HOH A O   1 
HETATM 870 O O   . HOH B 2 .   ? 36.817  -14.219 -8.532  1.00 39.77 ? 146 HOH A O   1 
HETATM 871 O O   . HOH B 2 .   ? -39.880 24.936  0.847   1.00 39.81 ? 147 HOH A O   1 
HETATM 872 O O   . HOH B 2 .   ? 26.423  -11.378 -3.144  1.00 39.39 ? 148 HOH A O   1 
HETATM 873 O O   . HOH B 2 .   ? -14.353 9.850   -7.070  1.00 35.87 ? 149 HOH A O   1 
HETATM 874 O O   . HOH B 2 .   ? -9.408  -1.086  -0.854  1.00 29.23 ? 150 HOH A O   1 
HETATM 875 O O   . HOH B 2 .   ? 25.026  -5.604  10.865  1.00 40.42 ? 151 HOH A O   1 
HETATM 876 O O   . HOH B 2 .   ? -49.122 22.760  3.963   1.00 45.36 ? 152 HOH A O   1 
HETATM 877 O O   . HOH B 2 .   ? 1.973   -6.508  6.820   1.00 34.75 ? 153 HOH A O   1 
HETATM 878 O O   . HOH B 2 .   ? -21.477 0.673   -2.187  1.00 37.28 ? 154 HOH A O   1 
HETATM 879 O O   . HOH B 2 .   ? 5.331   -0.944  -7.826  1.00 39.05 ? 155 HOH A O   1 
HETATM 880 O O   . HOH B 2 .   ? -30.273 6.418   -6.405  1.00 36.23 ? 156 HOH A O   1 
HETATM 881 O O   . HOH B 2 .   ? 25.220  0.613   10.443  1.00 33.56 ? 157 HOH A O   1 
HETATM 882 O O   . HOH B 2 .   ? 29.000  -3.123  -2.094  1.00 40.77 ? 158 HOH A O   1 
HETATM 883 O O   . HOH B 2 .   ? -3.536  -5.183  -2.759  1.00 33.41 ? 159 HOH A O   1 
HETATM 884 O O   . HOH B 2 .   ? 11.035  -5.016  7.379   1.00 38.92 ? 160 HOH A O   1 
HETATM 885 O O   . HOH B 2 .   ? 31.633  -12.333 -0.940  1.00 38.02 ? 161 HOH A O   1 
HETATM 886 O O   . HOH B 2 .   ? -29.729 17.626  4.459   1.00 29.25 ? 162 HOH A O   1 
HETATM 887 O O   . HOH B 2 .   ? 27.651  -5.131  -17.193 1.00 45.50 ? 163 HOH A O   1 
HETATM 888 O O   . HOH B 2 .   ? 23.150  -11.701 14.460  1.00 36.92 ? 164 HOH A O   1 
HETATM 889 O O   . HOH B 2 .   ? -16.527 2.369   -9.420  1.00 36.20 ? 165 HOH A O   1 
HETATM 890 O O   . HOH B 2 .   ? 15.907  -10.925 -7.228  1.00 34.43 ? 166 HOH A O   1 
HETATM 891 O O   . HOH B 2 .   ? 34.689  -12.164 -2.847  1.00 39.10 ? 167 HOH A O   1 
HETATM 892 O O   . HOH B 2 .   ? 13.842  -6.636  -10.827 1.00 40.90 ? 168 HOH A O   1 
HETATM 893 O O   . HOH B 2 .   ? 35.817  -12.323 0.236   1.00 45.81 ? 169 HOH A O   1 
HETATM 894 O O   . HOH B 2 .   ? -31.550 21.273  10.947  1.00 42.39 ? 170 HOH A O   1 
HETATM 895 O O   . HOH B 2 .   ? -30.512 13.548  11.412  1.00 38.62 ? 171 HOH A O   1 
HETATM 896 O O   . HOH B 2 .   ? 0.308   -6.210  -6.658  1.00 47.99 ? 172 HOH A O   1 
HETATM 897 O O   . HOH B 2 .   ? 25.292  -4.351  -17.201 1.00 39.18 ? 173 HOH A O   1 
HETATM 898 O O   . HOH B 2 .   ? 15.519  -4.565  12.415  1.00 48.21 ? 174 HOH A O   1 
HETATM 899 O O   . HOH B 2 .   ? -46.347 17.505  10.078  1.00 36.99 ? 175 HOH A O   1 
HETATM 900 O O   . HOH B 2 .   ? -25.144 10.334  -6.550  1.00 35.96 ? 176 HOH A O   1 
HETATM 901 O O   . HOH B 2 .   ? 29.963  -12.811 4.308   1.00 36.33 ? 177 HOH A O   1 
HETATM 902 O O   . HOH B 2 .   ? -31.007 18.257  -0.837  1.00 44.07 ? 178 HOH A O   1 
HETATM 903 O O   . HOH B 2 .   ? -7.393  -2.919  -7.408  1.00 42.13 ? 179 HOH A O   1 
HETATM 904 O O   . HOH B 2 .   ? -29.071 12.178  8.814   1.00 41.98 ? 180 HOH A O   1 
HETATM 905 O O   . HOH B 2 .   ? 37.705  -7.793  9.691   1.00 46.38 ? 181 HOH A O   1 
HETATM 906 O O   . HOH B 2 .   ? 23.836  -6.834  17.189  1.00 44.50 ? 182 HOH A O   1 
HETATM 907 O O   . HOH B 2 .   ? -29.542 7.923   2.252   0.33 25.67 ? 183 HOH A O   1 
# 
loop_
_pdbx_poly_seq_scheme.asym_id 
_pdbx_poly_seq_scheme.entity_id 
_pdbx_poly_seq_scheme.seq_id 
_pdbx_poly_seq_scheme.mon_id 
_pdbx_poly_seq_scheme.ndb_seq_num 
_pdbx_poly_seq_scheme.pdb_seq_num 
_pdbx_poly_seq_scheme.auth_seq_num 
_pdbx_poly_seq_scheme.pdb_mon_id 
_pdbx_poly_seq_scheme.auth_mon_id 
_pdbx_poly_seq_scheme.pdb_strand_id 
_pdbx_poly_seq_scheme.pdb_ins_code 
_pdbx_poly_seq_scheme.hetero 
A 1 1   ALA 1   1   ?   ?   ?   A . n 
A 1 2   ASP 2   2   2   ASP ASP A . n 
A 1 3   ILE 3   3   3   ILE ILE A . n 
A 1 4   VAL 4   4   4   VAL VAL A . n 
A 1 5   LEU 5   5   5   LEU LEU A . n 
A 1 6   ASN 6   6   6   ASN ASN A . n 
A 1 7   ASP 7   7   7   ASP ASP A . n 
A 1 8   LEU 8   8   8   LEU LEU A . n 
A 1 9   PRO 9   9   9   PRO PRO A . n 
A 1 10  PHE 10  10  10  PHE PHE A . n 
A 1 11  VAL 11  11  11  VAL VAL A . n 
A 1 12  ASP 12  12  12  ASP ASP A . n 
A 1 13  GLY 13  13  13  GLY GLY A . n 
A 1 14  PRO 14  14  14  PRO PRO A . n 
A 1 15  PRO 15  15  15  PRO PRO A . n 
A 1 16  ALA 16  16  16  ALA ALA A . n 
A 1 17  GLU 17  17  17  GLU GLU A . n 
A 1 18  GLY 18  18  18  GLY GLY A . n 
A 1 19  GLN 19  19  19  GLN GLN A . n 
A 1 20  SER 20  20  20  SER SER A . n 
A 1 21  ARG 21  21  21  ARG ARG A . n 
A 1 22  ILE 22  22  22  ILE ILE A . n 
A 1 23  SER 23  23  23  SER SER A . n 
A 1 24  TRP 24  24  24  TRP TRP A . n 
A 1 25  ILE 25  25  25  ILE ILE A . n 
A 1 26  LYS 26  26  26  LYS LYS A . n 
A 1 27  ASN 27  27  27  ASN ASN A . n 
A 1 28  GLY 28  28  28  GLY GLY A . n 
A 1 29  GLU 29  29  29  GLU GLU A . n 
A 1 30  GLU 30  30  30  GLU GLU A . n 
A 1 31  ILE 31  31  31  ILE ILE A . n 
A 1 32  LEU 32  32  32  LEU LEU A . n 
A 1 33  GLY 33  33  33  GLY GLY A . n 
A 1 34  ALA 34  34  34  ALA ALA A . n 
A 1 35  ASP 35  35  35  ASP ASP A . n 
A 1 36  THR 36  36  36  THR THR A . n 
A 1 37  GLN 37  37  37  GLN GLN A . n 
A 1 38  TYR 38  38  38  TYR TYR A . n 
A 1 39  GLY 39  39  39  GLY GLY A . n 
A 1 40  SER 40  40  40  SER SER A . n 
A 1 41  GLU 41  41  41  GLU GLU A . n 
A 1 42  GLY 42  42  42  GLY GLY A . n 
A 1 43  SER 43  43  43  SER SER A . n 
A 1 44  MET 44  44  44  MET MET A . n 
A 1 45  ASN 45  45  45  ASN ASN A . n 
A 1 46  ARG 46  46  46  ARG ARG A . n 
A 1 47  PRO 47  47  47  PRO PRO A . n 
A 1 48  THR 48  48  48  THR THR A . n 
A 1 49  VAL 49  49  49  VAL VAL A . n 
A 1 50  SER 50  50  50  SER SER A . n 
A 1 51  VAL 51  51  51  VAL VAL A . n 
A 1 52  LEU 52  52  52  LEU LEU A . n 
A 1 53  ARG 53  53  53  ARG ARG A . n 
A 1 54  ASN 54  54  54  ASN ASN A . n 
A 1 55  VAL 55  55  55  VAL VAL A . n 
A 1 56  GLU 56  56  56  GLU GLU A . n 
A 1 57  VAL 57  57  57  VAL VAL A . n 
A 1 58  LEU 58  58  58  LEU LEU A . n 
A 1 59  ASP 59  59  59  ASP ASP A . n 
A 1 60  LYS 60  60  60  LYS LYS A . n 
A 1 61  ASN 61  61  61  ASN ASN A . n 
A 1 62  ILE 62  62  62  ILE ILE A . n 
A 1 63  GLY 63  63  63  GLY GLY A . n 
A 1 64  ILE 64  64  64  ILE ILE A . n 
A 1 65  LEU 65  65  65  LEU LEU A . n 
A 1 66  LYS 66  66  66  LYS LYS A . n 
A 1 67  THR 67  67  67  THR THR A . n 
A 1 68  SER 68  68  68  SER SER A . n 
A 1 69  LEU 69  69  69  LEU LEU A . n 
A 1 70  GLU 70  70  70  GLU GLU A . n 
A 1 71  THR 71  71  71  THR THR A . n 
A 1 72  ALA 72  72  72  ALA ALA A . n 
A 1 73  ASN 73  73  73  ASN ASN A . n 
A 1 74  SER 74  74  74  SER SER A . n 
A 1 75  ASP 75  75  75  ASP ASP A . n 
A 1 76  ILE 76  76  76  ILE ILE A . n 
A 1 77  LYS 77  77  77  LYS LYS A . n 
A 1 78  THR 78  78  78  THR THR A . n 
A 1 79  ILE 79  79  79  ILE ILE A . n 
A 1 80  GLN 80  80  80  GLN GLN A . n 
A 1 81  GLU 81  81  81  GLU GLU A . n 
A 1 82  ALA 82  82  82  ALA ALA A . n 
A 1 83  GLY 83  83  83  GLY GLY A . n 
A 1 84  TYR 84  84  84  TYR TYR A . n 
A 1 85  ILE 85  85  85  ILE ILE A . n 
A 1 86  PRO 86  86  86  PRO PRO A . n 
A 1 87  GLU 87  87  87  GLU GLU A . n 
A 1 88  ALA 88  88  88  ALA ALA A . n 
A 1 89  PRO 89  89  89  PRO PRO A . n 
A 1 90  ARG 90  90  90  ARG ARG A . n 
A 1 91  ASP 91  91  91  ASP ASP A . n 
A 1 92  GLY 92  92  92  GLY GLY A . n 
A 1 93  GLN 93  93  93  GLN GLN A . n 
A 1 94  ALA 94  94  94  ALA ALA A . n 
A 1 95  TYR 95  95  95  TYR TYR A . n 
A 1 96  VAL 96  96  96  VAL VAL A . n 
A 1 97  ARG 97  97  97  ARG ARG A . n 
A 1 98  LYS 98  98  98  LYS LYS A . n 
A 1 99  ASP 99  99  99  ASP ASP A . n 
A 1 100 GLY 100 100 100 GLY GLY A . n 
A 1 101 GLU 101 101 101 GLU GLU A . n 
A 1 102 TRP 102 102 102 TRP TRP A . n 
A 1 103 VAL 103 103 103 VAL VAL A . n 
A 1 104 LEU 104 104 104 LEU LEU A . n 
A 1 105 LEU 105 105 105 LEU LEU A . n 
A 1 106 SER 106 106 106 SER SER A . n 
A 1 107 THR 107 107 107 THR THR A . n 
A 1 108 PHE 108 108 108 PHE PHE A . n 
A 1 109 LEU 109 109 109 LEU LEU A . n 
# 
loop_
_pdbx_nonpoly_scheme.asym_id 
_pdbx_nonpoly_scheme.entity_id 
_pdbx_nonpoly_scheme.mon_id 
_pdbx_nonpoly_scheme.ndb_seq_num 
_pdbx_nonpoly_scheme.pdb_seq_num 
_pdbx_nonpoly_scheme.auth_seq_num 
_pdbx_nonpoly_scheme.pdb_mon_id 
_pdbx_nonpoly_scheme.auth_mon_id 
_pdbx_nonpoly_scheme.pdb_strand_id 
_pdbx_nonpoly_scheme.pdb_ins_code 
B 2 HOH 1  110 110 HOH TIP A . 
B 2 HOH 2  111 111 HOH TIP A . 
B 2 HOH 3  112 112 HOH TIP A . 
B 2 HOH 4  113 113 HOH TIP A . 
B 2 HOH 5  114 114 HOH TIP A . 
B 2 HOH 6  115 115 HOH TIP A . 
B 2 HOH 7  116 116 HOH TIP A . 
B 2 HOH 8  117 117 HOH TIP A . 
B 2 HOH 9  118 118 HOH TIP A . 
B 2 HOH 10 119 119 HOH TIP A . 
B 2 HOH 11 120 120 HOH TIP A . 
B 2 HOH 12 121 121 HOH TIP A . 
B 2 HOH 13 122 122 HOH TIP A . 
B 2 HOH 14 123 123 HOH TIP A . 
B 2 HOH 15 124 124 HOH TIP A . 
B 2 HOH 16 125 125 HOH TIP A . 
B 2 HOH 17 126 126 HOH TIP A . 
B 2 HOH 18 127 127 HOH TIP A . 
B 2 HOH 19 128 128 HOH TIP A . 
B 2 HOH 20 129 129 HOH TIP A . 
B 2 HOH 21 130 130 HOH TIP A . 
B 2 HOH 22 131 131 HOH TIP A . 
B 2 HOH 23 132 132 HOH TIP A . 
B 2 HOH 24 133 133 HOH TIP A . 
B 2 HOH 25 134 134 HOH TIP A . 
B 2 HOH 26 135 135 HOH TIP A . 
B 2 HOH 27 136 136 HOH TIP A . 
B 2 HOH 28 137 137 HOH TIP A . 
B 2 HOH 29 138 138 HOH TIP A . 
B 2 HOH 30 139 139 HOH TIP A . 
B 2 HOH 31 140 140 HOH TIP A . 
B 2 HOH 32 141 141 HOH TIP A . 
B 2 HOH 33 142 142 HOH TIP A . 
B 2 HOH 34 143 143 HOH TIP A . 
B 2 HOH 35 144 144 HOH TIP A . 
B 2 HOH 36 145 145 HOH TIP A . 
B 2 HOH 37 146 146 HOH TIP A . 
B 2 HOH 38 147 147 HOH TIP A . 
B 2 HOH 39 148 148 HOH TIP A . 
B 2 HOH 40 149 149 HOH TIP A . 
B 2 HOH 41 150 150 HOH TIP A . 
B 2 HOH 42 151 151 HOH TIP A . 
B 2 HOH 43 152 152 HOH TIP A . 
B 2 HOH 44 153 153 HOH TIP A . 
B 2 HOH 45 154 154 HOH TIP A . 
B 2 HOH 46 155 155 HOH TIP A . 
B 2 HOH 47 156 156 HOH TIP A . 
B 2 HOH 48 157 157 HOH TIP A . 
B 2 HOH 49 158 158 HOH TIP A . 
B 2 HOH 50 159 159 HOH TIP A . 
B 2 HOH 51 160 160 HOH TIP A . 
B 2 HOH 52 161 161 HOH TIP A . 
B 2 HOH 53 162 162 HOH TIP A . 
B 2 HOH 54 163 163 HOH TIP A . 
B 2 HOH 55 164 164 HOH TIP A . 
B 2 HOH 56 165 165 HOH TIP A . 
B 2 HOH 57 166 166 HOH TIP A . 
B 2 HOH 58 167 167 HOH TIP A . 
B 2 HOH 59 168 168 HOH TIP A . 
B 2 HOH 60 169 169 HOH TIP A . 
B 2 HOH 61 170 170 HOH TIP A . 
B 2 HOH 62 171 171 HOH TIP A . 
B 2 HOH 63 172 172 HOH TIP A . 
B 2 HOH 64 173 173 HOH TIP A . 
B 2 HOH 65 174 174 HOH TIP A . 
B 2 HOH 66 175 175 HOH TIP A . 
B 2 HOH 67 176 176 HOH TIP A . 
B 2 HOH 68 177 177 HOH TIP A . 
B 2 HOH 69 178 178 HOH TIP A . 
B 2 HOH 70 179 179 HOH TIP A . 
B 2 HOH 71 180 180 HOH TIP A . 
B 2 HOH 72 181 181 HOH TIP A . 
B 2 HOH 73 182 182 HOH TIP A . 
B 2 HOH 74 183 183 HOH TIP A . 
# 
_pdbx_struct_assembly.id                   1 
_pdbx_struct_assembly.details              author_and_software_defined_assembly 
_pdbx_struct_assembly.method_details       PISA,PQS 
_pdbx_struct_assembly.oligomeric_details   trimeric 
_pdbx_struct_assembly.oligomeric_count     3 
# 
_pdbx_struct_assembly_gen.assembly_id       1 
_pdbx_struct_assembly_gen.oper_expression   1,2,3 
_pdbx_struct_assembly_gen.asym_id_list      A,B 
# 
loop_
_pdbx_struct_assembly_prop.biol_id 
_pdbx_struct_assembly_prop.type 
_pdbx_struct_assembly_prop.value 
_pdbx_struct_assembly_prop.details 
1 'ABSA (A^2)' 10560 ? 
1 MORE         -81   ? 
1 'SSA (A^2)'  16140 ? 
# 
loop_
_pdbx_struct_oper_list.id 
_pdbx_struct_oper_list.type 
_pdbx_struct_oper_list.name 
_pdbx_struct_oper_list.symmetry_operation 
_pdbx_struct_oper_list.matrix[1][1] 
_pdbx_struct_oper_list.matrix[1][2] 
_pdbx_struct_oper_list.matrix[1][3] 
_pdbx_struct_oper_list.vector[1] 
_pdbx_struct_oper_list.matrix[2][1] 
_pdbx_struct_oper_list.matrix[2][2] 
_pdbx_struct_oper_list.matrix[2][3] 
_pdbx_struct_oper_list.vector[2] 
_pdbx_struct_oper_list.matrix[3][1] 
_pdbx_struct_oper_list.matrix[3][2] 
_pdbx_struct_oper_list.matrix[3][3] 
_pdbx_struct_oper_list.vector[3] 
1 'identity operation'         1_555 x,y,z        1.0000000000 0.0000000000  0.0000000000  0.0000000000 0.0000000000  1.0000000000  0.0000000000  0.0000000000 0.0000000000  0.0000000000  1.0000000000  0.0000000000  
2 'crystal symmetry operation' 2_665 -y+1,x-y+1,z 0.9602150923 -0.1373646051 -0.2431418140 0.4628009290 -0.2792607235 -0.4702823465 -0.8371666279 5.2772151750 0.0006517604  0.8717599898  -0.4899327458 -3.4931070022 
3 'crystal symmetry operation' 3_565 -x+y,-x+1,z  0.9602150923 -0.2792607235 0.0006517604  1.0316071601 -0.1373646051 -0.4702823465 0.8717599898  5.5905045274 -0.2431418140 -0.8371666279 -0.4899327458 2.8190471861 
# 
_pdbx_struct_special_symmetry.id              1 
_pdbx_struct_special_symmetry.PDB_model_num   1 
_pdbx_struct_special_symmetry.auth_asym_id    A 
_pdbx_struct_special_symmetry.auth_comp_id    HOH 
_pdbx_struct_special_symmetry.auth_seq_id     183 
_pdbx_struct_special_symmetry.PDB_ins_code    ? 
_pdbx_struct_special_symmetry.label_asym_id   B 
_pdbx_struct_special_symmetry.label_comp_id   HOH 
_pdbx_struct_special_symmetry.label_seq_id    . 
# 
loop_
_pdbx_audit_revision_history.ordinal 
_pdbx_audit_revision_history.data_content_type 
_pdbx_audit_revision_history.major_revision 
_pdbx_audit_revision_history.minor_revision 
_pdbx_audit_revision_history.revision_date 
1 'Structure model' 1 0 2004-04-13 
2 'Structure model' 1 1 2008-04-29 
3 'Structure model' 1 2 2011-07-13 
4 'Structure model' 1 3 2011-11-16 
5 'Structure model' 1 4 2017-06-28 
6 'Structure model' 1 5 2023-08-16 
# 
_pdbx_audit_revision_details.ordinal             1 
_pdbx_audit_revision_details.revision_ordinal    1 
_pdbx_audit_revision_details.data_content_type   'Structure model' 
_pdbx_audit_revision_details.provider            repository 
_pdbx_audit_revision_details.type                'Initial release' 
_pdbx_audit_revision_details.description         ? 
_pdbx_audit_revision_details.details             ? 
# 
loop_
_pdbx_audit_revision_group.ordinal 
_pdbx_audit_revision_group.revision_ordinal 
_pdbx_audit_revision_group.data_content_type 
_pdbx_audit_revision_group.group 
1  2 'Structure model' 'Version format compliance' 
2  3 'Structure model' 'Derived calculations'      
3  3 'Structure model' 'Version format compliance' 
4  4 'Structure model' 'Atomic model'              
5  5 'Structure model' Advisory                    
6  5 'Structure model' 'Database references'       
7  5 'Structure model' 'Source and taxonomy'       
8  5 'Structure model' 'Structure summary'         
9  6 'Structure model' 'Data collection'           
10 6 'Structure model' 'Database references'       
11 6 'Structure model' 'Refinement description'    
# 
loop_
_pdbx_audit_revision_category.ordinal 
_pdbx_audit_revision_category.revision_ordinal 
_pdbx_audit_revision_category.data_content_type 
_pdbx_audit_revision_category.category 
1  5 'Structure model' entity                        
2  5 'Structure model' entity_name_com               
3  5 'Structure model' entity_src_gen                
4  5 'Structure model' pdbx_distant_solvent_atoms    
5  5 'Structure model' struct_ref                    
6  5 'Structure model' struct_ref_seq                
7  5 'Structure model' struct_ref_seq_dif            
8  6 'Structure model' chem_comp_atom                
9  6 'Structure model' chem_comp_bond                
10 6 'Structure model' database_2                    
11 6 'Structure model' pdbx_initial_refinement_model 
# 
loop_
_pdbx_audit_revision_item.ordinal 
_pdbx_audit_revision_item.revision_ordinal 
_pdbx_audit_revision_item.data_content_type 
_pdbx_audit_revision_item.item 
1  5 'Structure model' '_entity.pdbx_fragment'                
2  5 'Structure model' '_entity_name_com.name'                
3  5 'Structure model' '_struct_ref.db_code'                  
4  5 'Structure model' '_struct_ref.db_name'                  
5  5 'Structure model' '_struct_ref.pdbx_align_begin'         
6  5 'Structure model' '_struct_ref.pdbx_db_accession'        
7  5 'Structure model' '_struct_ref.pdbx_seq_one_letter_code' 
8  5 'Structure model' '_struct_ref_seq.db_align_beg'         
9  5 'Structure model' '_struct_ref_seq.db_align_end'         
10 5 'Structure model' '_struct_ref_seq.pdbx_db_accession'    
11 6 'Structure model' '_database_2.pdbx_DOI'                 
12 6 'Structure model' '_database_2.pdbx_database_accession'  
# 
loop_
_software.name 
_software.classification 
_software.version 
_software.citation_id 
_software.pdbx_ordinal 
CNS    refinement       1.1       ? 1 
MOSFLM 'data reduction' .         ? 2 
CCP4   'data scaling'   '(SCALA)' ? 3 
AMoRE  phasing          .         ? 4 
# 
loop_
_pdbx_validate_torsion.id 
_pdbx_validate_torsion.PDB_model_num 
_pdbx_validate_torsion.auth_comp_id 
_pdbx_validate_torsion.auth_asym_id 
_pdbx_validate_torsion.auth_seq_id 
_pdbx_validate_torsion.PDB_ins_code 
_pdbx_validate_torsion.label_alt_id 
_pdbx_validate_torsion.phi 
_pdbx_validate_torsion.psi 
1 1 ASP A 12 ? ? -100.46 66.71 
2 1 ARG A 90 ? ? -111.20 79.78 
# 
_pdbx_distant_solvent_atoms.id                                1 
_pdbx_distant_solvent_atoms.PDB_model_num                     1 
_pdbx_distant_solvent_atoms.auth_atom_id                      O 
_pdbx_distant_solvent_atoms.label_alt_id                      ? 
_pdbx_distant_solvent_atoms.auth_asym_id                      A 
_pdbx_distant_solvent_atoms.auth_comp_id                      HOH 
_pdbx_distant_solvent_atoms.auth_seq_id                       147 
_pdbx_distant_solvent_atoms.PDB_ins_code                      ? 
_pdbx_distant_solvent_atoms.neighbor_macromolecule_distance   6.09 
_pdbx_distant_solvent_atoms.neighbor_ligand_distance          . 
# 
_pdbx_unobs_or_zero_occ_residues.id               1 
_pdbx_unobs_or_zero_occ_residues.PDB_model_num    1 
_pdbx_unobs_or_zero_occ_residues.polymer_flag     Y 
_pdbx_unobs_or_zero_occ_residues.occupancy_flag   1 
_pdbx_unobs_or_zero_occ_residues.auth_asym_id     A 
_pdbx_unobs_or_zero_occ_residues.auth_comp_id     ALA 
_pdbx_unobs_or_zero_occ_residues.auth_seq_id      1 
_pdbx_unobs_or_zero_occ_residues.PDB_ins_code     ? 
_pdbx_unobs_or_zero_occ_residues.label_asym_id    A 
_pdbx_unobs_or_zero_occ_residues.label_comp_id    ALA 
_pdbx_unobs_or_zero_occ_residues.label_seq_id     1 
# 
loop_
_chem_comp_atom.comp_id 
_chem_comp_atom.atom_id 
_chem_comp_atom.type_symbol 
_chem_comp_atom.pdbx_aromatic_flag 
_chem_comp_atom.pdbx_stereo_config 
_chem_comp_atom.pdbx_ordinal 
ALA N    N N N 1   
ALA CA   C N S 2   
ALA C    C N N 3   
ALA O    O N N 4   
ALA CB   C N N 5   
ALA OXT  O N N 6   
ALA H    H N N 7   
ALA H2   H N N 8   
ALA HA   H N N 9   
ALA HB1  H N N 10  
ALA HB2  H N N 11  
ALA HB3  H N N 12  
ALA HXT  H N N 13  
ARG N    N N N 14  
ARG CA   C N S 15  
ARG C    C N N 16  
ARG O    O N N 17  
ARG CB   C N N 18  
ARG CG   C N N 19  
ARG CD   C N N 20  
ARG NE   N N N 21  
ARG CZ   C N N 22  
ARG NH1  N N N 23  
ARG NH2  N N N 24  
ARG OXT  O N N 25  
ARG H    H N N 26  
ARG H2   H N N 27  
ARG HA   H N N 28  
ARG HB2  H N N 29  
ARG HB3  H N N 30  
ARG HG2  H N N 31  
ARG HG3  H N N 32  
ARG HD2  H N N 33  
ARG HD3  H N N 34  
ARG HE   H N N 35  
ARG HH11 H N N 36  
ARG HH12 H N N 37  
ARG HH21 H N N 38  
ARG HH22 H N N 39  
ARG HXT  H N N 40  
ASN N    N N N 41  
ASN CA   C N S 42  
ASN C    C N N 43  
ASN O    O N N 44  
ASN CB   C N N 45  
ASN CG   C N N 46  
ASN OD1  O N N 47  
ASN ND2  N N N 48  
ASN OXT  O N N 49  
ASN H    H N N 50  
ASN H2   H N N 51  
ASN HA   H N N 52  
ASN HB2  H N N 53  
ASN HB3  H N N 54  
ASN HD21 H N N 55  
ASN HD22 H N N 56  
ASN HXT  H N N 57  
ASP N    N N N 58  
ASP CA   C N S 59  
ASP C    C N N 60  
ASP O    O N N 61  
ASP CB   C N N 62  
ASP CG   C N N 63  
ASP OD1  O N N 64  
ASP OD2  O N N 65  
ASP OXT  O N N 66  
ASP H    H N N 67  
ASP H2   H N N 68  
ASP HA   H N N 69  
ASP HB2  H N N 70  
ASP HB3  H N N 71  
ASP HD2  H N N 72  
ASP HXT  H N N 73  
GLN N    N N N 74  
GLN CA   C N S 75  
GLN C    C N N 76  
GLN O    O N N 77  
GLN CB   C N N 78  
GLN CG   C N N 79  
GLN CD   C N N 80  
GLN OE1  O N N 81  
GLN NE2  N N N 82  
GLN OXT  O N N 83  
GLN H    H N N 84  
GLN H2   H N N 85  
GLN HA   H N N 86  
GLN HB2  H N N 87  
GLN HB3  H N N 88  
GLN HG2  H N N 89  
GLN HG3  H N N 90  
GLN HE21 H N N 91  
GLN HE22 H N N 92  
GLN HXT  H N N 93  
GLU N    N N N 94  
GLU CA   C N S 95  
GLU C    C N N 96  
GLU O    O N N 97  
GLU CB   C N N 98  
GLU CG   C N N 99  
GLU CD   C N N 100 
GLU OE1  O N N 101 
GLU OE2  O N N 102 
GLU OXT  O N N 103 
GLU H    H N N 104 
GLU H2   H N N 105 
GLU HA   H N N 106 
GLU HB2  H N N 107 
GLU HB3  H N N 108 
GLU HG2  H N N 109 
GLU HG3  H N N 110 
GLU HE2  H N N 111 
GLU HXT  H N N 112 
GLY N    N N N 113 
GLY CA   C N N 114 
GLY C    C N N 115 
GLY O    O N N 116 
GLY OXT  O N N 117 
GLY H    H N N 118 
GLY H2   H N N 119 
GLY HA2  H N N 120 
GLY HA3  H N N 121 
GLY HXT  H N N 122 
HOH O    O N N 123 
HOH H1   H N N 124 
HOH H2   H N N 125 
ILE N    N N N 126 
ILE CA   C N S 127 
ILE C    C N N 128 
ILE O    O N N 129 
ILE CB   C N S 130 
ILE CG1  C N N 131 
ILE CG2  C N N 132 
ILE CD1  C N N 133 
ILE OXT  O N N 134 
ILE H    H N N 135 
ILE H2   H N N 136 
ILE HA   H N N 137 
ILE HB   H N N 138 
ILE HG12 H N N 139 
ILE HG13 H N N 140 
ILE HG21 H N N 141 
ILE HG22 H N N 142 
ILE HG23 H N N 143 
ILE HD11 H N N 144 
ILE HD12 H N N 145 
ILE HD13 H N N 146 
ILE HXT  H N N 147 
LEU N    N N N 148 
LEU CA   C N S 149 
LEU C    C N N 150 
LEU O    O N N 151 
LEU CB   C N N 152 
LEU CG   C N N 153 
LEU CD1  C N N 154 
LEU CD2  C N N 155 
LEU OXT  O N N 156 
LEU H    H N N 157 
LEU H2   H N N 158 
LEU HA   H N N 159 
LEU HB2  H N N 160 
LEU HB3  H N N 161 
LEU HG   H N N 162 
LEU HD11 H N N 163 
LEU HD12 H N N 164 
LEU HD13 H N N 165 
LEU HD21 H N N 166 
LEU HD22 H N N 167 
LEU HD23 H N N 168 
LEU HXT  H N N 169 
LYS N    N N N 170 
LYS CA   C N S 171 
LYS C    C N N 172 
LYS O    O N N 173 
LYS CB   C N N 174 
LYS CG   C N N 175 
LYS CD   C N N 176 
LYS CE   C N N 177 
LYS NZ   N N N 178 
LYS OXT  O N N 179 
LYS H    H N N 180 
LYS H2   H N N 181 
LYS HA   H N N 182 
LYS HB2  H N N 183 
LYS HB3  H N N 184 
LYS HG2  H N N 185 
LYS HG3  H N N 186 
LYS HD2  H N N 187 
LYS HD3  H N N 188 
LYS HE2  H N N 189 
LYS HE3  H N N 190 
LYS HZ1  H N N 191 
LYS HZ2  H N N 192 
LYS HZ3  H N N 193 
LYS HXT  H N N 194 
MET N    N N N 195 
MET CA   C N S 196 
MET C    C N N 197 
MET O    O N N 198 
MET CB   C N N 199 
MET CG   C N N 200 
MET SD   S N N 201 
MET CE   C N N 202 
MET OXT  O N N 203 
MET H    H N N 204 
MET H2   H N N 205 
MET HA   H N N 206 
MET HB2  H N N 207 
MET HB3  H N N 208 
MET HG2  H N N 209 
MET HG3  H N N 210 
MET HE1  H N N 211 
MET HE2  H N N 212 
MET HE3  H N N 213 
MET HXT  H N N 214 
PHE N    N N N 215 
PHE CA   C N S 216 
PHE C    C N N 217 
PHE O    O N N 218 
PHE CB   C N N 219 
PHE CG   C Y N 220 
PHE CD1  C Y N 221 
PHE CD2  C Y N 222 
PHE CE1  C Y N 223 
PHE CE2  C Y N 224 
PHE CZ   C Y N 225 
PHE OXT  O N N 226 
PHE H    H N N 227 
PHE H2   H N N 228 
PHE HA   H N N 229 
PHE HB2  H N N 230 
PHE HB3  H N N 231 
PHE HD1  H N N 232 
PHE HD2  H N N 233 
PHE HE1  H N N 234 
PHE HE2  H N N 235 
PHE HZ   H N N 236 
PHE HXT  H N N 237 
PRO N    N N N 238 
PRO CA   C N S 239 
PRO C    C N N 240 
PRO O    O N N 241 
PRO CB   C N N 242 
PRO CG   C N N 243 
PRO CD   C N N 244 
PRO OXT  O N N 245 
PRO H    H N N 246 
PRO HA   H N N 247 
PRO HB2  H N N 248 
PRO HB3  H N N 249 
PRO HG2  H N N 250 
PRO HG3  H N N 251 
PRO HD2  H N N 252 
PRO HD3  H N N 253 
PRO HXT  H N N 254 
SER N    N N N 255 
SER CA   C N S 256 
SER C    C N N 257 
SER O    O N N 258 
SER CB   C N N 259 
SER OG   O N N 260 
SER OXT  O N N 261 
SER H    H N N 262 
SER H2   H N N 263 
SER HA   H N N 264 
SER HB2  H N N 265 
SER HB3  H N N 266 
SER HG   H N N 267 
SER HXT  H N N 268 
THR N    N N N 269 
THR CA   C N S 270 
THR C    C N N 271 
THR O    O N N 272 
THR CB   C N R 273 
THR OG1  O N N 274 
THR CG2  C N N 275 
THR OXT  O N N 276 
THR H    H N N 277 
THR H2   H N N 278 
THR HA   H N N 279 
THR HB   H N N 280 
THR HG1  H N N 281 
THR HG21 H N N 282 
THR HG22 H N N 283 
THR HG23 H N N 284 
THR HXT  H N N 285 
TRP N    N N N 286 
TRP CA   C N S 287 
TRP C    C N N 288 
TRP O    O N N 289 
TRP CB   C N N 290 
TRP CG   C Y N 291 
TRP CD1  C Y N 292 
TRP CD2  C Y N 293 
TRP NE1  N Y N 294 
TRP CE2  C Y N 295 
TRP CE3  C Y N 296 
TRP CZ2  C Y N 297 
TRP CZ3  C Y N 298 
TRP CH2  C Y N 299 
TRP OXT  O N N 300 
TRP H    H N N 301 
TRP H2   H N N 302 
TRP HA   H N N 303 
TRP HB2  H N N 304 
TRP HB3  H N N 305 
TRP HD1  H N N 306 
TRP HE1  H N N 307 
TRP HE3  H N N 308 
TRP HZ2  H N N 309 
TRP HZ3  H N N 310 
TRP HH2  H N N 311 
TRP HXT  H N N 312 
TYR N    N N N 313 
TYR CA   C N S 314 
TYR C    C N N 315 
TYR O    O N N 316 
TYR CB   C N N 317 
TYR CG   C Y N 318 
TYR CD1  C Y N 319 
TYR CD2  C Y N 320 
TYR CE1  C Y N 321 
TYR CE2  C Y N 322 
TYR CZ   C Y N 323 
TYR OH   O N N 324 
TYR OXT  O N N 325 
TYR H    H N N 326 
TYR H2   H N N 327 
TYR HA   H N N 328 
TYR HB2  H N N 329 
TYR HB3  H N N 330 
TYR HD1  H N N 331 
TYR HD2  H N N 332 
TYR HE1  H N N 333 
TYR HE2  H N N 334 
TYR HH   H N N 335 
TYR HXT  H N N 336 
VAL N    N N N 337 
VAL CA   C N S 338 
VAL C    C N N 339 
VAL O    O N N 340 
VAL CB   C N N 341 
VAL CG1  C N N 342 
VAL CG2  C N N 343 
VAL OXT  O N N 344 
VAL H    H N N 345 
VAL H2   H N N 346 
VAL HA   H N N 347 
VAL HB   H N N 348 
VAL HG11 H N N 349 
VAL HG12 H N N 350 
VAL HG13 H N N 351 
VAL HG21 H N N 352 
VAL HG22 H N N 353 
VAL HG23 H N N 354 
VAL HXT  H N N 355 
# 
loop_
_chem_comp_bond.comp_id 
_chem_comp_bond.atom_id_1 
_chem_comp_bond.atom_id_2 
_chem_comp_bond.value_order 
_chem_comp_bond.pdbx_aromatic_flag 
_chem_comp_bond.pdbx_stereo_config 
_chem_comp_bond.pdbx_ordinal 
ALA N   CA   sing N N 1   
ALA N   H    sing N N 2   
ALA N   H2   sing N N 3   
ALA CA  C    sing N N 4   
ALA CA  CB   sing N N 5   
ALA CA  HA   sing N N 6   
ALA C   O    doub N N 7   
ALA C   OXT  sing N N 8   
ALA CB  HB1  sing N N 9   
ALA CB  HB2  sing N N 10  
ALA CB  HB3  sing N N 11  
ALA OXT HXT  sing N N 12  
ARG N   CA   sing N N 13  
ARG N   H    sing N N 14  
ARG N   H2   sing N N 15  
ARG CA  C    sing N N 16  
ARG CA  CB   sing N N 17  
ARG CA  HA   sing N N 18  
ARG C   O    doub N N 19  
ARG C   OXT  sing N N 20  
ARG CB  CG   sing N N 21  
ARG CB  HB2  sing N N 22  
ARG CB  HB3  sing N N 23  
ARG CG  CD   sing N N 24  
ARG CG  HG2  sing N N 25  
ARG CG  HG3  sing N N 26  
ARG CD  NE   sing N N 27  
ARG CD  HD2  sing N N 28  
ARG CD  HD3  sing N N 29  
ARG NE  CZ   sing N N 30  
ARG NE  HE   sing N N 31  
ARG CZ  NH1  sing N N 32  
ARG CZ  NH2  doub N N 33  
ARG NH1 HH11 sing N N 34  
ARG NH1 HH12 sing N N 35  
ARG NH2 HH21 sing N N 36  
ARG NH2 HH22 sing N N 37  
ARG OXT HXT  sing N N 38  
ASN N   CA   sing N N 39  
ASN N   H    sing N N 40  
ASN N   H2   sing N N 41  
ASN CA  C    sing N N 42  
ASN CA  CB   sing N N 43  
ASN CA  HA   sing N N 44  
ASN C   O    doub N N 45  
ASN C   OXT  sing N N 46  
ASN CB  CG   sing N N 47  
ASN CB  HB2  sing N N 48  
ASN CB  HB3  sing N N 49  
ASN CG  OD1  doub N N 50  
ASN CG  ND2  sing N N 51  
ASN ND2 HD21 sing N N 52  
ASN ND2 HD22 sing N N 53  
ASN OXT HXT  sing N N 54  
ASP N   CA   sing N N 55  
ASP N   H    sing N N 56  
ASP N   H2   sing N N 57  
ASP CA  C    sing N N 58  
ASP CA  CB   sing N N 59  
ASP CA  HA   sing N N 60  
ASP C   O    doub N N 61  
ASP C   OXT  sing N N 62  
ASP CB  CG   sing N N 63  
ASP CB  HB2  sing N N 64  
ASP CB  HB3  sing N N 65  
ASP CG  OD1  doub N N 66  
ASP CG  OD2  sing N N 67  
ASP OD2 HD2  sing N N 68  
ASP OXT HXT  sing N N 69  
GLN N   CA   sing N N 70  
GLN N   H    sing N N 71  
GLN N   H2   sing N N 72  
GLN CA  C    sing N N 73  
GLN CA  CB   sing N N 74  
GLN CA  HA   sing N N 75  
GLN C   O    doub N N 76  
GLN C   OXT  sing N N 77  
GLN CB  CG   sing N N 78  
GLN CB  HB2  sing N N 79  
GLN CB  HB3  sing N N 80  
GLN CG  CD   sing N N 81  
GLN CG  HG2  sing N N 82  
GLN CG  HG3  sing N N 83  
GLN CD  OE1  doub N N 84  
GLN CD  NE2  sing N N 85  
GLN NE2 HE21 sing N N 86  
GLN NE2 HE22 sing N N 87  
GLN OXT HXT  sing N N 88  
GLU N   CA   sing N N 89  
GLU N   H    sing N N 90  
GLU N   H2   sing N N 91  
GLU CA  C    sing N N 92  
GLU CA  CB   sing N N 93  
GLU CA  HA   sing N N 94  
GLU C   O    doub N N 95  
GLU C   OXT  sing N N 96  
GLU CB  CG   sing N N 97  
GLU CB  HB2  sing N N 98  
GLU CB  HB3  sing N N 99  
GLU CG  CD   sing N N 100 
GLU CG  HG2  sing N N 101 
GLU CG  HG3  sing N N 102 
GLU CD  OE1  doub N N 103 
GLU CD  OE2  sing N N 104 
GLU OE2 HE2  sing N N 105 
GLU OXT HXT  sing N N 106 
GLY N   CA   sing N N 107 
GLY N   H    sing N N 108 
GLY N   H2   sing N N 109 
GLY CA  C    sing N N 110 
GLY CA  HA2  sing N N 111 
GLY CA  HA3  sing N N 112 
GLY C   O    doub N N 113 
GLY C   OXT  sing N N 114 
GLY OXT HXT  sing N N 115 
HOH O   H1   sing N N 116 
HOH O   H2   sing N N 117 
ILE N   CA   sing N N 118 
ILE N   H    sing N N 119 
ILE N   H2   sing N N 120 
ILE CA  C    sing N N 121 
ILE CA  CB   sing N N 122 
ILE CA  HA   sing N N 123 
ILE C   O    doub N N 124 
ILE C   OXT  sing N N 125 
ILE CB  CG1  sing N N 126 
ILE CB  CG2  sing N N 127 
ILE CB  HB   sing N N 128 
ILE CG1 CD1  sing N N 129 
ILE CG1 HG12 sing N N 130 
ILE CG1 HG13 sing N N 131 
ILE CG2 HG21 sing N N 132 
ILE CG2 HG22 sing N N 133 
ILE CG2 HG23 sing N N 134 
ILE CD1 HD11 sing N N 135 
ILE CD1 HD12 sing N N 136 
ILE CD1 HD13 sing N N 137 
ILE OXT HXT  sing N N 138 
LEU N   CA   sing N N 139 
LEU N   H    sing N N 140 
LEU N   H2   sing N N 141 
LEU CA  C    sing N N 142 
LEU CA  CB   sing N N 143 
LEU CA  HA   sing N N 144 
LEU C   O    doub N N 145 
LEU C   OXT  sing N N 146 
LEU CB  CG   sing N N 147 
LEU CB  HB2  sing N N 148 
LEU CB  HB3  sing N N 149 
LEU CG  CD1  sing N N 150 
LEU CG  CD2  sing N N 151 
LEU CG  HG   sing N N 152 
LEU CD1 HD11 sing N N 153 
LEU CD1 HD12 sing N N 154 
LEU CD1 HD13 sing N N 155 
LEU CD2 HD21 sing N N 156 
LEU CD2 HD22 sing N N 157 
LEU CD2 HD23 sing N N 158 
LEU OXT HXT  sing N N 159 
LYS N   CA   sing N N 160 
LYS N   H    sing N N 161 
LYS N   H2   sing N N 162 
LYS CA  C    sing N N 163 
LYS CA  CB   sing N N 164 
LYS CA  HA   sing N N 165 
LYS C   O    doub N N 166 
LYS C   OXT  sing N N 167 
LYS CB  CG   sing N N 168 
LYS CB  HB2  sing N N 169 
LYS CB  HB3  sing N N 170 
LYS CG  CD   sing N N 171 
LYS CG  HG2  sing N N 172 
LYS CG  HG3  sing N N 173 
LYS CD  CE   sing N N 174 
LYS CD  HD2  sing N N 175 
LYS CD  HD3  sing N N 176 
LYS CE  NZ   sing N N 177 
LYS CE  HE2  sing N N 178 
LYS CE  HE3  sing N N 179 
LYS NZ  HZ1  sing N N 180 
LYS NZ  HZ2  sing N N 181 
LYS NZ  HZ3  sing N N 182 
LYS OXT HXT  sing N N 183 
MET N   CA   sing N N 184 
MET N   H    sing N N 185 
MET N   H2   sing N N 186 
MET CA  C    sing N N 187 
MET CA  CB   sing N N 188 
MET CA  HA   sing N N 189 
MET C   O    doub N N 190 
MET C   OXT  sing N N 191 
MET CB  CG   sing N N 192 
MET CB  HB2  sing N N 193 
MET CB  HB3  sing N N 194 
MET CG  SD   sing N N 195 
MET CG  HG2  sing N N 196 
MET CG  HG3  sing N N 197 
MET SD  CE   sing N N 198 
MET CE  HE1  sing N N 199 
MET CE  HE2  sing N N 200 
MET CE  HE3  sing N N 201 
MET OXT HXT  sing N N 202 
PHE N   CA   sing N N 203 
PHE N   H    sing N N 204 
PHE N   H2   sing N N 205 
PHE CA  C    sing N N 206 
PHE CA  CB   sing N N 207 
PHE CA  HA   sing N N 208 
PHE C   O    doub N N 209 
PHE C   OXT  sing N N 210 
PHE CB  CG   sing N N 211 
PHE CB  HB2  sing N N 212 
PHE CB  HB3  sing N N 213 
PHE CG  CD1  doub Y N 214 
PHE CG  CD2  sing Y N 215 
PHE CD1 CE1  sing Y N 216 
PHE CD1 HD1  sing N N 217 
PHE CD2 CE2  doub Y N 218 
PHE CD2 HD2  sing N N 219 
PHE CE1 CZ   doub Y N 220 
PHE CE1 HE1  sing N N 221 
PHE CE2 CZ   sing Y N 222 
PHE CE2 HE2  sing N N 223 
PHE CZ  HZ   sing N N 224 
PHE OXT HXT  sing N N 225 
PRO N   CA   sing N N 226 
PRO N   CD   sing N N 227 
PRO N   H    sing N N 228 
PRO CA  C    sing N N 229 
PRO CA  CB   sing N N 230 
PRO CA  HA   sing N N 231 
PRO C   O    doub N N 232 
PRO C   OXT  sing N N 233 
PRO CB  CG   sing N N 234 
PRO CB  HB2  sing N N 235 
PRO CB  HB3  sing N N 236 
PRO CG  CD   sing N N 237 
PRO CG  HG2  sing N N 238 
PRO CG  HG3  sing N N 239 
PRO CD  HD2  sing N N 240 
PRO CD  HD3  sing N N 241 
PRO OXT HXT  sing N N 242 
SER N   CA   sing N N 243 
SER N   H    sing N N 244 
SER N   H2   sing N N 245 
SER CA  C    sing N N 246 
SER CA  CB   sing N N 247 
SER CA  HA   sing N N 248 
SER C   O    doub N N 249 
SER C   OXT  sing N N 250 
SER CB  OG   sing N N 251 
SER CB  HB2  sing N N 252 
SER CB  HB3  sing N N 253 
SER OG  HG   sing N N 254 
SER OXT HXT  sing N N 255 
THR N   CA   sing N N 256 
THR N   H    sing N N 257 
THR N   H2   sing N N 258 
THR CA  C    sing N N 259 
THR CA  CB   sing N N 260 
THR CA  HA   sing N N 261 
THR C   O    doub N N 262 
THR C   OXT  sing N N 263 
THR CB  OG1  sing N N 264 
THR CB  CG2  sing N N 265 
THR CB  HB   sing N N 266 
THR OG1 HG1  sing N N 267 
THR CG2 HG21 sing N N 268 
THR CG2 HG22 sing N N 269 
THR CG2 HG23 sing N N 270 
THR OXT HXT  sing N N 271 
TRP N   CA   sing N N 272 
TRP N   H    sing N N 273 
TRP N   H2   sing N N 274 
TRP CA  C    sing N N 275 
TRP CA  CB   sing N N 276 
TRP CA  HA   sing N N 277 
TRP C   O    doub N N 278 
TRP C   OXT  sing N N 279 
TRP CB  CG   sing N N 280 
TRP CB  HB2  sing N N 281 
TRP CB  HB3  sing N N 282 
TRP CG  CD1  doub Y N 283 
TRP CG  CD2  sing Y N 284 
TRP CD1 NE1  sing Y N 285 
TRP CD1 HD1  sing N N 286 
TRP CD2 CE2  doub Y N 287 
TRP CD2 CE3  sing Y N 288 
TRP NE1 CE2  sing Y N 289 
TRP NE1 HE1  sing N N 290 
TRP CE2 CZ2  sing Y N 291 
TRP CE3 CZ3  doub Y N 292 
TRP CE3 HE3  sing N N 293 
TRP CZ2 CH2  doub Y N 294 
TRP CZ2 HZ2  sing N N 295 
TRP CZ3 CH2  sing Y N 296 
TRP CZ3 HZ3  sing N N 297 
TRP CH2 HH2  sing N N 298 
TRP OXT HXT  sing N N 299 
TYR N   CA   sing N N 300 
TYR N   H    sing N N 301 
TYR N   H2   sing N N 302 
TYR CA  C    sing N N 303 
TYR CA  CB   sing N N 304 
TYR CA  HA   sing N N 305 
TYR C   O    doub N N 306 
TYR C   OXT  sing N N 307 
TYR CB  CG   sing N N 308 
TYR CB  HB2  sing N N 309 
TYR CB  HB3  sing N N 310 
TYR CG  CD1  doub Y N 311 
TYR CG  CD2  sing Y N 312 
TYR CD1 CE1  sing Y N 313 
TYR CD1 HD1  sing N N 314 
TYR CD2 CE2  doub Y N 315 
TYR CD2 HD2  sing N N 316 
TYR CE1 CZ   doub Y N 317 
TYR CE1 HE1  sing N N 318 
TYR CE2 CZ   sing Y N 319 
TYR CE2 HE2  sing N N 320 
TYR CZ  OH   sing N N 321 
TYR OH  HH   sing N N 322 
TYR OXT HXT  sing N N 323 
VAL N   CA   sing N N 324 
VAL N   H    sing N N 325 
VAL N   H2   sing N N 326 
VAL CA  C    sing N N 327 
VAL CA  CB   sing N N 328 
VAL CA  HA   sing N N 329 
VAL C   O    doub N N 330 
VAL C   OXT  sing N N 331 
VAL CB  CG1  sing N N 332 
VAL CB  CG2  sing N N 333 
VAL CB  HB   sing N N 334 
VAL CG1 HG11 sing N N 335 
VAL CG1 HG12 sing N N 336 
VAL CG1 HG13 sing N N 337 
VAL CG2 HG21 sing N N 338 
VAL CG2 HG22 sing N N 339 
VAL CG2 HG23 sing N N 340 
VAL OXT HXT  sing N N 341 
# 
_pdbx_entity_nonpoly.entity_id   2 
_pdbx_entity_nonpoly.name        water 
_pdbx_entity_nonpoly.comp_id     HOH 
# 
_pdbx_initial_refinement_model.id               1 
_pdbx_initial_refinement_model.entity_id_list   ? 
_pdbx_initial_refinement_model.type             'experimental model' 
_pdbx_initial_refinement_model.source_name      PDB 
_pdbx_initial_refinement_model.accession_code   1AA0 
_pdbx_initial_refinement_model.details          1aa0.pdb 
# 
